data_9BTI
#
_entry.id   9BTI
#
_cell.length_a   1.00
_cell.length_b   1.00
_cell.length_c   1.00
_cell.angle_alpha   90.00
_cell.angle_beta   90.00
_cell.angle_gamma   90.00
#
_symmetry.space_group_name_H-M   'P 1'
#
loop_
_entity.id
_entity.type
_entity.pdbx_description
1 polymer 'Envelope glycoprotein gp41'
2 polymer 'Envelope glycoprotein gp120'
3 polymer 'Fab 40591-a.01 heavy chain'
4 polymer 'Fab 40591-a.01 light chain'
5 branched alpha-D-mannopyranose-(1-3)-beta-D-mannopyranose-(1-4)-2-acetamido-2-deoxy-beta-D-glucopyranose-(1-4)-2-acetamido-2-deoxy-beta-D-glucopyranose
6 branched 2-acetamido-2-deoxy-beta-D-glucopyranose-(1-4)-2-acetamido-2-deoxy-beta-D-glucopyranose
7 branched beta-D-mannopyranose-(1-4)-2-acetamido-2-deoxy-beta-D-glucopyranose-(1-4)-2-acetamido-2-deoxy-beta-D-glucopyranose
8 branched alpha-D-mannopyranose-(1-3)-[alpha-D-mannopyranose-(1-6)]beta-D-mannopyranose-(1-4)-2-acetamido-2-deoxy-beta-D-glucopyranose-(1-4)-2-acetamido-2-deoxy-beta-D-glucopyranose
9 branched alpha-D-mannopyranose-(1-2)-alpha-D-mannopyranose-(1-6)-alpha-D-mannopyranose-(1-6)-beta-D-mannopyranose-(1-4)-2-acetamido-2-deoxy-beta-D-glucopyranose-(1-4)-2-acetamido-2-deoxy-beta-D-glucopyranose
10 non-polymer 2-acetamido-2-deoxy-beta-D-glucopyranose
#
loop_
_entity_poly.entity_id
_entity_poly.type
_entity_poly.pdbx_seq_one_letter_code
_entity_poly.pdbx_strand_id
1 'polypeptide(L)'
;AVGLGAVFFGFLGAAGSTMGAASNTLTVQARQLLSGIVQQQSNLLKAPEAQQQLLRLGVWGFKQLQARVLALERYLEVQQ
LLGIWGCSGKLICCTTVPWNSTWSNKNYTDIWDNMTWLQWDREIGNYTDEIYRLIEESQFQQEINEQDLLALD
;
B,A,F
2 'polypeptide(L)'
;GPAENLWVTVYYGVPVWREADTTLFCASDAKGYDTEAHNVWATHACVPTDPNPQEIYLENVTENFNMWKNNMVEQMHTDI
ISLWDESLKPCVKLTPLCVTLDCQAFNSSSHTNSSIAMQEMKNCSFNVTTELRDKKKKEYSLFYKLDIVQINKNGRQYRL
INCNTSACTQICPKVSFEPIPIHFCAPAGFAILKCNEKHFNGTGPCKNVSTVQCTHGIKPVVSTQLLLNGSLAEEEVVIR
SENITDNAKTIIVQLAKPVKINCTRPNNMTRKSIRIGPGQTFYALGDIIGNIRKPYCNVSKREWNNTLQQVAAQLRKSFN
NTTIVFEKSSGGDLEVTTHSFNCGGEFFYCNTSGLFNSTWTNSTWTNSTTGSNGTESNDTITLQCRIKQIINMWQRVGRC
MYAPPIPGVIRCESNITGLLLTRDGGNSTQNETFRPGGGDMRDNWRSELYKYKVVQIEPLGVAPTHCKRRVVERRRRRR
;
G,C,H
3 'polypeptide(L)'
;EVQLVESGGGLVQPGGSLRLSCTFSGRSYHNYGMAWVRQAPGKGLEWVSSISSGSSYTDYIGSVRGRFTISRENAMNSLS
LHMNSLRAEDTGVYFCASQGPDPWYEDDFGYHYEVLSNRFDVWGPGVLVTVSSASTKGPSVFPLAPSSKSTSGGTAALGC
LVKDYFPEPVTVSWNSGALTSGVHTFPAVLQSSGLYSLSSVVTVPSSSLGTQTYICNVNHKPSNTKVDKKVEPKSCDKGL
EVLFQ
;
D
4 'polypeptide(L)'
;DIQMTQSPSSLSASVGDRVTITCRASQTVSSNLAWYQQKPGKAPKFLIYDSSTLATGVPSRFSGSGSGTEFTLTISSLQP
EDFATYYCQQHYSRPVTFGGGTKVEIKRTVAAPSVFIFPPSDEQLKSGTASVVCLLNNFYPREAKVQWKVDNALQSGNSQ
ESVTEQDSKDSTYSLSSTLTLSKADYEKHKVYACEVTHQGLSSPVTKSFNRGEC
;
E
#
loop_
_chem_comp.id
_chem_comp.type
_chem_comp.name
_chem_comp.formula
BMA D-saccharide, beta linking beta-D-mannopyranose 'C6 H12 O6'
MAN D-saccharide, alpha linking alpha-D-mannopyranose 'C6 H12 O6'
NAG D-saccharide, beta linking 2-acetamido-2-deoxy-beta-D-glucopyranose 'C8 H15 N O6'
#
# COMPACT_ATOMS: atom_id res chain seq x y z
N PHE A 8 29.35 9.08 -22.36
CA PHE A 8 28.90 10.46 -22.16
C PHE A 8 29.41 11.36 -23.29
N PHE A 9 30.48 10.93 -23.95
CA PHE A 9 31.02 11.72 -25.06
C PHE A 9 30.03 11.86 -26.20
N GLY A 10 29.34 10.78 -26.55
CA GLY A 10 28.42 10.79 -27.67
C GLY A 10 27.09 10.13 -27.37
N PHE A 11 26.58 10.31 -26.15
CA PHE A 11 25.37 9.62 -25.73
C PHE A 11 24.24 9.87 -26.71
N LEU A 12 23.97 11.14 -27.03
CA LEU A 12 23.04 11.53 -28.08
C LEU A 12 23.60 12.55 -29.05
N GLY A 13 24.86 12.94 -28.91
CA GLY A 13 25.40 14.06 -29.67
C GLY A 13 25.46 13.84 -31.17
N ALA A 14 25.50 12.58 -31.61
CA ALA A 14 25.67 12.27 -33.02
C ALA A 14 24.36 12.29 -33.80
N ALA A 15 23.24 12.66 -33.16
CA ALA A 15 21.94 12.54 -33.80
C ALA A 15 21.81 13.38 -35.06
N GLY A 16 22.24 14.64 -35.03
CA GLY A 16 22.01 15.54 -36.15
C GLY A 16 23.04 15.43 -37.25
N SER A 17 24.07 14.62 -37.05
CA SER A 17 25.13 14.50 -38.04
C SER A 17 24.69 13.61 -39.20
N THR A 18 25.36 13.78 -40.34
CA THR A 18 25.15 12.88 -41.46
C THR A 18 25.59 11.47 -41.07
N MET A 19 24.88 10.47 -41.57
CA MET A 19 25.13 9.09 -41.14
C MET A 19 26.54 8.64 -41.48
N GLY A 20 27.15 9.23 -42.51
CA GLY A 20 28.53 8.93 -42.82
C GLY A 20 29.45 9.30 -41.67
N ALA A 21 29.26 10.50 -41.12
CA ALA A 21 30.06 10.93 -39.98
C ALA A 21 29.56 10.29 -38.69
N ALA A 22 28.25 10.07 -38.57
CA ALA A 22 27.70 9.52 -37.34
C ALA A 22 28.12 8.07 -37.11
N SER A 23 28.56 7.37 -38.16
CA SER A 23 29.00 5.99 -38.01
C SER A 23 30.22 5.86 -37.10
N ASN A 24 30.94 6.96 -36.87
CA ASN A 24 32.13 6.96 -36.02
C ASN A 24 31.84 7.38 -34.58
N THR A 25 30.57 7.57 -34.22
CA THR A 25 30.20 8.15 -32.93
C THR A 25 29.08 7.34 -32.27
N LEU A 26 29.26 6.02 -32.22
CA LEU A 26 28.29 5.16 -31.56
C LEU A 26 28.33 5.29 -30.04
N THR A 27 29.46 4.95 -29.44
CA THR A 27 29.72 5.22 -28.02
C THR A 27 28.60 4.74 -27.10
N VAL A 28 28.25 3.46 -27.18
CA VAL A 28 27.33 2.79 -26.24
C VAL A 28 26.10 3.66 -25.99
N GLN A 29 25.24 3.79 -26.99
CA GLN A 29 24.06 4.63 -26.86
C GLN A 29 23.16 4.16 -25.72
N ALA A 30 22.97 2.85 -25.59
CA ALA A 30 22.02 2.33 -24.61
C ALA A 30 22.42 2.67 -23.19
N ARG A 31 23.71 2.68 -22.89
CA ARG A 31 24.20 2.86 -21.53
C ARG A 31 23.51 1.88 -20.58
N GLN A 32 23.55 2.14 -19.28
CA GLN A 32 22.88 1.29 -18.31
C GLN A 32 22.23 2.14 -17.21
N GLN A 52 20.67 4.43 -1.70
CA GLN A 52 20.45 3.73 -2.96
C GLN A 52 19.43 2.60 -2.81
N GLN A 53 18.97 2.38 -1.56
CA GLN A 53 18.06 1.26 -1.31
C GLN A 53 16.61 1.69 -1.53
N LEU A 54 16.25 2.87 -1.05
CA LEU A 54 14.87 3.36 -1.11
C LEU A 54 13.98 2.53 -0.20
N LEU A 55 12.94 3.15 0.35
CA LEU A 55 12.12 2.49 1.37
C LEU A 55 11.13 1.52 0.74
N ARG A 56 10.69 0.56 1.54
CA ARG A 56 9.92 -0.58 1.04
C ARG A 56 8.50 -0.21 0.66
N LEU A 57 7.78 0.47 1.57
CA LEU A 57 6.33 0.44 1.53
C LEU A 57 5.74 1.45 0.54
N GLY A 58 6.45 2.54 0.26
CA GLY A 58 5.89 3.58 -0.57
C GLY A 58 5.63 3.12 -1.99
N VAL A 59 4.65 3.77 -2.64
CA VAL A 59 4.37 3.50 -4.04
C VAL A 59 5.60 3.74 -4.90
N TRP A 60 6.45 4.68 -4.49
CA TRP A 60 7.65 4.98 -5.25
C TRP A 60 8.62 3.81 -5.24
N GLY A 61 8.71 3.09 -4.12
CA GLY A 61 9.63 1.97 -4.05
C GLY A 61 9.34 0.91 -5.10
N PHE A 62 8.07 0.58 -5.29
CA PHE A 62 7.70 -0.40 -6.30
C PHE A 62 7.89 0.17 -7.70
N LYS A 63 7.39 1.38 -7.94
CA LYS A 63 7.55 2.00 -9.26
C LYS A 63 9.03 2.20 -9.60
N GLN A 64 9.82 2.66 -8.62
CA GLN A 64 11.24 2.83 -8.86
C GLN A 64 11.92 1.50 -9.18
N LEU A 65 11.54 0.43 -8.48
CA LEU A 65 12.08 -0.89 -8.81
C LEU A 65 11.49 -1.41 -10.11
N GLN A 66 10.21 -1.14 -10.37
CA GLN A 66 9.57 -1.64 -11.57
C GLN A 66 10.26 -1.13 -12.82
N ALA A 67 10.58 0.18 -12.86
CA ALA A 67 11.17 0.77 -14.04
C ALA A 67 12.52 0.14 -14.35
N ARG A 68 13.35 -0.09 -13.33
CA ARG A 68 14.67 -0.67 -13.56
C ARG A 68 14.55 -2.08 -14.12
N VAL A 69 13.55 -2.84 -13.68
CA VAL A 69 13.32 -4.16 -14.26
C VAL A 69 12.96 -4.04 -15.73
N LEU A 70 12.11 -3.07 -16.06
CA LEU A 70 11.78 -2.83 -17.46
C LEU A 70 13.02 -2.45 -18.26
N ALA A 71 13.98 -1.78 -17.64
CA ALA A 71 15.22 -1.43 -18.34
C ALA A 71 15.97 -2.68 -18.79
N LEU A 72 16.05 -3.69 -17.91
CA LEU A 72 16.72 -4.93 -18.29
C LEU A 72 15.98 -5.61 -19.44
N GLU A 73 14.66 -5.61 -19.40
CA GLU A 73 13.89 -6.21 -20.49
C GLU A 73 14.18 -5.50 -21.80
N ARG A 74 14.19 -4.16 -21.78
CA ARG A 74 14.48 -3.40 -22.99
C ARG A 74 15.90 -3.69 -23.49
N TYR A 75 16.87 -3.72 -22.58
CA TYR A 75 18.25 -3.95 -22.98
C TYR A 75 18.41 -5.33 -23.60
N LEU A 76 17.78 -6.35 -23.00
CA LEU A 76 17.96 -7.71 -23.47
C LEU A 76 17.16 -8.00 -24.73
N GLU A 77 16.11 -7.22 -25.01
CA GLU A 77 15.40 -7.35 -26.28
C GLU A 77 16.35 -7.09 -27.44
N VAL A 78 17.19 -6.07 -27.30
CA VAL A 78 18.21 -5.81 -28.31
C VAL A 78 19.30 -6.86 -28.25
N GLN A 79 19.73 -7.24 -27.04
CA GLN A 79 20.80 -8.22 -26.90
C GLN A 79 20.38 -9.56 -27.50
N GLN A 80 19.15 -10.00 -27.23
CA GLN A 80 18.69 -11.27 -27.79
C GLN A 80 18.63 -11.21 -29.31
N LEU A 81 18.11 -10.11 -29.86
CA LEU A 81 17.98 -10.00 -31.31
C LEU A 81 19.35 -10.05 -31.99
N LEU A 82 20.31 -9.30 -31.46
CA LEU A 82 21.65 -9.31 -32.06
C LEU A 82 22.28 -10.69 -31.96
N GLY A 83 22.10 -11.37 -30.83
CA GLY A 83 22.63 -12.71 -30.71
C GLY A 83 22.02 -13.66 -31.72
N ILE A 84 20.70 -13.57 -31.91
CA ILE A 84 20.03 -14.41 -32.90
C ILE A 84 20.46 -14.02 -34.30
N TRP A 85 20.70 -12.72 -34.53
CA TRP A 85 21.16 -12.25 -35.82
C TRP A 85 22.64 -12.49 -36.07
N GLY A 86 23.35 -13.10 -35.12
CA GLY A 86 24.73 -13.45 -35.34
C GLY A 86 25.72 -12.31 -35.20
N CYS A 87 25.27 -11.16 -34.68
CA CYS A 87 26.13 -10.00 -34.50
C CYS A 87 26.48 -9.76 -33.04
N SER A 88 26.65 -10.85 -32.28
CA SER A 88 26.98 -10.73 -30.87
C SER A 88 28.35 -10.10 -30.68
N GLY A 89 28.43 -9.18 -29.72
CA GLY A 89 29.71 -8.61 -29.37
C GLY A 89 30.32 -7.71 -30.42
N LYS A 90 29.51 -7.17 -31.32
CA LYS A 90 29.98 -6.28 -32.37
C LYS A 90 29.07 -5.07 -32.47
N LEU A 91 29.67 -3.90 -32.62
CA LEU A 91 28.89 -2.68 -32.83
C LEU A 91 28.38 -2.61 -34.27
N ILE A 92 29.14 -3.12 -35.23
CA ILE A 92 28.75 -3.11 -36.64
C ILE A 92 28.97 -4.51 -37.19
N CYS A 93 28.07 -4.95 -38.07
CA CYS A 93 28.15 -6.26 -38.67
C CYS A 93 27.45 -6.25 -40.03
N CYS A 94 28.10 -6.83 -41.03
CA CYS A 94 27.48 -6.99 -42.33
C CYS A 94 26.85 -8.38 -42.44
N THR A 95 25.88 -8.49 -43.34
CA THR A 95 25.09 -9.70 -43.51
C THR A 95 25.30 -10.28 -44.90
N THR A 96 24.52 -11.30 -45.22
CA THR A 96 24.66 -12.04 -46.46
C THR A 96 23.56 -11.75 -47.48
N VAL A 97 22.52 -11.02 -47.08
CA VAL A 97 21.34 -10.83 -47.92
C VAL A 97 21.50 -9.51 -48.69
N PRO A 98 21.12 -9.44 -49.97
CA PRO A 98 21.25 -8.17 -50.70
C PRO A 98 20.22 -7.14 -50.23
N TRP A 99 20.42 -5.92 -50.71
CA TRP A 99 19.41 -4.88 -50.56
C TRP A 99 18.39 -4.96 -51.69
N ASN A 100 17.18 -4.49 -51.42
CA ASN A 100 16.09 -4.48 -52.39
C ASN A 100 15.65 -3.05 -52.63
N SER A 101 15.60 -2.65 -53.90
CA SER A 101 15.21 -1.28 -54.23
C SER A 101 13.76 -0.98 -53.86
N THR A 102 12.93 -2.01 -53.71
CA THR A 102 11.55 -1.79 -53.28
C THR A 102 11.49 -1.09 -51.93
N TRP A 103 12.52 -1.24 -51.10
CA TRP A 103 12.53 -0.58 -49.80
C TRP A 103 12.94 0.88 -49.93
N SER A 104 13.98 1.15 -50.70
CA SER A 104 14.44 2.52 -50.92
C SER A 104 15.47 2.52 -52.03
N ASN A 105 15.44 3.57 -52.85
CA ASN A 105 16.34 3.70 -53.99
C ASN A 105 17.44 4.72 -53.77
N LYS A 106 17.69 5.11 -52.52
CA LYS A 106 18.77 6.05 -52.23
C LYS A 106 20.12 5.42 -52.57
N ASN A 107 21.06 6.26 -53.02
CA ASN A 107 22.40 5.80 -53.35
C ASN A 107 23.35 6.11 -52.20
N TYR A 108 24.57 5.58 -52.30
CA TYR A 108 25.55 5.71 -51.23
C TYR A 108 25.75 7.16 -50.83
N THR A 109 25.91 8.05 -51.81
CA THR A 109 26.08 9.47 -51.51
C THR A 109 24.82 10.13 -50.98
N ASP A 110 23.64 9.63 -51.37
CA ASP A 110 22.40 10.15 -50.80
C ASP A 110 22.24 9.72 -49.35
N ILE A 111 22.59 8.47 -49.03
CA ILE A 111 22.28 7.93 -47.72
C ILE A 111 23.34 8.35 -46.69
N TRP A 112 24.62 8.17 -47.02
CA TRP A 112 25.65 8.40 -46.02
C TRP A 112 26.06 9.87 -45.97
N ASP A 113 26.29 10.48 -47.12
CA ASP A 113 26.87 11.81 -47.19
C ASP A 113 25.84 12.93 -47.04
N ASN A 114 24.54 12.63 -47.14
CA ASN A 114 23.52 13.66 -47.09
C ASN A 114 22.54 13.46 -45.94
N MET A 115 22.03 12.25 -45.78
CA MET A 115 20.86 12.04 -44.94
C MET A 115 21.30 11.71 -43.50
N THR A 116 20.35 11.82 -42.57
CA THR A 116 20.61 11.65 -41.14
C THR A 116 19.79 10.48 -40.61
N TRP A 117 20.27 9.91 -39.49
CA TRP A 117 19.71 8.65 -38.98
C TRP A 117 18.21 8.74 -38.76
N LEU A 118 17.73 9.84 -38.17
CA LEU A 118 16.33 9.92 -37.79
C LEU A 118 15.41 9.68 -38.98
N GLN A 119 15.73 10.31 -40.12
CA GLN A 119 14.86 10.19 -41.28
C GLN A 119 14.87 8.79 -41.85
N TRP A 120 16.00 8.08 -41.74
CA TRP A 120 16.06 6.70 -42.24
C TRP A 120 15.05 5.82 -41.51
N ASP A 121 14.94 5.97 -40.18
CA ASP A 121 13.92 5.25 -39.45
C ASP A 121 12.53 5.65 -39.90
N ARG A 122 12.32 6.95 -40.15
CA ARG A 122 11.01 7.43 -40.59
C ARG A 122 10.65 6.84 -41.94
N GLU A 123 11.61 6.80 -42.87
CA GLU A 123 11.31 6.35 -44.23
C GLU A 123 11.10 4.85 -44.27
N ILE A 124 11.95 4.09 -43.58
CA ILE A 124 11.94 2.63 -43.72
C ILE A 124 11.00 1.99 -42.72
N GLY A 125 10.33 2.77 -41.86
CA GLY A 125 9.54 2.20 -40.79
C GLY A 125 8.47 1.24 -41.28
N ASN A 126 7.97 1.44 -42.50
CA ASN A 126 6.90 0.58 -43.01
C ASN A 126 7.42 -0.82 -43.31
N TYR A 127 8.71 -0.95 -43.63
CA TYR A 127 9.25 -2.18 -44.19
C TYR A 127 10.24 -2.88 -43.27
N THR A 128 10.41 -2.42 -42.03
CA THR A 128 11.42 -3.01 -41.16
C THR A 128 11.13 -4.48 -40.87
N ASP A 129 9.85 -4.86 -40.86
CA ASP A 129 9.51 -6.26 -40.60
C ASP A 129 10.10 -7.17 -41.66
N GLU A 130 10.07 -6.75 -42.94
CA GLU A 130 10.67 -7.55 -43.99
C GLU A 130 12.16 -7.70 -43.79
N ILE A 131 12.84 -6.62 -43.38
CA ILE A 131 14.28 -6.69 -43.17
C ILE A 131 14.60 -7.65 -42.03
N TYR A 132 13.85 -7.56 -40.94
CA TYR A 132 14.12 -8.42 -39.79
C TYR A 132 13.89 -9.89 -40.14
N ARG A 133 12.86 -10.18 -40.93
CA ARG A 133 12.60 -11.55 -41.34
C ARG A 133 13.78 -12.10 -42.15
N LEU A 134 14.29 -11.30 -43.08
CA LEU A 134 15.38 -11.77 -43.93
C LEU A 134 16.64 -12.03 -43.11
N ILE A 135 16.95 -11.14 -42.15
CA ILE A 135 18.08 -11.38 -41.26
C ILE A 135 17.85 -12.64 -40.45
N GLU A 136 16.62 -12.81 -39.95
CA GLU A 136 16.30 -13.98 -39.12
C GLU A 136 16.51 -15.27 -39.89
N GLU A 137 15.98 -15.35 -41.11
CA GLU A 137 16.08 -16.59 -41.87
C GLU A 137 17.47 -16.78 -42.46
N SER A 138 18.10 -15.69 -42.90
CA SER A 138 19.39 -15.81 -43.58
C SER A 138 20.45 -16.40 -42.65
N GLN A 139 20.50 -15.94 -41.39
CA GLN A 139 21.50 -16.46 -40.47
C GLN A 139 21.18 -17.90 -40.08
N PHE A 140 19.90 -18.23 -39.91
CA PHE A 140 19.54 -19.57 -39.46
C PHE A 140 19.96 -20.62 -40.48
N GLN A 141 19.61 -20.41 -41.75
CA GLN A 141 19.97 -21.39 -42.78
C GLN A 141 21.48 -21.47 -42.96
N GLN A 142 22.19 -20.37 -42.70
CA GLN A 142 23.65 -20.42 -42.75
C GLN A 142 24.22 -21.25 -41.62
N GLU A 143 23.68 -21.10 -40.41
CA GLU A 143 24.22 -21.82 -39.26
C GLU A 143 24.10 -23.33 -39.43
N ILE A 144 22.94 -23.81 -39.88
CA ILE A 144 22.78 -25.23 -40.13
C ILE A 144 23.73 -25.68 -41.24
N ASN A 145 23.95 -24.82 -42.25
CA ASN A 145 24.95 -25.11 -43.26
C ASN A 145 26.34 -25.20 -42.66
N GLU A 146 26.65 -24.32 -41.70
CA GLU A 146 27.91 -24.43 -40.98
C GLU A 146 28.00 -25.74 -40.22
N GLN A 147 26.89 -26.17 -39.61
CA GLN A 147 26.88 -27.46 -38.92
C GLN A 147 27.21 -28.59 -39.87
N ASP A 148 26.73 -28.51 -41.12
CA ASP A 148 27.08 -29.51 -42.11
C ASP A 148 28.59 -29.58 -42.32
N LEU A 149 29.26 -28.44 -42.27
CA LEU A 149 30.72 -28.43 -42.34
C LEU A 149 31.34 -29.06 -41.09
N LEU A 150 30.77 -28.78 -39.92
CA LEU A 150 31.30 -29.36 -38.68
C LEU A 150 31.06 -30.87 -38.63
N ALA A 151 30.01 -31.36 -39.28
CA ALA A 151 29.71 -32.79 -39.25
C ALA A 151 30.78 -33.61 -39.96
N LEU A 152 31.59 -33.00 -40.82
CA LEU A 152 32.63 -33.72 -41.55
C LEU A 152 33.66 -34.29 -40.57
N ALA B 3 29.27 -2.76 -60.37
CA ALA B 3 27.91 -3.00 -59.88
C ALA B 3 27.74 -2.46 -58.46
N GLU B 4 26.50 -2.18 -58.07
CA GLU B 4 26.24 -1.64 -56.74
C GLU B 4 26.65 -2.63 -55.65
N ASN B 5 26.17 -3.87 -55.74
CA ASN B 5 26.51 -4.93 -54.79
C ASN B 5 26.29 -4.46 -53.36
N LEU B 6 25.04 -4.16 -53.05
CA LEU B 6 24.65 -3.67 -51.73
C LEU B 6 24.01 -4.78 -50.92
N TRP B 7 24.34 -4.84 -49.64
CA TRP B 7 23.86 -5.88 -48.73
C TRP B 7 23.44 -5.26 -47.41
N VAL B 8 22.55 -5.95 -46.71
CA VAL B 8 22.03 -5.43 -45.44
C VAL B 8 23.16 -5.34 -44.42
N THR B 9 23.15 -4.27 -43.64
CA THR B 9 24.13 -4.06 -42.58
C THR B 9 23.38 -3.58 -41.34
N VAL B 10 23.71 -4.19 -40.20
CA VAL B 10 23.04 -3.90 -38.93
C VAL B 10 23.99 -3.11 -38.05
N TYR B 11 23.54 -1.95 -37.59
CA TYR B 11 24.28 -1.12 -36.65
C TYR B 11 23.57 -1.13 -35.30
N TYR B 12 24.31 -1.39 -34.23
CA TYR B 12 23.78 -1.38 -32.88
C TYR B 12 24.22 -0.10 -32.20
N GLY B 13 23.26 0.77 -31.91
CA GLY B 13 23.55 2.02 -31.23
C GLY B 13 23.57 3.22 -32.16
N VAL B 14 22.63 3.29 -33.09
CA VAL B 14 22.49 4.48 -33.93
C VAL B 14 21.65 5.50 -33.18
N PRO B 15 21.91 6.80 -33.34
CA PRO B 15 21.14 7.80 -32.59
C PRO B 15 19.78 8.11 -33.20
N VAL B 16 18.77 7.30 -32.88
CA VAL B 16 17.38 7.58 -33.23
C VAL B 16 16.53 7.36 -32.00
N TRP B 17 15.51 8.19 -31.84
CA TRP B 17 14.60 8.11 -30.70
C TRP B 17 13.16 8.15 -31.18
N ARG B 18 12.27 7.64 -30.35
CA ARG B 18 10.85 7.58 -30.63
C ARG B 18 10.08 8.13 -29.44
N GLU B 19 8.99 8.85 -29.72
CA GLU B 19 8.18 9.42 -28.65
C GLU B 19 7.48 8.30 -27.88
N ALA B 20 7.56 8.35 -26.55
CA ALA B 20 7.01 7.29 -25.72
C ALA B 20 6.64 7.86 -24.36
N ASP B 21 5.82 7.10 -23.63
CA ASP B 21 5.34 7.48 -22.32
C ASP B 21 5.88 6.50 -21.28
N THR B 22 6.51 7.03 -20.24
CA THR B 22 7.01 6.19 -19.16
C THR B 22 7.20 7.06 -17.92
N THR B 23 7.27 6.38 -16.77
CA THR B 23 7.41 7.07 -15.50
C THR B 23 8.86 7.44 -15.25
N LEU B 24 9.08 8.59 -14.61
CA LEU B 24 10.40 9.07 -14.26
C LEU B 24 10.57 9.03 -12.75
N PHE B 25 11.61 8.36 -12.28
CA PHE B 25 11.88 8.29 -10.86
C PHE B 25 12.46 9.60 -10.35
N CYS B 26 12.09 9.96 -9.13
CA CYS B 26 12.38 11.29 -8.60
C CYS B 26 13.76 11.36 -7.97
N ALA B 27 14.42 12.50 -8.14
CA ALA B 27 15.66 12.82 -7.47
C ALA B 27 15.55 14.21 -6.86
N SER B 28 16.27 14.43 -5.76
CA SER B 28 16.13 15.68 -5.01
C SER B 28 17.41 15.96 -4.24
N ASP B 29 17.49 17.18 -3.74
CA ASP B 29 18.60 17.60 -2.89
C ASP B 29 18.45 16.93 -1.51
N ALA B 30 19.36 17.24 -0.61
CA ALA B 30 19.31 16.69 0.75
C ALA B 30 18.00 17.08 1.44
N THR B 35 13.84 14.91 14.17
CA THR B 35 13.67 15.41 12.81
C THR B 35 13.43 14.27 11.83
N GLU B 36 13.11 13.08 12.36
CA GLU B 36 12.91 11.93 11.50
C GLU B 36 11.69 12.11 10.62
N ALA B 37 11.83 11.70 9.36
CA ALA B 37 10.86 11.94 8.29
C ALA B 37 10.93 13.37 7.78
N HIS B 38 11.68 14.23 8.49
CA HIS B 38 12.16 15.51 7.99
C HIS B 38 11.11 16.33 7.24
N ASN B 39 10.86 15.98 5.97
CA ASN B 39 10.13 16.88 5.07
C ASN B 39 9.28 16.07 4.11
N VAL B 40 8.46 16.81 3.35
CA VAL B 40 7.55 16.19 2.38
C VAL B 40 8.32 15.43 1.32
N TRP B 41 9.47 15.94 0.89
CA TRP B 41 10.24 15.37 -0.21
C TRP B 41 11.40 14.53 0.32
N ALA B 42 11.15 13.79 1.39
CA ALA B 42 12.20 13.02 2.07
C ALA B 42 12.45 11.72 1.29
N THR B 43 13.16 10.79 1.93
CA THR B 43 13.57 9.54 1.30
C THR B 43 12.38 8.69 0.88
N HIS B 44 11.18 9.04 1.35
CA HIS B 44 10.00 8.24 1.05
C HIS B 44 9.80 8.05 -0.45
N ALA B 45 10.25 9.00 -1.27
CA ALA B 45 9.94 8.98 -2.69
C ALA B 45 11.13 9.25 -3.62
N CYS B 46 12.21 9.87 -3.16
CA CYS B 46 13.25 10.33 -4.06
C CYS B 46 14.63 9.93 -3.53
N VAL B 47 15.55 9.75 -4.46
CA VAL B 47 16.95 9.50 -4.12
C VAL B 47 17.54 10.77 -3.54
N PRO B 48 18.02 10.77 -2.29
CA PRO B 48 18.44 12.03 -1.67
C PRO B 48 19.72 12.60 -2.27
N THR B 49 19.79 13.93 -2.28
CA THR B 49 21.03 14.69 -2.53
C THR B 49 21.86 14.13 -3.67
N ASP B 50 21.24 13.99 -4.85
CA ASP B 50 21.99 13.72 -6.06
C ASP B 50 22.29 15.02 -6.81
N PRO B 51 23.33 15.04 -7.63
CA PRO B 51 23.78 16.30 -8.23
C PRO B 51 22.89 16.74 -9.39
N ASN B 52 23.28 17.85 -10.00
CA ASN B 52 22.66 18.40 -11.20
C ASN B 52 23.64 18.21 -12.35
N PRO B 53 23.64 17.06 -13.01
CA PRO B 53 24.76 16.68 -13.87
C PRO B 53 24.75 17.38 -15.23
N GLN B 54 25.69 16.93 -16.08
CA GLN B 54 25.99 17.59 -17.34
C GLN B 54 24.81 17.52 -18.30
N GLU B 55 24.83 18.40 -19.31
CA GLU B 55 23.85 18.38 -20.39
C GLU B 55 24.54 18.07 -21.72
N ILE B 56 23.85 17.30 -22.56
CA ILE B 56 24.37 16.88 -23.85
C ILE B 56 23.90 17.89 -24.90
N TYR B 57 24.84 18.58 -25.53
CA TYR B 57 24.50 19.54 -26.57
C TYR B 57 24.29 18.84 -27.91
N LEU B 58 23.37 19.38 -28.70
CA LEU B 58 23.03 18.82 -30.00
C LEU B 58 23.09 19.91 -31.06
N GLU B 59 23.30 19.50 -32.31
CA GLU B 59 23.41 20.41 -33.44
C GLU B 59 22.64 19.83 -34.62
N ASN B 60 22.09 20.74 -35.44
CA ASN B 60 21.41 20.37 -36.68
C ASN B 60 20.18 19.50 -36.42
N VAL B 61 19.68 19.51 -35.19
CA VAL B 61 18.52 18.69 -34.86
C VAL B 61 17.29 19.58 -34.69
N THR B 62 16.14 19.07 -35.14
CA THR B 62 14.86 19.75 -34.98
C THR B 62 13.85 18.75 -34.46
N GLU B 63 13.00 19.20 -33.53
CA GLU B 63 11.99 18.34 -32.92
C GLU B 63 10.78 19.18 -32.55
N ASN B 64 9.61 18.55 -32.62
CA ASN B 64 8.32 19.23 -32.40
C ASN B 64 7.77 18.76 -31.05
N PHE B 65 7.91 19.63 -30.05
CA PHE B 65 7.39 19.33 -28.72
C PHE B 65 5.98 19.90 -28.57
N ASN B 66 5.29 19.44 -27.51
CA ASN B 66 3.92 19.88 -27.24
C ASN B 66 3.74 19.85 -25.72
N MET B 67 3.69 21.04 -25.10
CA MET B 67 3.54 21.12 -23.66
C MET B 67 2.17 20.63 -23.19
N TRP B 68 1.17 20.62 -24.07
CA TRP B 68 -0.18 20.26 -23.67
C TRP B 68 -0.46 18.77 -23.80
N LYS B 69 0.23 18.08 -24.72
CA LYS B 69 0.16 16.64 -24.80
C LYS B 69 1.30 15.95 -24.07
N ASN B 70 2.17 16.71 -23.40
CA ASN B 70 3.26 16.11 -22.63
C ASN B 70 2.71 15.24 -21.52
N ASN B 71 3.24 14.02 -21.42
CA ASN B 71 2.75 13.07 -20.42
C ASN B 71 3.38 13.31 -19.04
N MET B 72 4.45 14.10 -18.96
CA MET B 72 5.09 14.33 -17.68
C MET B 72 4.16 15.08 -16.73
N VAL B 73 3.40 16.04 -17.24
CA VAL B 73 2.50 16.81 -16.39
C VAL B 73 1.43 15.91 -15.78
N GLU B 74 0.75 15.12 -16.62
CA GLU B 74 -0.28 14.23 -16.11
C GLU B 74 0.30 13.18 -15.19
N GLN B 75 1.48 12.66 -15.51
CA GLN B 75 2.15 11.72 -14.62
C GLN B 75 2.45 12.37 -13.28
N MET B 76 2.92 13.62 -13.27
CA MET B 76 3.42 14.21 -12.03
C MET B 76 2.27 14.54 -11.08
N HIS B 77 1.13 14.97 -11.62
CA HIS B 77 0.03 15.42 -10.77
C HIS B 77 -0.42 14.32 -9.81
N THR B 78 -0.58 13.10 -10.32
CA THR B 78 -0.98 12.00 -9.45
C THR B 78 0.11 11.61 -8.46
N ASP B 79 1.37 11.88 -8.79
CA ASP B 79 2.45 11.58 -7.85
C ASP B 79 2.46 12.57 -6.69
N ILE B 80 2.19 13.85 -6.96
CA ILE B 80 2.12 14.83 -5.89
C ILE B 80 1.01 14.45 -4.91
N ILE B 81 -0.16 14.07 -5.44
CA ILE B 81 -1.28 13.67 -4.59
C ILE B 81 -0.92 12.41 -3.81
N SER B 82 -0.30 11.44 -4.49
CA SER B 82 -0.02 10.15 -3.85
C SER B 82 0.87 10.35 -2.62
N LEU B 83 1.97 11.07 -2.77
CA LEU B 83 2.85 11.30 -1.62
C LEU B 83 2.15 12.17 -0.58
N TRP B 84 1.58 13.29 -1.00
CA TRP B 84 0.94 14.20 -0.05
C TRP B 84 -0.12 13.48 0.75
N ASP B 85 -0.77 12.48 0.15
CA ASP B 85 -1.63 11.58 0.92
C ASP B 85 -0.82 10.68 1.82
N GLU B 86 0.32 10.17 1.33
CA GLU B 86 1.16 9.31 2.14
C GLU B 86 1.72 10.06 3.35
N SER B 87 2.14 11.31 3.14
CA SER B 87 2.75 12.07 4.23
C SER B 87 1.80 12.24 5.41
N LEU B 88 0.49 12.26 5.14
CA LEU B 88 -0.52 12.49 6.17
C LEU B 88 -1.20 11.21 6.63
N LYS B 89 -0.71 10.05 6.20
CA LYS B 89 -1.27 8.77 6.63
C LYS B 89 -1.15 8.60 8.14
N PRO B 90 0.05 8.79 8.74
CA PRO B 90 0.18 8.49 10.16
C PRO B 90 -0.40 9.56 11.07
N CYS B 91 -0.62 10.76 10.54
CA CYS B 91 -1.10 11.85 11.36
C CYS B 91 -2.51 11.57 11.89
N VAL B 92 -2.83 12.21 13.01
CA VAL B 92 -4.07 11.92 13.72
C VAL B 92 -5.26 12.30 12.86
N LYS B 93 -6.29 11.44 12.89
CA LYS B 93 -7.58 11.80 12.35
C LYS B 93 -8.27 12.77 13.31
N LEU B 94 -8.78 13.89 12.80
CA LEU B 94 -9.31 14.94 13.64
C LEU B 94 -10.79 14.76 13.96
N THR B 95 -11.30 13.52 13.94
CA THR B 95 -12.71 13.27 14.23
C THR B 95 -13.12 13.72 15.63
N PRO B 96 -12.34 13.45 16.70
CA PRO B 96 -12.83 13.81 18.04
C PRO B 96 -13.04 15.29 18.25
N LEU B 97 -12.56 16.16 17.34
CA LEU B 97 -12.76 17.58 17.48
C LEU B 97 -14.16 18.03 17.06
N CYS B 98 -14.92 17.18 16.37
CA CYS B 98 -16.27 17.52 15.94
C CYS B 98 -17.19 17.57 17.15
N VAL B 99 -17.37 18.79 17.67
CA VAL B 99 -18.27 19.05 18.78
C VAL B 99 -18.69 20.51 18.74
N THR B 100 -19.91 20.76 19.20
CA THR B 100 -20.41 22.14 19.24
C THR B 100 -19.49 23.00 20.10
N LEU B 101 -19.19 24.19 19.61
CA LEU B 101 -18.23 25.09 20.24
C LEU B 101 -18.97 26.27 20.87
N ASP B 102 -18.66 26.55 22.13
CA ASP B 102 -19.23 27.69 22.85
C ASP B 102 -18.33 28.91 22.61
N CYS B 103 -18.37 29.41 21.39
CA CYS B 103 -17.53 30.52 21.00
C CYS B 103 -18.15 31.85 21.38
N GLN B 104 -17.36 32.91 21.25
CA GLN B 104 -17.83 34.28 21.48
C GLN B 104 -16.84 35.22 20.81
N ALA B 105 -17.25 36.48 20.69
CA ALA B 105 -16.40 37.49 20.06
C ALA B 105 -15.02 37.49 20.71
N PHE B 106 -13.99 37.72 19.89
CA PHE B 106 -12.63 37.67 20.40
C PHE B 106 -12.45 38.61 21.58
N ASN B 107 -12.81 39.87 21.42
CA ASN B 107 -13.04 40.79 22.52
C ASN B 107 -11.88 40.77 23.53
N SER B 108 -10.68 40.88 22.98
CA SER B 108 -9.46 40.82 23.80
C SER B 108 -8.43 41.75 23.21
N SER B 109 -7.85 42.60 24.04
CA SER B 109 -6.77 43.49 23.63
C SER B 109 -5.41 42.83 23.86
N SER B 110 -4.37 43.51 23.42
CA SER B 110 -3.01 43.01 23.58
C SER B 110 -2.62 42.96 25.05
N ALA B 117 -10.24 42.62 20.08
CA ALA B 117 -11.24 43.26 19.25
C ALA B 117 -10.91 43.10 17.76
N MET B 118 -10.10 42.09 17.44
CA MET B 118 -9.73 41.85 16.05
C MET B 118 -10.95 41.43 15.25
N GLN B 119 -10.93 41.74 13.95
CA GLN B 119 -11.90 41.20 13.02
C GLN B 119 -11.37 39.91 12.39
N GLU B 120 -12.29 39.00 12.09
CA GLU B 120 -12.02 37.71 11.47
C GLU B 120 -11.47 36.66 12.42
N MET B 121 -11.66 36.85 13.74
CA MET B 121 -11.17 35.89 14.73
C MET B 121 -12.25 35.62 15.77
N LYS B 122 -12.15 34.46 16.41
CA LYS B 122 -13.10 34.01 17.41
C LYS B 122 -12.36 33.28 18.52
N ASN B 123 -12.98 33.25 19.70
CA ASN B 123 -12.50 32.50 20.84
C ASN B 123 -13.51 31.42 21.18
N CYS B 124 -13.06 30.17 21.23
CA CYS B 124 -13.96 29.03 21.34
C CYS B 124 -13.55 28.13 22.50
N SER B 125 -14.53 27.79 23.33
CA SER B 125 -14.38 26.78 24.36
C SER B 125 -15.24 25.57 24.00
N PHE B 126 -14.63 24.39 23.97
CA PHE B 126 -15.31 23.19 23.53
C PHE B 126 -14.87 22.01 24.39
N ASN B 127 -15.77 21.03 24.51
CA ASN B 127 -15.47 19.83 25.25
C ASN B 127 -14.52 18.94 24.45
N VAL B 128 -13.76 18.11 25.16
CA VAL B 128 -12.75 17.26 24.56
C VAL B 128 -12.66 15.96 25.34
N THR B 129 -12.33 14.88 24.64
CA THR B 129 -11.99 13.62 25.30
C THR B 129 -10.51 13.64 25.67
N THR B 130 -10.21 13.61 26.96
CA THR B 130 -8.84 13.77 27.43
C THR B 130 -8.06 12.46 27.24
N GLU B 131 -6.87 12.39 27.85
CA GLU B 131 -6.04 11.19 27.69
C GLU B 131 -6.82 9.93 27.99
N LEU B 132 -7.63 9.94 29.03
CA LEU B 132 -8.49 8.83 29.39
C LEU B 132 -9.77 8.91 28.56
N ARG B 133 -10.43 7.77 28.37
CA ARG B 133 -11.67 7.73 27.58
C ARG B 133 -12.87 8.03 28.49
N ASP B 134 -12.65 8.70 29.62
CA ASP B 134 -13.73 9.16 30.48
C ASP B 134 -13.40 10.58 30.93
N LYS B 135 -14.44 11.29 31.38
CA LYS B 135 -14.32 12.66 31.86
C LYS B 135 -14.06 13.63 30.71
N LYS B 136 -14.75 14.76 30.71
CA LYS B 136 -14.52 15.81 29.72
C LYS B 136 -13.44 16.76 30.22
N LYS B 137 -13.15 17.77 29.41
CA LYS B 137 -12.38 18.92 29.85
C LYS B 137 -12.74 20.10 28.97
N LYS B 138 -12.91 21.27 29.59
CA LYS B 138 -13.31 22.47 28.85
C LYS B 138 -12.07 23.17 28.30
N GLU B 139 -11.47 22.53 27.30
CA GLU B 139 -10.37 23.16 26.59
C GLU B 139 -10.89 24.28 25.69
N TYR B 140 -9.99 25.15 25.28
CA TYR B 140 -10.36 26.31 24.48
C TYR B 140 -9.25 26.59 23.47
N SER B 141 -9.61 27.31 22.41
CA SER B 141 -8.65 27.68 21.39
C SER B 141 -9.24 28.74 20.49
N LEU B 142 -8.36 29.57 19.92
CA LEU B 142 -8.78 30.54 18.94
C LEU B 142 -9.08 29.86 17.61
N PHE B 143 -9.87 30.54 16.78
CA PHE B 143 -10.23 30.02 15.47
C PHE B 143 -10.44 31.18 14.50
N TYR B 144 -9.90 31.03 13.30
CA TYR B 144 -10.16 31.98 12.24
C TYR B 144 -11.60 31.81 11.74
N LYS B 145 -12.26 32.93 11.45
CA LYS B 145 -13.66 32.88 11.06
C LYS B 145 -13.86 32.06 9.78
N LEU B 146 -12.82 31.94 8.96
CA LEU B 146 -12.95 31.22 7.70
C LEU B 146 -13.06 29.71 7.90
N ASP B 147 -12.60 29.20 9.05
CA ASP B 147 -12.60 27.77 9.32
C ASP B 147 -13.79 27.35 10.18
N ILE B 148 -14.77 28.23 10.36
CA ILE B 148 -15.84 28.01 11.33
C ILE B 148 -17.11 28.69 10.84
N VAL B 149 -18.24 28.03 11.06
CA VAL B 149 -19.54 28.50 10.57
C VAL B 149 -20.54 28.47 11.71
N GLN B 150 -21.37 29.51 11.80
CA GLN B 150 -22.39 29.58 12.84
C GLN B 150 -23.56 28.67 12.50
N ILE B 151 -24.20 28.15 13.55
CA ILE B 151 -25.33 27.24 13.37
C ILE B 151 -26.66 27.97 13.48
N ASN B 152 -26.72 29.08 14.22
CA ASN B 152 -27.96 29.81 14.45
C ASN B 152 -27.79 31.26 14.02
N LYS B 153 -28.91 31.89 13.68
CA LYS B 153 -28.90 33.33 13.40
C LYS B 153 -28.41 34.11 14.61
N ASN B 154 -28.55 33.54 15.82
CA ASN B 154 -28.03 34.18 17.01
C ASN B 154 -26.53 34.44 16.89
N GLY B 155 -25.82 33.56 16.20
CA GLY B 155 -24.38 33.67 16.00
C GLY B 155 -23.58 32.72 16.87
N ARG B 156 -24.06 32.44 18.07
CA ARG B 156 -23.35 31.56 18.99
C ARG B 156 -23.40 30.12 18.49
N GLN B 157 -22.79 29.22 19.27
CA GLN B 157 -22.86 27.79 19.00
C GLN B 157 -22.32 27.46 17.61
N TYR B 158 -21.03 27.67 17.41
CA TYR B 158 -20.39 27.52 16.11
C TYR B 158 -20.08 26.07 15.82
N ARG B 159 -19.59 25.82 14.60
CA ARG B 159 -19.21 24.50 14.14
C ARG B 159 -18.07 24.64 13.13
N LEU B 160 -17.25 23.60 13.03
CA LEU B 160 -16.18 23.59 12.05
C LEU B 160 -16.76 23.56 10.64
N ILE B 161 -15.99 24.11 9.69
CA ILE B 161 -16.47 24.26 8.31
C ILE B 161 -16.39 22.97 7.50
N ASN B 162 -15.73 21.93 8.02
CA ASN B 162 -15.46 20.72 7.25
C ASN B 162 -16.10 19.46 7.80
N CYS B 163 -16.58 19.47 9.04
CA CYS B 163 -16.98 18.22 9.67
C CYS B 163 -18.18 17.56 9.01
N ASN B 164 -19.04 18.33 8.34
CA ASN B 164 -20.26 17.72 7.81
C ASN B 164 -19.97 16.86 6.58
N THR B 165 -19.00 17.25 5.76
CA THR B 165 -18.69 16.46 4.57
C THR B 165 -17.67 15.36 4.88
N SER B 166 -16.53 15.72 5.46
CA SER B 166 -15.52 14.72 5.80
C SER B 166 -14.51 15.33 6.76
N ALA B 167 -14.43 14.77 7.98
CA ALA B 167 -13.36 15.15 8.89
C ALA B 167 -12.03 14.68 8.32
N CYS B 168 -10.97 15.47 8.56
CA CYS B 168 -9.72 15.26 7.85
C CYS B 168 -8.53 15.45 8.80
N THR B 169 -7.38 14.94 8.35
CA THR B 169 -6.20 14.84 9.22
C THR B 169 -5.60 16.20 9.53
N GLN B 170 -5.02 16.30 10.72
CA GLN B 170 -4.08 17.38 11.02
C GLN B 170 -2.76 17.12 10.31
N ILE B 171 -2.10 18.21 9.89
CA ILE B 171 -0.75 18.10 9.35
C ILE B 171 0.23 18.08 10.51
N CYS B 172 0.99 16.99 10.63
CA CYS B 172 1.94 16.87 11.73
C CYS B 172 3.00 17.96 11.58
N PRO B 173 3.28 18.75 12.63
CA PRO B 173 4.27 19.82 12.50
C PRO B 173 5.69 19.31 12.37
N LYS B 174 5.93 18.02 12.57
CA LYS B 174 7.30 17.51 12.54
C LYS B 174 7.82 17.38 11.11
N VAL B 175 6.92 17.32 10.12
CA VAL B 175 7.30 17.24 8.71
C VAL B 175 7.15 18.63 8.11
N SER B 176 8.22 19.13 7.51
CA SER B 176 8.23 20.49 7.00
C SER B 176 7.42 20.61 5.71
N PHE B 177 6.94 21.82 5.44
CA PHE B 177 6.16 22.08 4.23
C PHE B 177 7.03 22.54 3.06
N GLU B 178 8.30 22.81 3.30
CA GLU B 178 9.09 23.55 2.32
C GLU B 178 9.25 22.73 1.03
N PRO B 179 9.04 23.35 -0.15
CA PRO B 179 9.23 22.64 -1.43
C PRO B 179 10.69 22.66 -1.93
N ILE B 180 11.50 21.74 -1.41
CA ILE B 180 12.89 21.64 -1.82
C ILE B 180 12.93 21.27 -3.30
N PRO B 181 13.98 21.67 -4.04
CA PRO B 181 14.01 21.38 -5.48
C PRO B 181 13.92 19.88 -5.76
N ILE B 182 13.27 19.54 -6.87
CA ILE B 182 13.07 18.17 -7.30
C ILE B 182 13.57 18.03 -8.73
N HIS B 183 14.15 16.87 -9.04
CA HIS B 183 14.61 16.55 -10.38
C HIS B 183 14.01 15.22 -10.82
N PHE B 184 13.52 15.18 -12.05
CA PHE B 184 12.96 13.97 -12.63
C PHE B 184 13.96 13.33 -13.58
N CYS B 185 14.19 12.03 -13.42
CA CYS B 185 15.16 11.28 -14.20
C CYS B 185 14.47 10.21 -15.01
N ALA B 186 14.98 9.97 -16.22
CA ALA B 186 14.42 8.94 -17.07
C ALA B 186 15.13 7.61 -16.86
N PRO B 187 14.45 6.49 -17.07
CA PRO B 187 15.12 5.19 -16.95
C PRO B 187 16.08 4.96 -18.10
N ALA B 188 16.99 4.01 -17.89
CA ALA B 188 17.97 3.68 -18.92
C ALA B 188 17.25 3.26 -20.20
N GLY B 189 17.76 3.73 -21.33
CA GLY B 189 17.12 3.53 -22.61
C GLY B 189 16.16 4.62 -23.02
N PHE B 190 15.89 5.59 -22.14
CA PHE B 190 15.07 6.74 -22.45
C PHE B 190 15.86 8.01 -22.18
N ALA B 191 15.52 9.08 -22.89
CA ALA B 191 16.22 10.34 -22.77
C ALA B 191 15.21 11.48 -22.65
N ILE B 192 15.64 12.57 -22.02
CA ILE B 192 14.81 13.74 -21.81
C ILE B 192 15.36 14.84 -22.71
N LEU B 193 14.69 15.09 -23.83
CA LEU B 193 15.08 16.19 -24.70
C LEU B 193 14.65 17.51 -24.08
N LYS B 194 15.42 18.56 -24.39
CA LYS B 194 15.22 19.88 -23.81
C LYS B 194 15.26 20.93 -24.91
N CYS B 195 14.24 21.78 -24.95
CA CYS B 195 14.22 22.89 -25.90
C CYS B 195 14.95 24.09 -25.30
N ASN B 196 15.56 24.90 -26.16
CA ASN B 196 16.44 25.97 -25.71
C ASN B 196 16.18 27.30 -26.40
N GLU B 197 15.15 27.42 -27.22
CA GLU B 197 14.90 28.67 -27.93
C GLU B 197 14.61 29.80 -26.94
N LYS B 198 15.11 30.98 -27.27
CA LYS B 198 14.90 32.15 -26.41
C LYS B 198 13.44 32.56 -26.34
N HIS B 199 12.66 32.26 -27.39
CA HIS B 199 11.25 32.63 -27.47
C HIS B 199 10.40 31.40 -27.77
N PHE B 200 10.60 30.32 -27.02
CA PHE B 200 9.90 29.08 -27.32
C PHE B 200 8.40 29.27 -27.17
N ASN B 201 7.64 28.48 -27.92
CA ASN B 201 6.23 28.69 -28.17
C ASN B 201 5.33 27.78 -27.34
N GLY B 202 5.86 26.67 -26.82
CA GLY B 202 5.06 25.64 -26.20
C GLY B 202 4.57 24.59 -27.18
N THR B 203 4.61 24.88 -28.47
CA THR B 203 4.25 23.93 -29.52
C THR B 203 5.12 24.20 -30.73
N GLY B 204 5.16 23.23 -31.64
CA GLY B 204 5.89 23.39 -32.87
C GLY B 204 7.34 22.99 -32.76
N PRO B 205 8.11 23.18 -33.84
CA PRO B 205 9.49 22.68 -33.90
C PRO B 205 10.45 23.53 -33.08
N CYS B 206 11.34 22.86 -32.36
CA CYS B 206 12.50 23.52 -31.76
C CYS B 206 13.67 23.44 -32.73
N LYS B 207 14.19 24.59 -33.15
CA LYS B 207 15.38 24.60 -33.98
C LYS B 207 16.65 24.48 -33.14
N ASN B 208 16.54 24.64 -31.82
CA ASN B 208 17.65 24.44 -30.90
C ASN B 208 17.20 23.48 -29.82
N VAL B 209 17.86 22.33 -29.72
CA VAL B 209 17.46 21.27 -28.81
C VAL B 209 18.69 20.67 -28.14
N SER B 210 18.48 20.13 -26.95
CA SER B 210 19.50 19.38 -26.24
C SER B 210 18.81 18.20 -25.55
N THR B 211 19.56 17.49 -24.70
CA THR B 211 18.99 16.38 -23.96
C THR B 211 19.80 16.16 -22.69
N VAL B 212 19.13 15.64 -21.67
CA VAL B 212 19.72 15.48 -20.35
C VAL B 212 19.12 14.24 -19.70
N GLN B 213 19.86 13.64 -18.78
CA GLN B 213 19.34 12.47 -18.07
C GLN B 213 18.31 12.84 -17.01
N CYS B 214 18.55 13.91 -16.23
CA CYS B 214 17.61 14.36 -15.23
C CYS B 214 17.30 15.84 -15.41
N THR B 215 16.02 16.19 -15.21
CA THR B 215 15.59 17.56 -15.41
C THR B 215 16.28 18.50 -14.44
N HIS B 216 16.15 19.80 -14.70
CA HIS B 216 16.63 20.81 -13.78
C HIS B 216 15.70 20.90 -12.57
N GLY B 217 16.19 21.55 -11.53
CA GLY B 217 15.46 21.58 -10.27
C GLY B 217 14.13 22.31 -10.33
N ILE B 218 13.04 21.56 -10.22
CA ILE B 218 11.73 22.17 -10.06
C ILE B 218 11.46 22.39 -8.57
N LYS B 219 10.98 23.58 -8.23
CA LYS B 219 10.56 23.87 -6.87
C LYS B 219 9.05 23.73 -6.80
N PRO B 220 8.51 22.57 -6.42
CA PRO B 220 7.06 22.32 -6.56
C PRO B 220 6.23 23.16 -5.59
N VAL B 221 6.13 24.45 -5.88
CA VAL B 221 5.26 25.32 -5.10
C VAL B 221 3.82 25.11 -5.54
N VAL B 222 2.89 25.28 -4.60
CA VAL B 222 1.46 25.22 -4.87
C VAL B 222 0.91 26.63 -4.73
N SER B 223 0.31 27.14 -5.79
CA SER B 223 -0.20 28.50 -5.79
C SER B 223 -1.30 28.64 -6.84
N THR B 224 -2.05 29.72 -6.73
CA THR B 224 -3.10 30.05 -7.67
C THR B 224 -3.02 31.53 -8.02
N GLN B 225 -3.21 31.84 -9.30
CA GLN B 225 -3.20 33.20 -9.81
C GLN B 225 -1.81 33.82 -9.88
N LEU B 226 -0.81 33.12 -9.34
CA LEU B 226 0.56 33.62 -9.31
C LEU B 226 1.52 32.45 -9.09
N LEU B 227 2.37 32.19 -10.07
CA LEU B 227 3.43 31.22 -9.92
C LEU B 227 4.61 31.88 -9.22
N LEU B 228 5.18 31.18 -8.23
CA LEU B 228 6.25 31.70 -7.41
C LEU B 228 7.49 30.82 -7.53
N ASN B 229 8.67 31.45 -7.52
CA ASN B 229 9.93 30.73 -7.51
C ASN B 229 10.10 29.81 -8.71
N GLY B 230 9.34 30.05 -9.78
CA GLY B 230 9.36 29.18 -10.93
C GLY B 230 10.44 29.57 -11.93
N SER B 231 10.40 28.91 -13.08
CA SER B 231 11.33 29.22 -14.14
C SER B 231 11.11 30.64 -14.64
N LEU B 232 12.03 31.09 -15.50
CA LEU B 232 11.95 32.43 -16.07
C LEU B 232 12.34 32.37 -17.55
N ALA B 233 11.71 33.24 -18.33
CA ALA B 233 12.13 33.43 -19.71
C ALA B 233 13.40 34.27 -19.75
N GLU B 234 14.25 33.97 -20.74
CA GLU B 234 15.48 34.74 -20.91
C GLU B 234 15.15 36.22 -21.13
N GLU B 235 14.29 36.52 -22.09
CA GLU B 235 13.82 37.87 -22.33
C GLU B 235 12.40 37.78 -22.88
N GLU B 236 11.76 38.94 -23.04
CA GLU B 236 10.53 39.00 -23.80
C GLU B 236 9.46 38.09 -23.20
N VAL B 237 8.87 38.52 -22.08
CA VAL B 237 7.89 37.70 -21.36
C VAL B 237 6.97 36.99 -22.34
N VAL B 238 6.73 35.70 -22.08
CA VAL B 238 6.18 34.77 -23.04
C VAL B 238 4.73 34.49 -22.71
N ILE B 239 3.98 34.04 -23.72
CA ILE B 239 2.58 33.66 -23.57
C ILE B 239 2.42 32.23 -24.07
N ARG B 240 1.65 31.43 -23.34
CA ARG B 240 1.48 30.02 -23.67
C ARG B 240 0.06 29.58 -23.36
N SER B 241 -0.61 29.06 -24.38
CA SER B 241 -1.99 28.58 -24.24
C SER B 241 -2.23 27.52 -25.31
N GLU B 242 -3.28 26.71 -25.09
CA GLU B 242 -3.64 25.71 -26.09
C GLU B 242 -4.02 26.37 -27.40
N ASN B 243 -4.87 27.39 -27.34
CA ASN B 243 -5.29 28.12 -28.54
C ASN B 243 -5.74 29.49 -28.10
N ILE B 244 -4.97 30.53 -28.44
CA ILE B 244 -5.26 31.87 -27.96
C ILE B 244 -6.60 32.37 -28.45
N THR B 245 -7.06 31.89 -29.62
CA THR B 245 -8.39 32.26 -30.10
C THR B 245 -9.49 31.73 -29.18
N ASP B 246 -9.29 30.56 -28.57
CA ASP B 246 -10.24 30.05 -27.60
C ASP B 246 -10.13 30.82 -26.30
N ASN B 247 -11.23 30.84 -25.55
CA ASN B 247 -11.33 31.63 -24.33
C ASN B 247 -11.38 30.78 -23.07
N ALA B 248 -12.19 29.72 -23.05
CA ALA B 248 -12.29 28.89 -21.86
C ALA B 248 -10.95 28.23 -21.51
N LYS B 249 -10.06 28.08 -22.47
CA LYS B 249 -8.75 27.50 -22.21
C LYS B 249 -7.90 28.48 -21.41
N THR B 250 -7.02 27.95 -20.58
CA THR B 250 -6.20 28.77 -19.70
C THR B 250 -5.03 29.38 -20.47
N ILE B 251 -4.60 30.57 -20.03
CA ILE B 251 -3.43 31.24 -20.59
C ILE B 251 -2.38 31.33 -19.48
N ILE B 252 -1.17 30.86 -19.78
CA ILE B 252 -0.07 30.85 -18.82
C ILE B 252 0.96 31.89 -19.25
N VAL B 253 1.30 32.80 -18.35
CA VAL B 253 2.28 33.84 -18.59
C VAL B 253 3.48 33.56 -17.73
N GLN B 254 4.68 33.62 -18.32
CA GLN B 254 5.94 33.44 -17.61
C GLN B 254 6.78 34.69 -17.80
N LEU B 255 7.22 35.29 -16.69
CA LEU B 255 7.91 36.56 -16.73
C LEU B 255 9.38 36.39 -17.09
N ALA B 256 10.05 37.52 -17.29
CA ALA B 256 11.49 37.58 -17.49
C ALA B 256 12.15 38.36 -16.37
N LYS B 257 11.65 39.55 -16.08
CA LYS B 257 12.06 40.27 -14.88
C LYS B 257 11.23 39.80 -13.69
N PRO B 258 11.83 39.18 -12.68
CA PRO B 258 11.04 38.86 -11.48
C PRO B 258 10.70 40.12 -10.71
N VAL B 259 9.54 40.10 -10.06
CA VAL B 259 9.09 41.16 -9.17
C VAL B 259 8.99 40.58 -7.77
N LYS B 260 9.71 41.19 -6.83
CA LYS B 260 9.81 40.65 -5.49
C LYS B 260 8.51 40.83 -4.74
N ILE B 261 8.11 39.81 -3.97
CA ILE B 261 6.94 39.86 -3.12
C ILE B 261 7.34 39.43 -1.72
N ASN B 262 7.02 40.27 -0.73
CA ASN B 262 7.24 39.97 0.68
C ASN B 262 5.90 39.78 1.35
N CYS B 263 5.72 38.63 2.01
CA CYS B 263 4.48 38.30 2.71
C CYS B 263 4.80 37.99 4.15
N THR B 264 3.96 38.47 5.06
CA THR B 264 4.27 38.40 6.48
C THR B 264 3.01 38.31 7.31
N ARG B 265 3.18 37.77 8.52
CA ARG B 265 2.18 37.87 9.59
C ARG B 265 2.86 38.58 10.74
N PRO B 266 2.61 39.87 10.98
CA PRO B 266 3.35 40.55 12.05
C PRO B 266 3.11 40.00 13.44
N ASN B 267 2.02 39.26 13.66
CA ASN B 267 1.66 38.83 15.01
C ASN B 267 2.61 37.77 15.54
N ASN B 268 2.67 37.66 16.87
CA ASN B 268 3.47 36.66 17.57
C ASN B 268 2.51 35.65 18.17
N MET B 269 2.14 34.64 17.40
CA MET B 269 1.18 33.64 17.83
C MET B 269 1.87 32.60 18.72
N THR B 270 1.27 32.28 19.85
CA THR B 270 1.75 31.18 20.67
C THR B 270 1.00 29.90 20.30
N ARG B 271 1.70 28.77 20.37
CA ARG B 271 1.12 27.48 20.04
C ARG B 271 0.59 26.81 21.30
N LYS B 272 -0.66 26.37 21.26
CA LYS B 272 -1.31 25.67 22.35
C LYS B 272 -1.52 24.21 21.97
N SER B 273 -1.12 23.30 22.85
CA SER B 273 -1.26 21.87 22.64
C SER B 273 -2.48 21.39 23.41
N ILE B 274 -3.43 20.79 22.70
CA ILE B 274 -4.65 20.26 23.30
C ILE B 274 -4.57 18.74 23.22
N ARG B 275 -4.66 18.10 24.38
CA ARG B 275 -4.60 16.63 24.46
C ARG B 275 -5.98 16.08 24.10
N ILE B 276 -6.18 15.88 22.79
CA ILE B 276 -7.50 15.64 22.24
C ILE B 276 -7.96 14.20 22.45
N GLY B 277 -7.06 13.36 22.93
CA GLY B 277 -7.41 11.97 23.17
C GLY B 277 -6.23 11.14 23.63
N PRO B 278 -6.45 9.83 23.79
CA PRO B 278 -5.33 8.96 24.21
C PRO B 278 -4.24 8.91 23.16
N GLY B 279 -3.08 9.50 23.48
CA GLY B 279 -1.99 9.54 22.53
C GLY B 279 -2.21 10.49 21.37
N GLN B 280 -3.21 11.37 21.45
CA GLN B 280 -3.55 12.28 20.37
C GLN B 280 -3.42 13.72 20.85
N THR B 281 -3.01 14.61 19.95
CA THR B 281 -2.91 16.04 20.25
C THR B 281 -3.46 16.84 19.08
N PHE B 282 -4.02 18.00 19.38
CA PHE B 282 -4.55 18.90 18.37
C PHE B 282 -4.04 20.31 18.64
N TYR B 283 -3.06 20.75 17.84
CA TYR B 283 -2.49 22.08 18.00
C TYR B 283 -3.49 23.13 17.55
N ALA B 284 -3.44 24.29 18.20
CA ALA B 284 -4.35 25.38 17.88
C ALA B 284 -3.71 26.70 18.31
N LEU B 285 -4.26 27.80 17.81
CA LEU B 285 -3.73 29.11 18.11
C LEU B 285 -3.93 29.43 19.58
N GLY B 286 -2.88 29.94 20.22
CA GLY B 286 -2.94 30.34 21.62
C GLY B 286 -3.08 31.84 21.79
N ASP B 287 -2.85 32.29 23.02
CA ASP B 287 -2.89 33.71 23.31
C ASP B 287 -1.82 34.44 22.53
N ILE B 288 -2.10 35.68 22.15
CA ILE B 288 -1.31 36.42 21.17
C ILE B 288 -0.45 37.43 21.91
N ILE B 289 0.82 37.52 21.53
CA ILE B 289 1.78 38.41 22.15
C ILE B 289 2.04 39.59 21.22
N GLY B 290 2.38 40.73 21.82
CA GLY B 290 2.83 41.88 21.06
C GLY B 290 1.71 42.64 20.39
N ASN B 291 2.11 43.58 19.54
CA ASN B 291 1.16 44.40 18.80
C ASN B 291 0.36 43.55 17.84
N ILE B 292 -0.87 43.97 17.54
CA ILE B 292 -1.85 43.18 16.81
C ILE B 292 -2.17 43.90 15.50
N ARG B 293 -2.07 43.17 14.40
CA ARG B 293 -2.30 43.73 13.07
C ARG B 293 -2.62 42.60 12.10
N LYS B 294 -3.31 42.95 11.02
CA LYS B 294 -3.66 41.97 10.00
C LYS B 294 -2.44 41.67 9.12
N PRO B 295 -2.39 40.49 8.49
CA PRO B 295 -1.29 40.20 7.58
C PRO B 295 -1.50 40.86 6.23
N TYR B 296 -0.43 40.86 5.42
CA TYR B 296 -0.48 41.54 4.13
C TYR B 296 0.70 41.08 3.28
N CYS B 297 0.65 41.45 2.00
CA CYS B 297 1.76 41.27 1.08
C CYS B 297 2.34 42.61 0.67
N ASN B 298 3.62 42.58 0.28
CA ASN B 298 4.30 43.73 -0.28
C ASN B 298 4.78 43.39 -1.69
N VAL B 299 4.31 44.17 -2.66
CA VAL B 299 4.85 44.10 -4.02
C VAL B 299 5.08 45.54 -4.49
N SER B 300 6.26 45.77 -5.05
CA SER B 300 6.69 47.12 -5.37
C SER B 300 6.00 47.61 -6.65
N LYS B 301 5.33 48.76 -6.56
CA LYS B 301 4.86 49.42 -7.76
C LYS B 301 6.06 49.94 -8.55
N ARG B 302 5.81 50.27 -9.82
CA ARG B 302 6.84 50.62 -10.81
C ARG B 302 7.59 49.37 -11.26
N GLU B 303 7.34 48.24 -10.61
CA GLU B 303 7.91 46.97 -11.05
C GLU B 303 6.81 46.03 -11.50
N TRP B 304 5.73 45.93 -10.71
CA TRP B 304 4.52 45.30 -11.21
C TRP B 304 3.93 46.10 -12.36
N ASN B 305 3.98 47.42 -12.28
CA ASN B 305 3.50 48.25 -13.38
C ASN B 305 4.30 47.99 -14.66
N ASN B 306 5.63 47.90 -14.55
CA ASN B 306 6.44 47.52 -15.70
C ASN B 306 6.13 46.09 -16.12
N THR B 307 5.97 45.19 -15.15
CA THR B 307 5.61 43.82 -15.47
C THR B 307 4.27 43.74 -16.17
N LEU B 308 3.26 44.42 -15.61
CA LEU B 308 1.92 44.35 -16.19
C LEU B 308 1.87 45.06 -17.54
N GLN B 309 2.61 46.16 -17.68
CA GLN B 309 2.68 46.82 -18.98
C GLN B 309 3.33 45.91 -20.02
N GLN B 310 4.39 45.20 -19.62
CA GLN B 310 5.07 44.31 -20.55
C GLN B 310 4.11 43.25 -21.08
N VAL B 311 3.57 42.41 -20.19
CA VAL B 311 2.72 41.31 -20.63
C VAL B 311 1.62 41.83 -21.53
N ALA B 312 1.02 42.97 -21.18
CA ALA B 312 0.04 43.59 -22.07
C ALA B 312 0.66 43.90 -23.43
N ALA B 313 1.91 44.36 -23.44
CA ALA B 313 2.57 44.67 -24.69
C ALA B 313 2.74 43.44 -25.56
N GLN B 314 2.97 42.26 -24.96
CA GLN B 314 3.07 41.03 -25.72
C GLN B 314 1.74 40.30 -25.87
N LEU B 315 0.75 40.59 -25.02
CA LEU B 315 -0.58 40.04 -25.25
C LEU B 315 -1.18 40.57 -26.55
N ARG B 316 -0.99 41.87 -26.81
CA ARG B 316 -1.66 42.48 -27.97
C ARG B 316 -1.10 41.95 -29.30
N LYS B 317 0.03 41.25 -29.27
CA LYS B 317 0.57 40.68 -30.50
C LYS B 317 -0.37 39.65 -31.12
N SER B 318 -1.20 39.00 -30.31
CA SER B 318 -2.16 38.02 -30.79
C SER B 318 -3.59 38.55 -30.81
N PHE B 319 -3.78 39.85 -30.60
CA PHE B 319 -5.10 40.47 -30.59
C PHE B 319 -5.05 41.77 -31.41
N ASN B 320 -4.47 41.67 -32.61
CA ASN B 320 -4.33 42.81 -33.51
C ASN B 320 -3.35 43.83 -32.93
N THR B 323 -5.72 48.03 -25.83
CA THR B 323 -7.14 47.90 -25.47
C THR B 323 -7.37 46.76 -24.49
N ILE B 324 -6.27 46.23 -23.93
CA ILE B 324 -6.38 45.11 -23.00
C ILE B 324 -6.78 45.63 -21.63
N VAL B 325 -7.51 44.80 -20.89
CA VAL B 325 -8.02 45.16 -19.58
C VAL B 325 -7.75 44.01 -18.60
N PHE B 326 -7.41 44.36 -17.37
CA PHE B 326 -7.23 43.40 -16.29
C PHE B 326 -8.34 43.62 -15.27
N GLU B 327 -9.02 42.53 -14.90
CA GLU B 327 -10.26 42.61 -14.14
C GLU B 327 -10.14 41.80 -12.84
N LYS B 328 -10.97 42.17 -11.87
CA LYS B 328 -10.96 41.50 -10.58
C LYS B 328 -11.29 40.02 -10.73
N SER B 329 -11.15 39.28 -9.64
CA SER B 329 -11.37 37.84 -9.66
C SER B 329 -12.79 37.50 -10.11
N SER B 330 -12.99 36.25 -10.50
CA SER B 330 -14.24 35.81 -11.09
C SER B 330 -15.36 35.71 -10.07
N GLY B 331 -15.03 35.74 -8.78
CA GLY B 331 -16.04 35.64 -7.75
C GLY B 331 -16.41 34.19 -7.44
N GLY B 332 -17.15 34.03 -6.35
CA GLY B 332 -17.56 32.72 -5.88
C GLY B 332 -16.82 32.28 -4.64
N ASP B 333 -16.29 31.05 -4.66
CA ASP B 333 -15.58 30.53 -3.50
C ASP B 333 -14.32 31.32 -3.24
N LEU B 334 -13.97 31.47 -1.96
CA LEU B 334 -12.80 32.26 -1.58
C LEU B 334 -11.50 31.65 -2.08
N GLU B 335 -11.48 30.34 -2.34
CA GLU B 335 -10.25 29.68 -2.77
C GLU B 335 -9.87 30.06 -4.19
N VAL B 336 -10.74 29.76 -5.16
CA VAL B 336 -10.43 30.02 -6.55
C VAL B 336 -10.37 31.51 -6.86
N THR B 337 -10.95 32.35 -5.99
CA THR B 337 -10.98 33.79 -6.23
C THR B 337 -9.77 34.51 -5.67
N THR B 338 -8.81 33.79 -5.09
CA THR B 338 -7.80 34.41 -4.26
C THR B 338 -6.45 33.74 -4.47
N HIS B 339 -5.40 34.55 -4.53
CA HIS B 339 -4.04 34.01 -4.56
C HIS B 339 -3.80 33.19 -3.31
N SER B 340 -3.68 31.87 -3.49
CA SER B 340 -3.64 30.93 -2.38
C SER B 340 -2.30 30.18 -2.43
N PHE B 341 -1.36 30.60 -1.60
CA PHE B 341 -0.04 30.00 -1.55
C PHE B 341 0.28 29.65 -0.10
N ASN B 342 1.40 28.95 0.09
CA ASN B 342 1.88 28.55 1.40
C ASN B 342 3.15 29.33 1.71
N CYS B 343 3.13 30.07 2.82
CA CYS B 343 4.29 30.85 3.28
C CYS B 343 5.15 30.06 4.26
N GLY B 344 5.61 28.88 3.87
CA GLY B 344 6.52 28.13 4.71
C GLY B 344 5.90 27.48 5.93
N GLY B 345 4.59 27.21 5.89
CA GLY B 345 3.94 26.56 7.02
C GLY B 345 2.52 26.99 7.32
N GLU B 346 2.08 28.11 6.75
CA GLU B 346 0.68 28.54 6.84
C GLU B 346 0.20 28.91 5.46
N PHE B 347 -1.06 28.59 5.19
CA PHE B 347 -1.65 28.76 3.88
C PHE B 347 -2.35 30.12 3.81
N PHE B 348 -1.84 31.00 2.95
CA PHE B 348 -2.30 32.38 2.87
C PHE B 348 -3.28 32.54 1.72
N TYR B 349 -4.28 33.40 1.92
CA TYR B 349 -5.22 33.79 0.87
C TYR B 349 -5.20 35.30 0.79
N CYS B 350 -4.80 35.83 -0.37
CA CYS B 350 -4.44 37.24 -0.50
C CYS B 350 -5.27 37.88 -1.60
N ASN B 351 -5.61 39.16 -1.40
CA ASN B 351 -6.70 39.78 -2.14
C ASN B 351 -6.53 39.70 -3.65
N THR B 352 -5.51 40.36 -4.19
CA THR B 352 -5.20 40.38 -5.62
C THR B 352 -6.12 41.24 -6.46
N SER B 353 -7.19 41.82 -5.87
CA SER B 353 -8.04 42.69 -6.66
C SER B 353 -7.41 44.06 -6.89
N GLY B 354 -6.43 44.43 -6.06
CA GLY B 354 -5.74 45.70 -6.25
C GLY B 354 -4.71 45.67 -7.35
N LEU B 355 -4.34 44.48 -7.84
CA LEU B 355 -3.35 44.35 -8.90
C LEU B 355 -4.00 44.29 -10.28
N PHE B 356 -5.00 43.44 -10.45
CA PHE B 356 -5.61 43.20 -11.75
C PHE B 356 -6.74 44.21 -12.01
N ASN B 357 -6.36 45.49 -11.96
CA ASN B 357 -7.25 46.61 -12.29
C ASN B 357 -6.37 47.62 -13.02
N SER B 358 -6.40 47.53 -14.36
CA SER B 358 -5.60 48.41 -15.20
C SER B 358 -6.01 48.19 -16.64
N THR B 359 -5.63 49.14 -17.50
CA THR B 359 -6.00 49.08 -18.90
C THR B 359 -4.87 49.68 -19.74
N TRP B 360 -4.87 49.36 -21.02
CA TRP B 360 -3.88 49.89 -21.95
C TRP B 360 -4.51 50.12 -23.32
N ASP B 379 6.72 53.05 -5.85
CA ASP B 379 6.36 52.88 -4.45
C ASP B 379 5.74 51.50 -4.24
N THR B 380 5.24 51.25 -3.03
CA THR B 380 4.66 49.94 -2.70
C THR B 380 3.16 49.93 -2.93
N ILE B 381 2.65 48.76 -3.32
CA ILE B 381 1.22 48.47 -3.35
C ILE B 381 0.98 47.23 -2.52
N THR B 382 -0.01 47.28 -1.64
CA THR B 382 -0.20 46.29 -0.59
C THR B 382 -1.45 45.47 -0.84
N LEU B 383 -1.41 44.21 -0.40
CA LEU B 383 -2.55 43.30 -0.46
C LEU B 383 -2.78 42.72 0.92
N GLN B 384 -4.01 42.84 1.41
CA GLN B 384 -4.37 42.24 2.68
C GLN B 384 -4.77 40.78 2.49
N CYS B 385 -4.54 39.97 3.51
CA CYS B 385 -4.60 38.52 3.38
C CYS B 385 -5.33 37.90 4.55
N ARG B 386 -5.79 36.67 4.33
CA ARG B 386 -6.60 35.93 5.30
C ARG B 386 -6.09 34.49 5.36
N ILE B 387 -6.01 33.94 6.57
CA ILE B 387 -5.48 32.60 6.79
C ILE B 387 -6.63 31.63 6.95
N LYS B 388 -6.51 30.46 6.33
CA LYS B 388 -7.47 29.37 6.45
C LYS B 388 -6.70 28.10 6.80
N GLN B 389 -6.97 27.55 7.97
CA GLN B 389 -6.31 26.33 8.41
C GLN B 389 -6.94 25.08 7.82
N ILE B 390 -8.26 24.96 7.90
CA ILE B 390 -9.00 23.85 7.32
C ILE B 390 -9.06 24.10 5.81
N ILE B 391 -8.26 23.35 5.06
CA ILE B 391 -8.10 23.59 3.64
C ILE B 391 -8.27 22.29 2.86
N ASN B 392 -8.66 22.42 1.60
CA ASN B 392 -8.70 21.31 0.67
C ASN B 392 -7.51 21.30 -0.30
N MET B 393 -7.26 22.43 -0.96
CA MET B 393 -5.98 22.68 -1.64
C MET B 393 -5.85 21.86 -2.92
N TRP B 394 -6.83 21.01 -3.22
CA TRP B 394 -6.92 20.37 -4.52
C TRP B 394 -8.27 20.68 -5.18
N GLN B 395 -8.23 20.78 -6.50
CA GLN B 395 -9.48 20.74 -7.25
C GLN B 395 -10.16 19.39 -7.09
N ARG B 396 -9.39 18.35 -6.80
CA ARG B 396 -9.95 17.05 -6.42
C ARG B 396 -10.48 17.16 -4.99
N VAL B 397 -11.81 17.03 -4.84
CA VAL B 397 -12.45 17.27 -3.56
C VAL B 397 -12.30 16.12 -2.57
N GLY B 398 -11.55 15.07 -2.94
CA GLY B 398 -11.44 13.91 -2.08
C GLY B 398 -10.31 13.99 -1.06
N ARG B 399 -10.02 15.19 -0.56
CA ARG B 399 -8.97 15.35 0.43
C ARG B 399 -9.20 16.62 1.21
N CYS B 400 -8.64 16.66 2.42
CA CYS B 400 -8.76 17.79 3.33
C CYS B 400 -7.64 17.70 4.37
N MET B 401 -7.37 18.84 5.01
CA MET B 401 -6.27 18.94 5.95
C MET B 401 -6.56 20.01 6.98
N TYR B 402 -5.77 20.00 8.06
CA TYR B 402 -5.72 21.08 9.04
C TYR B 402 -4.26 21.44 9.26
N ALA B 403 -3.86 22.63 8.80
CA ALA B 403 -2.48 23.07 8.91
C ALA B 403 -2.29 23.70 10.29
N PRO B 404 -1.47 23.13 11.17
CA PRO B 404 -1.30 23.72 12.49
C PRO B 404 -0.61 25.05 12.40
N PRO B 405 -0.82 25.94 13.36
CA PRO B 405 -0.17 27.25 13.31
C PRO B 405 1.33 27.14 13.51
N ILE B 406 2.04 28.12 12.97
CA ILE B 406 3.49 28.25 13.13
C ILE B 406 3.73 29.30 14.21
N PRO B 407 4.23 28.94 15.39
CA PRO B 407 4.42 29.95 16.43
C PRO B 407 5.48 30.97 16.04
N GLY B 408 5.28 32.19 16.53
CA GLY B 408 6.21 33.27 16.28
C GLY B 408 5.95 33.99 14.96
N VAL B 409 6.65 35.11 14.79
CA VAL B 409 6.52 35.87 13.57
C VAL B 409 7.02 35.06 12.39
N ILE B 410 6.38 35.24 11.24
CA ILE B 410 6.74 34.52 10.02
C ILE B 410 6.72 35.50 8.85
N ARG B 411 7.77 35.43 8.03
CA ARG B 411 7.88 36.24 6.82
C ARG B 411 8.61 35.42 5.76
N CYS B 412 8.14 35.53 4.52
CA CYS B 412 8.70 34.76 3.42
C CYS B 412 8.83 35.64 2.18
N GLU B 413 10.05 35.81 1.71
CA GLU B 413 10.30 36.48 0.44
C GLU B 413 10.09 35.50 -0.71
N SER B 414 9.73 36.05 -1.88
CA SER B 414 9.50 35.22 -3.05
C SER B 414 9.56 36.09 -4.29
N ASN B 415 9.70 35.41 -5.44
CA ASN B 415 9.60 36.05 -6.75
C ASN B 415 8.29 35.64 -7.40
N ILE B 416 7.57 36.61 -7.95
CA ILE B 416 6.49 36.27 -8.88
C ILE B 416 7.11 36.01 -10.25
N THR B 417 6.86 34.81 -10.78
CA THR B 417 7.47 34.39 -12.03
C THR B 417 6.46 34.09 -13.13
N GLY B 418 5.17 34.13 -12.84
CA GLY B 418 4.17 33.85 -13.87
C GLY B 418 2.78 34.16 -13.37
N LEU B 419 1.86 34.30 -14.32
CA LEU B 419 0.47 34.59 -14.05
C LEU B 419 -0.43 33.57 -14.74
N LEU B 420 -1.58 33.33 -14.14
CA LEU B 420 -2.65 32.58 -14.78
C LEU B 420 -3.74 33.55 -15.18
N LEU B 421 -4.16 33.49 -16.45
CA LEU B 421 -5.13 34.42 -17.00
C LEU B 421 -6.25 33.66 -17.69
N THR B 422 -7.46 34.22 -17.60
CA THR B 422 -8.63 33.64 -18.22
C THR B 422 -9.36 34.74 -18.99
N ARG B 423 -10.11 34.33 -20.00
CA ARG B 423 -10.72 35.25 -20.95
C ARG B 423 -12.18 34.89 -21.16
N ASP B 424 -13.00 35.92 -21.38
CA ASP B 424 -14.43 35.76 -21.64
C ASP B 424 -14.79 35.91 -23.11
N GLY B 425 -13.96 36.60 -23.89
CA GLY B 425 -14.23 36.78 -25.31
C GLY B 425 -15.33 37.80 -25.57
N ASN B 431 -9.96 44.70 -26.71
CA ASN B 431 -11.10 44.93 -25.84
C ASN B 431 -11.30 43.76 -24.88
N GLU B 432 -10.28 42.93 -24.73
CA GLU B 432 -10.39 41.75 -23.89
C GLU B 432 -10.12 42.08 -22.43
N THR B 433 -10.87 41.44 -21.54
CA THR B 433 -10.67 41.53 -20.10
C THR B 433 -10.07 40.22 -19.61
N PHE B 434 -8.93 40.31 -18.93
CA PHE B 434 -8.23 39.14 -18.42
C PHE B 434 -8.32 39.14 -16.89
N ARG B 435 -8.90 38.08 -16.35
CA ARG B 435 -8.98 37.88 -14.91
C ARG B 435 -7.80 37.03 -14.43
N PRO B 436 -7.35 37.21 -13.19
CA PRO B 436 -6.34 36.29 -12.66
C PRO B 436 -6.94 34.89 -12.53
N GLY B 437 -6.24 33.92 -13.09
CA GLY B 437 -6.85 32.64 -13.36
C GLY B 437 -6.61 31.60 -12.26
N GLY B 438 -7.62 30.77 -12.06
CA GLY B 438 -7.50 29.60 -11.21
C GLY B 438 -7.38 28.35 -12.04
N GLY B 439 -8.49 27.63 -12.19
CA GLY B 439 -8.53 26.49 -13.07
C GLY B 439 -7.84 25.27 -12.52
N ASP B 440 -7.48 24.38 -13.44
CA ASP B 440 -6.87 23.11 -13.06
C ASP B 440 -5.50 23.33 -12.43
N MET B 441 -5.16 22.47 -11.46
CA MET B 441 -3.89 22.64 -10.74
C MET B 441 -2.70 22.30 -11.61
N ARG B 442 -2.85 21.35 -12.55
CA ARG B 442 -1.71 20.93 -13.35
C ARG B 442 -1.17 22.05 -14.22
N ASP B 443 -1.92 23.13 -14.40
CA ASP B 443 -1.41 24.27 -15.15
C ASP B 443 -0.14 24.85 -14.53
N ASN B 444 0.03 24.75 -13.21
CA ASN B 444 1.26 25.21 -12.59
C ASN B 444 2.44 24.40 -13.08
N TRP B 445 2.30 23.08 -13.13
CA TRP B 445 3.41 22.22 -13.55
C TRP B 445 3.75 22.45 -15.01
N ARG B 446 2.77 22.83 -15.83
CA ARG B 446 3.03 23.08 -17.24
C ARG B 446 3.94 24.28 -17.45
N SER B 447 4.09 25.14 -16.44
CA SER B 447 5.02 26.25 -16.53
C SER B 447 6.48 25.82 -16.41
N GLU B 448 6.75 24.73 -15.69
CA GLU B 448 8.11 24.24 -15.47
C GLU B 448 8.54 23.17 -16.46
N LEU B 449 7.61 22.34 -16.94
CA LEU B 449 7.95 21.18 -17.75
C LEU B 449 7.73 21.40 -19.24
N TYR B 450 7.47 22.63 -19.66
CA TYR B 450 7.22 22.88 -21.09
C TYR B 450 8.46 22.61 -21.93
N LYS B 451 9.65 22.65 -21.33
CA LYS B 451 10.87 22.46 -22.11
C LYS B 451 11.11 21.00 -22.47
N TYR B 452 10.58 20.07 -21.67
CA TYR B 452 11.04 18.69 -21.69
C TYR B 452 10.11 17.79 -22.49
N LYS B 453 10.69 16.80 -23.15
CA LYS B 453 9.97 15.67 -23.73
C LYS B 453 10.74 14.40 -23.44
N VAL B 454 10.02 13.32 -23.16
CA VAL B 454 10.65 12.02 -22.95
C VAL B 454 10.58 11.23 -24.25
N VAL B 455 11.71 10.66 -24.65
CA VAL B 455 11.83 9.97 -25.93
C VAL B 455 12.44 8.59 -25.69
N GLN B 456 11.84 7.58 -26.32
CA GLN B 456 12.36 6.23 -26.25
C GLN B 456 13.46 6.04 -27.28
N ILE B 457 14.58 5.45 -26.86
CA ILE B 457 15.69 5.18 -27.76
C ILE B 457 15.43 3.87 -28.49
N GLU B 458 15.76 3.84 -29.79
CA GLU B 458 15.64 2.66 -30.63
C GLU B 458 16.99 2.42 -31.29
N PRO B 459 17.95 1.87 -30.53
CA PRO B 459 19.35 1.88 -31.00
C PRO B 459 19.61 1.02 -32.23
N LEU B 460 18.71 0.11 -32.59
CA LEU B 460 18.95 -0.77 -33.73
C LEU B 460 18.75 -0.02 -35.03
N GLY B 461 19.72 -0.14 -35.94
CA GLY B 461 19.64 0.49 -37.24
C GLY B 461 20.12 -0.42 -38.35
N VAL B 462 19.37 -0.50 -39.44
CA VAL B 462 19.69 -1.37 -40.57
C VAL B 462 19.74 -0.52 -41.83
N ALA B 463 20.78 -0.69 -42.63
CA ALA B 463 20.96 0.08 -43.85
C ALA B 463 21.81 -0.73 -44.82
N PRO B 464 21.71 -0.46 -46.12
CA PRO B 464 22.55 -1.18 -47.08
C PRO B 464 23.98 -0.70 -47.05
N THR B 465 24.90 -1.59 -47.46
CA THR B 465 26.31 -1.24 -47.56
C THR B 465 26.97 -2.20 -48.55
N HIS B 466 28.08 -1.74 -49.13
CA HIS B 466 28.80 -2.56 -50.10
C HIS B 466 29.45 -3.79 -49.46
N CYS B 467 29.59 -3.81 -48.15
CA CYS B 467 30.26 -4.92 -47.50
C CYS B 467 29.40 -6.19 -47.57
N LYS B 468 30.07 -7.33 -47.39
CA LYS B 468 29.42 -8.62 -47.51
C LYS B 468 30.06 -9.58 -46.51
N ARG B 469 29.22 -10.28 -45.74
CA ARG B 469 29.74 -11.24 -44.77
C ARG B 469 30.30 -12.45 -45.51
N ARG B 470 31.48 -12.89 -45.09
CA ARG B 470 32.15 -14.02 -45.74
C ARG B 470 31.62 -15.35 -45.20
N GLU C 1 -36.00 34.03 27.57
CA GLU C 1 -37.33 33.57 27.09
C GLU C 1 -37.29 33.31 25.59
N VAL C 2 -38.19 32.45 25.11
CA VAL C 2 -38.29 32.10 23.71
C VAL C 2 -39.54 32.75 23.13
N GLN C 3 -39.38 33.41 21.99
CA GLN C 3 -40.48 34.10 21.32
C GLN C 3 -40.40 33.81 19.82
N LEU C 4 -41.55 33.89 19.16
CA LEU C 4 -41.67 33.52 17.76
C LEU C 4 -42.58 34.50 17.03
N VAL C 5 -42.52 34.45 15.70
CA VAL C 5 -43.35 35.28 14.85
C VAL C 5 -43.70 34.50 13.58
N GLU C 6 -44.90 34.74 13.06
CA GLU C 6 -45.35 34.14 11.81
C GLU C 6 -45.56 35.22 10.77
N SER C 7 -45.48 34.83 9.50
CA SER C 7 -45.70 35.76 8.40
C SER C 7 -46.04 34.98 7.14
N GLY C 8 -46.64 35.70 6.18
CA GLY C 8 -46.94 35.15 4.88
C GLY C 8 -48.38 34.72 4.67
N GLY C 9 -49.14 34.55 5.75
CA GLY C 9 -50.50 34.09 5.61
C GLY C 9 -51.40 35.16 4.98
N GLY C 10 -52.44 34.69 4.30
CA GLY C 10 -53.38 35.58 3.65
C GLY C 10 -54.55 34.85 3.03
N LEU C 11 -55.15 35.44 2.00
CA LEU C 11 -56.29 34.85 1.30
C LEU C 11 -55.88 34.50 -0.12
N VAL C 12 -56.09 33.24 -0.51
CA VAL C 12 -55.70 32.74 -1.82
C VAL C 12 -56.76 31.77 -2.31
N GLN C 13 -56.89 31.67 -3.63
CA GLN C 13 -57.91 30.83 -4.22
C GLN C 13 -57.63 29.35 -3.97
N PRO C 14 -58.63 28.49 -4.09
CA PRO C 14 -58.41 27.05 -3.85
C PRO C 14 -57.37 26.48 -4.82
N GLY C 15 -56.63 25.49 -4.34
CA GLY C 15 -55.60 24.86 -5.13
C GLY C 15 -54.29 25.63 -5.18
N GLY C 16 -54.11 26.62 -4.32
CA GLY C 16 -52.92 27.44 -4.35
C GLY C 16 -51.76 26.81 -3.61
N SER C 17 -50.68 27.57 -3.54
CA SER C 17 -49.44 27.18 -2.86
C SER C 17 -49.05 28.23 -1.84
N LEU C 18 -49.99 28.63 -0.99
CA LEU C 18 -49.75 29.66 0.01
C LEU C 18 -48.83 29.14 1.11
N ARG C 19 -47.56 29.50 1.04
CA ARG C 19 -46.59 29.03 2.02
C ARG C 19 -46.69 29.85 3.31
N LEU C 20 -46.20 29.26 4.40
CA LEU C 20 -46.16 29.91 5.71
C LEU C 20 -44.75 29.86 6.26
N SER C 21 -44.41 30.85 7.08
CA SER C 21 -43.08 30.95 7.67
C SER C 21 -43.18 31.32 9.15
N CYS C 22 -42.34 30.68 9.96
CA CYS C 22 -42.17 31.01 11.37
C CYS C 22 -40.71 31.32 11.63
N THR C 23 -40.47 32.29 12.50
CA THR C 23 -39.12 32.73 12.87
C THR C 23 -38.92 32.52 14.36
N PHE C 24 -37.69 32.20 14.74
CA PHE C 24 -37.33 31.90 16.12
C PHE C 24 -36.41 32.99 16.65
N SER C 25 -36.91 33.81 17.55
CA SER C 25 -36.15 34.91 18.14
C SER C 25 -35.60 34.47 19.50
N GLY C 26 -34.59 33.60 19.45
CA GLY C 26 -33.99 33.11 20.67
C GLY C 26 -32.75 32.30 20.37
N ARG C 27 -32.09 31.87 21.45
CA ARG C 27 -30.87 31.11 21.32
C ARG C 27 -31.17 29.62 21.19
N SER C 28 -30.13 28.84 20.92
CA SER C 28 -30.15 27.38 20.94
C SER C 28 -31.18 26.80 19.98
N TYR C 29 -31.44 27.46 18.85
CA TYR C 29 -32.37 26.91 17.87
C TYR C 29 -31.86 25.58 17.31
N HIS C 30 -30.57 25.30 17.45
CA HIS C 30 -29.99 24.09 16.89
C HIS C 30 -30.63 22.82 17.43
N ASN C 31 -31.21 22.87 18.64
CA ASN C 31 -31.76 21.69 19.29
C ASN C 31 -33.22 21.90 19.71
N TYR C 32 -34.04 22.45 18.82
CA TYR C 32 -35.48 22.57 19.02
C TYR C 32 -36.21 21.90 17.87
N GLY C 33 -37.05 20.93 18.18
CA GLY C 33 -38.04 20.48 17.24
C GLY C 33 -39.17 21.48 17.11
N MET C 34 -39.89 21.42 16.00
CA MET C 34 -40.94 22.40 15.74
C MET C 34 -42.11 21.72 15.06
N ALA C 35 -43.26 22.39 15.13
CA ALA C 35 -44.51 21.84 14.62
C ALA C 35 -45.45 22.99 14.29
N TRP C 36 -46.49 22.66 13.51
CA TRP C 36 -47.56 23.59 13.18
C TRP C 36 -48.87 23.02 13.69
N VAL C 37 -49.71 23.89 14.24
CA VAL C 37 -51.01 23.48 14.79
C VAL C 37 -52.09 24.34 14.17
N ARG C 38 -53.12 23.70 13.64
CA ARG C 38 -54.22 24.39 12.98
C ARG C 38 -55.38 24.55 13.95
N GLN C 39 -56.20 25.58 13.72
CA GLN C 39 -57.36 25.86 14.56
C GLN C 39 -58.44 26.52 13.70
N ALA C 40 -59.41 25.74 13.26
CA ALA C 40 -60.58 26.32 12.61
C ALA C 40 -61.38 27.12 13.63
N PRO C 41 -62.04 28.21 13.23
CA PRO C 41 -62.81 29.00 14.21
C PRO C 41 -63.84 28.17 14.97
N GLY C 42 -63.69 28.10 16.29
CA GLY C 42 -64.64 27.42 17.14
C GLY C 42 -64.35 25.97 17.40
N LYS C 43 -63.41 25.36 16.68
CA LYS C 43 -63.08 23.95 16.86
C LYS C 43 -61.74 23.81 17.57
N GLY C 44 -61.47 22.60 18.03
CA GLY C 44 -60.26 22.34 18.78
C GLY C 44 -59.02 22.35 17.92
N LEU C 45 -57.87 22.44 18.58
CA LEU C 45 -56.59 22.43 17.89
C LEU C 45 -56.38 21.09 17.20
N GLU C 46 -55.78 21.13 16.00
CA GLU C 46 -55.49 19.94 15.22
C GLU C 46 -54.02 19.97 14.79
N TRP C 47 -53.31 18.89 15.10
CA TRP C 47 -51.89 18.81 14.77
C TRP C 47 -51.70 18.66 13.27
N VAL C 48 -50.79 19.44 12.70
CA VAL C 48 -50.55 19.45 11.26
C VAL C 48 -49.31 18.66 10.89
N SER C 49 -48.15 19.06 11.41
CA SER C 49 -46.90 18.38 11.07
C SER C 49 -45.85 18.75 12.10
N SER C 50 -44.72 18.03 12.05
CA SER C 50 -43.62 18.26 12.97
C SER C 50 -42.32 17.91 12.27
N ILE C 51 -41.25 18.62 12.63
CA ILE C 51 -39.91 18.36 12.12
C ILE C 51 -38.94 18.44 13.28
N SER C 52 -38.06 17.46 13.38
CA SER C 52 -37.11 17.41 14.49
C SER C 52 -36.06 18.51 14.34
N SER C 53 -35.26 18.67 15.39
CA SER C 53 -34.20 19.67 15.35
C SER C 53 -33.21 19.39 14.23
N GLY C 54 -32.84 18.12 14.03
CA GLY C 54 -31.97 17.73 12.95
C GLY C 54 -32.63 17.58 11.61
N SER C 55 -33.95 17.76 11.53
CA SER C 55 -34.71 17.72 10.30
C SER C 55 -34.73 16.34 9.66
N SER C 56 -34.49 15.27 10.43
CA SER C 56 -34.45 13.93 9.87
C SER C 56 -35.72 13.14 10.14
N TYR C 57 -36.60 13.62 11.02
CA TYR C 57 -37.77 12.89 11.47
C TYR C 57 -39.07 13.63 11.19
N THR C 58 -39.22 14.18 9.98
CA THR C 58 -40.44 14.90 9.64
C THR C 58 -41.64 13.98 9.72
N ASP C 59 -42.76 14.52 10.22
CA ASP C 59 -43.99 13.75 10.34
C ASP C 59 -45.17 14.67 10.09
N TYR C 60 -46.29 14.07 9.70
CA TYR C 60 -47.48 14.81 9.32
C TYR C 60 -48.71 14.10 9.85
N ILE C 61 -49.82 14.84 9.92
CA ILE C 61 -51.12 14.21 10.15
C ILE C 61 -51.66 13.68 8.83
N GLY C 62 -52.39 12.57 8.90
CA GLY C 62 -52.84 11.91 7.69
C GLY C 62 -53.74 12.79 6.83
N SER C 63 -54.38 13.77 7.44
CA SER C 63 -55.30 14.64 6.71
C SER C 63 -54.59 15.51 5.67
N VAL C 64 -53.27 15.68 5.77
CA VAL C 64 -52.51 16.47 4.82
C VAL C 64 -51.32 15.71 4.25
N ARG C 65 -51.27 14.39 4.39
CA ARG C 65 -50.13 13.63 3.92
C ARG C 65 -50.02 13.74 2.41
N GLY C 66 -48.80 13.98 1.92
CA GLY C 66 -48.55 14.13 0.51
C GLY C 66 -48.76 15.52 -0.04
N ARG C 67 -49.57 16.34 0.64
CA ARG C 67 -49.79 17.71 0.19
C ARG C 67 -48.74 18.65 0.77
N PHE C 68 -48.64 18.69 2.09
CA PHE C 68 -47.85 19.68 2.79
C PHE C 68 -46.37 19.31 2.75
N THR C 69 -45.54 20.31 2.99
CA THR C 69 -44.09 20.14 3.08
C THR C 69 -43.56 21.06 4.16
N ILE C 70 -42.91 20.50 5.17
CA ILE C 70 -42.34 21.25 6.27
C ILE C 70 -40.83 21.24 6.14
N SER C 71 -40.22 22.42 6.20
CA SER C 71 -38.79 22.57 6.03
C SER C 71 -38.28 23.65 6.96
N ARG C 72 -36.98 23.59 7.25
CA ARG C 72 -36.35 24.53 8.16
C ARG C 72 -34.91 24.75 7.73
N GLU C 73 -34.35 25.87 8.17
CA GLU C 73 -32.96 26.23 7.87
C GLU C 73 -32.35 26.77 9.15
N ASN C 74 -31.57 25.93 9.82
CA ASN C 74 -30.97 26.31 11.10
C ASN C 74 -30.08 27.55 10.94
N ALA C 75 -29.52 27.77 9.77
CA ALA C 75 -28.59 28.87 9.57
C ALA C 75 -29.24 30.24 9.69
N MET C 76 -30.57 30.31 9.70
CA MET C 76 -31.27 31.60 9.77
C MET C 76 -32.44 31.55 10.75
N ASN C 77 -32.48 30.54 11.62
CA ASN C 77 -33.49 30.45 12.67
C ASN C 77 -34.89 30.66 12.13
N SER C 78 -35.34 29.79 11.25
CA SER C 78 -36.65 29.91 10.63
C SER C 78 -37.25 28.54 10.37
N LEU C 79 -38.57 28.51 10.30
CA LEU C 79 -39.34 27.34 9.95
C LEU C 79 -40.24 27.70 8.77
N SER C 80 -40.23 26.86 7.73
CA SER C 80 -40.96 27.16 6.51
C SER C 80 -41.90 25.99 6.22
N LEU C 81 -43.19 26.27 6.18
CA LEU C 81 -44.20 25.32 5.73
C LEU C 81 -44.50 25.62 4.27
N HIS C 82 -43.93 24.82 3.37
CA HIS C 82 -44.12 25.02 1.94
C HIS C 82 -45.43 24.36 1.50
N MET C 83 -46.54 24.83 2.06
CA MET C 83 -47.83 24.22 1.79
C MET C 83 -48.19 24.33 0.32
N ASN C 84 -48.76 23.26 -0.23
CA ASN C 84 -49.15 23.20 -1.63
C ASN C 84 -50.52 22.54 -1.75
N SER C 85 -51.25 22.92 -2.81
CA SER C 85 -52.56 22.34 -3.11
C SER C 85 -53.54 22.53 -1.95
N LEU C 86 -53.83 23.79 -1.63
CA LEU C 86 -54.78 24.10 -0.58
C LEU C 86 -56.21 23.80 -1.05
N ARG C 87 -57.08 23.57 -0.08
CA ARG C 87 -58.52 23.54 -0.31
C ARG C 87 -59.22 24.34 0.77
N ALA C 88 -60.51 24.59 0.57
CA ALA C 88 -61.24 25.50 1.44
C ALA C 88 -61.31 25.00 2.88
N GLU C 89 -61.36 23.68 3.08
CA GLU C 89 -61.45 23.14 4.43
C GLU C 89 -60.17 23.37 5.23
N ASP C 90 -59.09 23.79 4.59
CA ASP C 90 -57.87 24.10 5.32
C ASP C 90 -57.94 25.44 6.03
N THR C 91 -59.02 26.20 5.84
CA THR C 91 -59.16 27.50 6.49
C THR C 91 -59.05 27.35 8.00
N GLY C 92 -58.34 28.29 8.61
CA GLY C 92 -58.16 28.28 10.05
C GLY C 92 -56.83 28.90 10.43
N VAL C 93 -56.79 29.37 11.68
CA VAL C 93 -55.57 30.00 12.19
C VAL C 93 -54.45 28.96 12.25
N TYR C 94 -53.23 29.40 11.96
CA TYR C 94 -52.05 28.55 12.01
C TYR C 94 -51.09 29.08 13.05
N PHE C 95 -50.66 28.21 13.96
CA PHE C 95 -49.66 28.54 14.96
C PHE C 95 -48.41 27.69 14.74
N CYS C 96 -47.26 28.34 14.72
CA CYS C 96 -45.99 27.63 14.79
C CYS C 96 -45.63 27.41 16.25
N ALA C 97 -45.35 26.15 16.60
CA ALA C 97 -45.03 25.79 17.97
C ALA C 97 -43.78 24.95 17.97
N SER C 98 -42.96 25.13 19.02
CA SER C 98 -41.69 24.45 19.14
C SER C 98 -41.77 23.40 20.23
N GLN C 99 -41.45 22.16 19.88
CA GLN C 99 -41.33 21.11 20.88
C GLN C 99 -40.29 21.53 21.92
N GLY C 100 -40.35 20.90 23.09
CA GLY C 100 -39.39 21.16 24.13
C GLY C 100 -37.99 20.88 23.64
N PRO C 101 -37.00 21.61 24.14
CA PRO C 101 -35.63 21.38 23.67
C PRO C 101 -35.20 19.95 23.93
N ASP C 102 -34.35 19.45 23.04
CA ASP C 102 -34.07 18.02 22.97
C ASP C 102 -33.55 17.49 24.29
N PRO C 103 -33.87 16.24 24.66
CA PRO C 103 -33.42 15.73 25.95
C PRO C 103 -31.90 15.65 26.04
N TRP C 104 -31.40 15.74 27.27
CA TRP C 104 -29.97 15.64 27.56
C TRP C 104 -29.75 14.46 28.48
N TYR C 105 -29.02 13.45 28.01
CA TYR C 105 -28.84 12.17 28.71
C TYR C 105 -27.35 11.88 28.86
N GLU C 106 -26.59 12.84 29.40
CA GLU C 106 -25.15 12.65 29.53
C GLU C 106 -24.82 11.29 30.13
N ASP C 107 -24.28 10.42 29.29
CA ASP C 107 -23.77 9.12 29.74
C ASP C 107 -22.30 8.96 29.36
N ASP C 108 -22.00 9.15 28.08
CA ASP C 108 -20.66 9.00 27.54
C ASP C 108 -20.43 10.13 26.56
N PHE C 109 -19.58 11.10 26.94
CA PHE C 109 -19.44 12.34 26.20
C PHE C 109 -20.77 13.08 26.19
N GLY C 110 -20.88 14.15 25.38
CA GLY C 110 -22.12 14.88 25.28
C GLY C 110 -23.20 14.10 24.55
N TYR C 111 -24.45 14.40 24.89
CA TYR C 111 -25.56 13.61 24.38
C TYR C 111 -26.82 14.45 24.21
N HIS C 112 -27.04 14.98 23.01
CA HIS C 112 -28.33 15.58 22.66
C HIS C 112 -29.05 14.65 21.68
N TYR C 113 -30.32 14.39 21.95
CA TYR C 113 -31.07 13.38 21.22
C TYR C 113 -31.99 14.08 20.23
N GLU C 114 -32.71 13.31 19.40
CA GLU C 114 -33.54 13.89 18.35
C GLU C 114 -34.99 13.38 18.38
N VAL C 115 -35.63 13.36 19.54
CA VAL C 115 -37.05 12.97 19.58
C VAL C 115 -37.92 14.06 18.97
N LEU C 116 -39.12 13.65 18.56
CA LEU C 116 -40.22 14.59 18.40
C LEU C 116 -41.07 14.57 19.65
N SER C 117 -40.52 15.05 20.77
CA SER C 117 -41.21 15.02 22.05
C SER C 117 -42.42 15.94 21.91
N ASN C 118 -43.60 15.35 21.77
CA ASN C 118 -44.77 16.09 21.34
C ASN C 118 -45.39 16.91 22.48
N ARG C 119 -44.59 17.78 23.09
CA ARG C 119 -45.11 18.80 23.99
C ARG C 119 -44.80 20.16 23.38
N PHE C 120 -45.86 20.90 23.04
CA PHE C 120 -45.70 22.19 22.38
C PHE C 120 -45.48 23.25 23.45
N ASP C 121 -44.21 23.54 23.72
CA ASP C 121 -43.87 24.38 24.87
C ASP C 121 -44.32 25.81 24.67
N VAL C 122 -44.03 26.41 23.52
CA VAL C 122 -44.33 27.81 23.28
C VAL C 122 -44.96 27.96 21.90
N TRP C 123 -45.90 28.90 21.79
CA TRP C 123 -46.67 29.12 20.58
C TRP C 123 -46.46 30.57 20.14
N GLY C 124 -46.32 30.78 18.83
CA GLY C 124 -46.27 32.10 18.28
C GLY C 124 -47.65 32.74 18.26
N PRO C 125 -47.72 34.04 17.97
CA PRO C 125 -49.03 34.72 18.00
C PRO C 125 -50.03 34.15 17.01
N GLY C 126 -49.58 33.55 15.93
CA GLY C 126 -50.50 32.94 14.98
C GLY C 126 -50.80 33.83 13.80
N VAL C 127 -51.07 33.20 12.65
CA VAL C 127 -51.36 33.89 11.41
C VAL C 127 -52.54 33.22 10.74
N LEU C 128 -53.44 34.02 10.16
CA LEU C 128 -54.63 33.48 9.52
C LEU C 128 -54.32 32.94 8.14
N VAL C 129 -54.97 31.83 7.79
CA VAL C 129 -54.98 31.31 6.42
C VAL C 129 -56.42 31.05 6.04
N THR C 130 -56.86 31.66 4.94
CA THR C 130 -58.22 31.51 4.44
C THR C 130 -58.17 31.23 2.95
N VAL C 131 -59.05 30.34 2.49
CA VAL C 131 -59.14 29.97 1.09
C VAL C 131 -60.61 30.04 0.68
N SER C 132 -60.88 30.79 -0.39
CA SER C 132 -62.25 30.95 -0.88
C SER C 132 -62.26 31.38 -2.34
N ASP D 1 -53.57 5.57 16.04
CA ASP D 1 -54.77 6.41 16.36
C ASP D 1 -55.09 6.34 17.84
N ILE D 2 -55.20 7.51 18.48
CA ILE D 2 -55.55 7.62 19.90
C ILE D 2 -56.67 8.65 19.98
N GLN D 3 -57.91 8.18 19.97
CA GLN D 3 -59.05 9.08 20.13
C GLN D 3 -59.02 9.70 21.52
N MET D 4 -59.32 10.99 21.57
CA MET D 4 -59.28 11.74 22.83
C MET D 4 -60.55 12.57 22.96
N THR D 5 -61.04 12.70 24.19
CA THR D 5 -62.26 13.44 24.45
C THR D 5 -62.21 14.02 25.86
N GLN D 6 -63.03 15.04 26.08
CA GLN D 6 -63.15 15.69 27.37
C GLN D 6 -64.63 15.79 27.76
N SER D 7 -64.87 15.86 29.06
CA SER D 7 -66.24 15.95 29.57
C SER D 7 -66.20 16.61 30.94
N PRO D 8 -67.21 17.44 31.26
CA PRO D 8 -68.32 17.90 30.42
C PRO D 8 -67.86 19.00 29.46
N SER D 9 -68.71 19.44 28.53
CA SER D 9 -68.29 20.41 27.54
C SER D 9 -67.85 21.72 28.18
N SER D 10 -68.60 22.21 29.18
CA SER D 10 -68.25 23.44 29.86
C SER D 10 -68.74 23.35 31.29
N LEU D 11 -68.11 24.14 32.17
CA LEU D 11 -68.44 24.15 33.58
C LEU D 11 -68.71 25.57 34.02
N SER D 12 -69.32 25.70 35.20
CA SER D 12 -69.64 26.98 35.81
C SER D 12 -68.88 27.10 37.13
N ALA D 13 -68.20 28.23 37.31
CA ALA D 13 -67.42 28.47 38.52
C ALA D 13 -67.18 29.96 38.67
N SER D 14 -66.74 30.35 39.86
CA SER D 14 -66.45 31.75 40.16
C SER D 14 -65.10 31.83 40.88
N VAL D 15 -64.59 33.06 40.99
CA VAL D 15 -63.29 33.28 41.60
C VAL D 15 -63.28 32.70 43.01
N GLY D 16 -62.21 31.97 43.33
CA GLY D 16 -62.06 31.33 44.62
C GLY D 16 -62.57 29.91 44.68
N ASP D 17 -63.16 29.41 43.60
CA ASP D 17 -63.72 28.07 43.60
C ASP D 17 -62.71 27.05 43.10
N ARG D 18 -62.81 25.83 43.62
CA ARG D 18 -62.01 24.73 43.11
C ARG D 18 -62.63 24.16 41.85
N VAL D 19 -61.78 23.90 40.84
CA VAL D 19 -62.23 23.55 39.50
C VAL D 19 -61.61 22.21 39.12
N THR D 20 -62.33 21.46 38.27
CA THR D 20 -61.87 20.15 37.84
C THR D 20 -62.32 19.92 36.40
N ILE D 21 -61.41 19.48 35.54
CA ILE D 21 -61.68 19.20 34.14
C ILE D 21 -61.15 17.81 33.81
N THR D 22 -61.98 17.00 33.15
CA THR D 22 -61.70 15.60 32.91
C THR D 22 -61.37 15.36 31.44
N CYS D 23 -60.42 14.45 31.21
CA CYS D 23 -59.98 14.09 29.87
C CYS D 23 -59.76 12.57 29.82
N ARG D 24 -60.29 11.95 28.78
CA ARG D 24 -60.29 10.49 28.66
C ARG D 24 -59.75 10.08 27.29
N ALA D 25 -59.07 8.93 27.27
CA ALA D 25 -58.45 8.40 26.06
C ALA D 25 -58.94 6.98 25.81
N SER D 26 -59.22 6.67 24.54
CA SER D 26 -59.65 5.32 24.19
C SER D 26 -58.53 4.31 24.38
N GLN D 27 -57.34 4.59 23.86
CA GLN D 27 -56.18 3.74 24.06
C GLN D 27 -55.43 4.18 25.32
N THR D 28 -54.58 3.29 25.82
CA THR D 28 -53.88 3.53 27.07
C THR D 28 -52.60 4.30 26.84
N VAL D 29 -52.38 5.32 27.66
CA VAL D 29 -51.14 6.08 27.69
C VAL D 29 -50.67 6.13 29.14
N SER D 30 -49.41 5.77 29.36
CA SER D 30 -48.89 5.60 30.71
C SER D 30 -48.98 6.88 31.51
N SER D 31 -48.22 7.90 31.08
CA SER D 31 -48.27 9.21 31.74
C SER D 31 -48.08 10.35 30.75
N ASN D 32 -48.06 10.07 29.44
CA ASN D 32 -47.77 11.09 28.44
C ASN D 32 -49.06 11.81 28.05
N LEU D 33 -49.50 12.68 28.96
CA LEU D 33 -50.63 13.56 28.72
C LEU D 33 -50.28 14.96 29.22
N ALA D 34 -50.76 15.97 28.50
CA ALA D 34 -50.44 17.35 28.79
C ALA D 34 -51.67 18.22 28.56
N TRP D 35 -51.63 19.43 29.12
CA TRP D 35 -52.75 20.37 29.09
C TRP D 35 -52.29 21.72 28.57
N TYR D 36 -53.22 22.49 28.03
CA TYR D 36 -52.95 23.85 27.61
C TYR D 36 -54.11 24.77 28.00
N GLN D 37 -53.79 26.05 28.16
CA GLN D 37 -54.77 27.10 28.37
C GLN D 37 -54.75 28.04 27.16
N GLN D 38 -55.94 28.39 26.67
CA GLN D 38 -56.08 29.25 25.50
C GLN D 38 -56.97 30.43 25.87
N LYS D 39 -56.34 31.53 26.28
CA LYS D 39 -57.08 32.76 26.47
C LYS D 39 -57.53 33.29 25.11
N PRO D 40 -58.82 33.58 24.92
CA PRO D 40 -59.26 34.08 23.62
C PRO D 40 -58.49 35.33 23.21
N GLY D 41 -58.18 35.42 21.92
CA GLY D 41 -57.34 36.48 21.42
C GLY D 41 -55.85 36.23 21.57
N LYS D 42 -55.44 35.01 21.90
CA LYS D 42 -54.05 34.70 22.12
C LYS D 42 -53.83 33.22 21.83
N ALA D 43 -52.59 32.87 21.48
CA ALA D 43 -52.24 31.49 21.25
C ALA D 43 -52.21 30.72 22.57
N PRO D 44 -52.30 29.39 22.52
CA PRO D 44 -52.34 28.62 23.76
C PRO D 44 -51.10 28.83 24.62
N LYS D 45 -51.18 28.34 25.85
CA LYS D 45 -50.06 28.35 26.78
C LYS D 45 -49.90 26.98 27.40
N PHE D 46 -48.69 26.71 27.89
CA PHE D 46 -48.30 25.38 28.32
C PHE D 46 -48.48 25.23 29.82
N LEU D 47 -49.23 24.19 30.22
CA LEU D 47 -49.65 24.05 31.62
C LEU D 47 -48.98 22.88 32.31
N ILE D 48 -49.16 21.65 31.82
CA ILE D 48 -48.77 20.45 32.53
C ILE D 48 -48.31 19.42 31.52
N TYR D 49 -47.31 18.63 31.88
CA TYR D 49 -46.81 17.55 31.04
C TYR D 49 -46.33 16.42 31.92
N ASP D 50 -46.24 15.23 31.32
CA ASP D 50 -46.08 13.98 32.05
C ASP D 50 -47.23 13.78 33.04
N SER D 51 -48.33 14.50 32.79
CA SER D 51 -49.58 14.42 33.53
C SER D 51 -49.48 14.94 34.96
N SER D 52 -48.28 15.30 35.43
CA SER D 52 -48.14 15.82 36.79
C SER D 52 -47.15 16.98 36.90
N THR D 53 -46.31 17.17 35.88
CA THR D 53 -45.25 18.17 35.97
C THR D 53 -45.74 19.51 35.44
N LEU D 54 -45.51 20.56 36.21
CA LEU D 54 -45.98 21.90 35.86
C LEU D 54 -45.05 22.53 34.83
N ALA D 55 -45.56 23.54 34.14
CA ALA D 55 -44.76 24.28 33.17
C ALA D 55 -43.84 25.26 33.88
N THR D 56 -42.91 25.83 33.11
CA THR D 56 -41.94 26.75 33.68
C THR D 56 -42.59 28.03 34.20
N GLY D 57 -43.56 28.58 33.46
CA GLY D 57 -44.15 29.85 33.79
C GLY D 57 -45.53 29.79 34.42
N VAL D 58 -46.01 28.61 34.81
CA VAL D 58 -47.35 28.49 35.37
C VAL D 58 -47.30 28.84 36.85
N PRO D 59 -48.12 29.77 37.34
CA PRO D 59 -48.35 29.85 38.79
C PRO D 59 -48.97 28.55 39.28
N SER D 60 -48.39 27.99 40.33
CA SER D 60 -48.70 26.60 40.71
C SER D 60 -50.02 26.46 41.45
N ARG D 61 -51.12 26.91 40.87
CA ARG D 61 -52.44 26.56 41.38
C ARG D 61 -52.98 25.31 40.72
N PHE D 62 -52.27 24.74 39.77
CA PHE D 62 -52.76 23.62 38.98
C PHE D 62 -52.09 22.32 39.41
N SER D 63 -52.77 21.20 39.16
CA SER D 63 -52.22 19.89 39.39
C SER D 63 -52.97 18.89 38.52
N GLY D 64 -52.26 17.86 38.08
CA GLY D 64 -52.82 16.83 37.20
C GLY D 64 -52.82 15.48 37.87
N SER D 65 -53.91 14.74 37.70
CA SER D 65 -54.05 13.39 38.24
C SER D 65 -53.31 12.41 37.32
N GLY D 66 -52.00 12.38 37.46
CA GLY D 66 -51.15 11.58 36.59
C GLY D 66 -51.09 10.12 36.97
N SER D 67 -52.22 9.43 36.90
CA SER D 67 -52.27 8.01 37.17
C SER D 67 -53.41 7.38 36.39
N GLY D 68 -53.25 6.11 36.04
CA GLY D 68 -54.28 5.42 35.28
C GLY D 68 -54.48 6.05 33.92
N THR D 69 -55.74 6.09 33.47
CA THR D 69 -56.10 6.74 32.22
C THR D 69 -57.21 7.77 32.38
N GLU D 70 -57.84 7.88 33.55
CA GLU D 70 -58.82 8.92 33.82
C GLU D 70 -58.17 10.26 34.12
N PHE D 71 -57.35 10.76 33.19
CA PHE D 71 -56.58 11.96 33.44
C PHE D 71 -57.49 13.16 33.66
N THR D 72 -57.17 13.96 34.68
CA THR D 72 -58.01 15.07 35.09
C THR D 72 -57.14 16.21 35.57
N LEU D 73 -57.56 17.44 35.26
CA LEU D 73 -56.86 18.65 35.68
C LEU D 73 -57.68 19.35 36.76
N THR D 74 -57.02 19.78 37.82
CA THR D 74 -57.67 20.39 38.97
C THR D 74 -56.96 21.69 39.32
N ILE D 75 -57.75 22.67 39.76
CA ILE D 75 -57.24 23.98 40.17
C ILE D 75 -57.65 24.19 41.63
N SER D 76 -56.67 24.48 42.48
CA SER D 76 -56.96 24.69 43.90
C SER D 76 -57.89 25.89 44.10
N SER D 77 -57.63 26.99 43.39
CA SER D 77 -58.45 28.19 43.49
C SER D 77 -58.57 28.81 42.10
N LEU D 78 -59.73 29.38 41.82
CA LEU D 78 -59.98 29.96 40.50
C LEU D 78 -59.76 31.48 40.54
N GLN D 79 -58.97 31.96 39.60
CA GLN D 79 -58.66 33.38 39.43
C GLN D 79 -58.98 33.78 38.00
N PRO D 80 -59.26 35.06 37.75
CA PRO D 80 -59.69 35.45 36.39
C PRO D 80 -58.69 35.14 35.30
N GLU D 81 -57.38 35.17 35.60
CA GLU D 81 -56.40 34.78 34.61
C GLU D 81 -56.47 33.30 34.26
N ASP D 82 -57.09 32.47 35.10
CA ASP D 82 -57.35 31.08 34.79
C ASP D 82 -58.72 30.86 34.15
N PHE D 83 -59.46 31.94 33.91
CA PHE D 83 -60.84 31.87 33.42
C PHE D 83 -60.85 31.82 31.89
N ALA D 84 -60.43 30.70 31.31
CA ALA D 84 -60.26 30.60 29.87
C ALA D 84 -60.47 29.16 29.41
N THR D 85 -60.36 28.96 28.10
CA THR D 85 -60.55 27.65 27.50
C THR D 85 -59.41 26.72 27.89
N TYR D 86 -59.66 25.42 27.82
CA TYR D 86 -58.68 24.41 28.22
C TYR D 86 -58.64 23.27 27.21
N TYR D 87 -57.45 22.71 27.03
CA TYR D 87 -57.24 21.60 26.11
C TYR D 87 -56.38 20.53 26.77
N CYS D 88 -56.64 19.28 26.43
CA CYS D 88 -55.81 18.15 26.83
C CYS D 88 -55.32 17.41 25.59
N GLN D 89 -54.09 16.93 25.66
CA GLN D 89 -53.49 16.19 24.54
C GLN D 89 -52.77 14.98 25.08
N GLN D 90 -52.76 13.91 24.29
CA GLN D 90 -51.80 12.84 24.50
C GLN D 90 -50.55 13.08 23.66
N HIS D 91 -49.39 12.90 24.29
CA HIS D 91 -48.12 12.95 23.57
C HIS D 91 -47.39 11.62 23.72
N TYR D 92 -48.14 10.52 23.68
CA TYR D 92 -47.52 9.19 23.73
C TYR D 92 -47.01 8.77 22.36
N SER D 93 -47.84 8.90 21.33
CA SER D 93 -47.45 8.49 19.99
C SER D 93 -48.20 9.34 18.97
N ARG D 94 -47.57 9.54 17.82
CA ARG D 94 -48.18 10.30 16.75
C ARG D 94 -49.21 9.44 16.00
N PRO D 95 -50.16 10.07 15.30
CA PRO D 95 -50.39 11.52 15.18
C PRO D 95 -51.00 12.13 16.44
N VAL D 96 -50.62 13.36 16.77
CA VAL D 96 -51.15 14.01 17.95
C VAL D 96 -52.53 14.57 17.64
N THR D 97 -53.41 14.57 18.65
CA THR D 97 -54.75 15.13 18.48
C THR D 97 -55.24 15.65 19.82
N PHE D 98 -55.88 16.81 19.78
CA PHE D 98 -56.41 17.46 20.97
C PHE D 98 -57.90 17.20 21.06
N GLY D 99 -58.40 17.03 22.28
CA GLY D 99 -59.82 16.84 22.50
C GLY D 99 -60.62 18.04 22.04
N GLY D 100 -61.93 17.91 22.18
CA GLY D 100 -62.84 18.96 21.74
C GLY D 100 -62.68 20.26 22.50
N GLY D 101 -62.04 20.19 23.67
CA GLY D 101 -61.82 21.38 24.47
C GLY D 101 -62.95 21.63 25.46
N THR D 102 -62.66 22.46 26.45
CA THR D 102 -63.63 22.82 27.47
C THR D 102 -63.44 24.27 27.85
N LYS D 103 -64.51 24.87 28.37
CA LYS D 103 -64.53 26.29 28.71
C LYS D 103 -65.18 26.46 30.08
N VAL D 104 -64.82 27.55 30.75
CA VAL D 104 -65.32 27.87 32.08
C VAL D 104 -66.15 29.14 32.00
N GLU D 105 -67.08 29.29 32.95
CA GLU D 105 -68.01 30.41 32.93
C GLU D 105 -68.41 30.75 34.36
N ILE D 106 -68.98 31.96 34.52
CA ILE D 106 -69.35 32.45 35.84
C ILE D 106 -70.40 31.53 36.47
N LYS D 107 -70.33 31.41 37.79
CA LYS D 107 -71.37 30.71 38.56
C LYS D 107 -72.14 31.71 39.41
N PHE E 8 32.80 -14.95 -7.23
CA PHE E 8 32.32 -15.99 -6.34
C PHE E 8 33.16 -15.99 -5.08
N PHE E 9 32.67 -16.69 -4.05
CA PHE E 9 33.32 -16.65 -2.75
C PHE E 9 34.60 -17.46 -2.74
N GLY E 10 34.65 -18.55 -3.50
CA GLY E 10 35.88 -19.26 -3.76
C GLY E 10 36.65 -18.78 -4.97
N PHE E 11 36.04 -17.90 -5.76
CA PHE E 11 36.74 -17.33 -6.92
C PHE E 11 37.94 -16.49 -6.47
N LEU E 12 37.91 -15.98 -5.25
CA LEU E 12 38.98 -15.17 -4.71
C LEU E 12 40.13 -16.00 -4.15
N GLY E 13 40.04 -17.34 -4.25
CA GLY E 13 41.00 -18.22 -3.62
C GLY E 13 42.44 -17.96 -4.00
N ALA E 14 42.69 -17.44 -5.21
CA ALA E 14 44.06 -17.11 -5.58
C ALA E 14 44.64 -16.05 -4.64
N ALA E 15 43.87 -15.00 -4.36
CA ALA E 15 44.21 -14.01 -3.34
C ALA E 15 45.65 -13.50 -3.48
N GLY E 16 46.55 -13.95 -2.59
CA GLY E 16 47.87 -13.37 -2.51
C GLY E 16 48.86 -13.88 -3.52
N SER E 17 48.56 -14.96 -4.22
CA SER E 17 49.43 -15.43 -5.29
C SER E 17 49.51 -14.35 -6.36
N THR E 18 50.70 -14.17 -6.93
CA THR E 18 50.94 -13.03 -7.79
C THR E 18 50.06 -13.08 -9.04
N MET E 19 50.17 -12.03 -9.86
CA MET E 19 49.26 -11.74 -10.95
C MET E 19 48.88 -12.98 -11.76
N GLY E 20 49.88 -13.75 -12.19
CA GLY E 20 49.62 -14.86 -13.10
C GLY E 20 48.75 -15.95 -12.52
N ALA E 21 48.55 -15.96 -11.21
CA ALA E 21 47.76 -17.01 -10.59
C ALA E 21 46.28 -16.92 -10.95
N ALA E 22 45.83 -15.81 -11.53
CA ALA E 22 44.43 -15.67 -11.89
C ALA E 22 44.00 -16.71 -12.89
N SER E 23 44.94 -17.25 -13.68
CA SER E 23 44.62 -18.25 -14.68
C SER E 23 44.67 -19.68 -14.14
N ASN E 24 44.98 -19.86 -12.86
CA ASN E 24 45.10 -21.18 -12.25
C ASN E 24 43.92 -21.44 -11.33
N THR E 25 43.59 -22.72 -11.15
CA THR E 25 42.43 -23.13 -10.38
C THR E 25 41.16 -22.49 -10.96
N LEU E 26 40.85 -22.89 -12.18
CA LEU E 26 39.85 -22.21 -12.98
C LEU E 26 38.47 -22.27 -12.34
N THR E 27 37.76 -21.15 -12.42
CA THR E 27 36.32 -21.05 -12.14
C THR E 27 35.92 -19.64 -12.55
N VAL E 28 34.65 -19.28 -12.30
CA VAL E 28 34.14 -17.97 -12.67
C VAL E 28 33.37 -17.39 -11.49
N GLN E 29 33.20 -16.08 -11.51
CA GLN E 29 32.60 -15.37 -10.39
C GLN E 29 31.14 -15.80 -10.20
N ALA E 30 30.51 -15.23 -9.18
CA ALA E 30 29.12 -15.51 -8.89
C ALA E 30 28.28 -15.30 -10.14
N ARG E 31 27.44 -16.28 -10.45
CA ARG E 31 26.82 -16.32 -11.77
C ARG E 31 25.97 -15.07 -12.01
N GLN E 32 25.04 -14.78 -11.12
CA GLN E 32 24.14 -13.64 -11.29
C GLN E 32 23.47 -13.29 -9.97
N GLN E 52 10.93 -21.61 -1.34
CA GLN E 52 11.83 -20.50 -1.64
C GLN E 52 11.09 -19.39 -2.38
N GLN E 53 9.76 -19.38 -2.26
CA GLN E 53 8.95 -18.40 -2.98
C GLN E 53 8.80 -17.12 -2.16
N LEU E 54 8.59 -17.25 -0.85
CA LEU E 54 8.59 -16.11 0.08
C LEU E 54 7.39 -15.20 -0.14
N LEU E 55 7.02 -14.45 0.90
CA LEU E 55 5.86 -13.58 0.86
C LEU E 55 6.15 -12.34 0.01
N ARG E 56 5.09 -11.68 -0.41
CA ARG E 56 5.21 -10.53 -1.30
C ARG E 56 5.70 -9.28 -0.58
N LEU E 57 4.92 -8.78 0.40
CA LEU E 57 5.23 -7.50 1.02
C LEU E 57 6.08 -7.63 2.26
N GLY E 58 6.43 -8.85 2.66
CA GLY E 58 7.41 -9.01 3.72
C GLY E 58 8.70 -8.30 3.36
N VAL E 59 9.36 -7.73 4.37
CA VAL E 59 10.53 -6.91 4.12
C VAL E 59 11.60 -7.70 3.38
N TRP E 60 11.78 -8.98 3.74
CA TRP E 60 12.79 -9.79 3.08
C TRP E 60 12.41 -10.09 1.63
N GLY E 61 11.11 -10.18 1.34
CA GLY E 61 10.66 -10.35 -0.03
C GLY E 61 11.11 -9.20 -0.90
N PHE E 62 10.90 -7.97 -0.44
CA PHE E 62 11.40 -6.81 -1.15
C PHE E 62 12.93 -6.78 -1.11
N LYS E 63 13.51 -7.08 0.05
CA LYS E 63 14.96 -6.96 0.21
C LYS E 63 15.70 -7.90 -0.75
N GLN E 64 15.30 -9.18 -0.77
CA GLN E 64 15.91 -10.11 -1.71
C GLN E 64 15.61 -9.71 -3.16
N LEU E 65 14.36 -9.32 -3.43
CA LEU E 65 13.97 -9.01 -4.80
C LEU E 65 14.69 -7.76 -5.30
N GLN E 66 14.71 -6.70 -4.49
CA GLN E 66 15.46 -5.50 -4.89
C GLN E 66 16.95 -5.80 -5.00
N ALA E 67 17.49 -6.57 -4.06
CA ALA E 67 18.92 -6.90 -4.11
C ALA E 67 19.27 -7.70 -5.34
N ARG E 68 18.37 -8.59 -5.79
CA ARG E 68 18.68 -9.40 -6.97
C ARG E 68 18.67 -8.55 -8.24
N VAL E 69 17.75 -7.58 -8.33
CA VAL E 69 17.81 -6.64 -9.45
C VAL E 69 19.09 -5.83 -9.41
N LEU E 70 19.53 -5.46 -8.21
CA LEU E 70 20.83 -4.82 -8.05
C LEU E 70 21.94 -5.76 -8.50
N ALA E 71 21.84 -7.04 -8.14
CA ALA E 71 22.84 -8.01 -8.57
C ALA E 71 22.87 -8.17 -10.08
N LEU E 72 21.70 -8.18 -10.72
CA LEU E 72 21.67 -8.29 -12.19
C LEU E 72 22.35 -7.10 -12.83
N GLU E 73 22.09 -5.89 -12.34
CA GLU E 73 22.72 -4.70 -12.92
C GLU E 73 24.23 -4.72 -12.70
N ARG E 74 24.68 -5.41 -11.67
CA ARG E 74 26.11 -5.47 -11.36
C ARG E 74 26.80 -6.60 -12.12
N TYR E 75 26.08 -7.23 -13.05
CA TYR E 75 26.64 -8.31 -13.86
C TYR E 75 26.64 -7.92 -15.33
N LEU E 76 25.50 -7.42 -15.83
CA LEU E 76 25.42 -7.03 -17.24
C LEU E 76 26.39 -5.92 -17.56
N GLU E 77 26.49 -4.91 -16.70
CA GLU E 77 27.39 -3.79 -16.96
C GLU E 77 28.84 -4.24 -17.07
N VAL E 78 29.19 -5.39 -16.51
CA VAL E 78 30.52 -5.95 -16.70
C VAL E 78 30.60 -6.70 -18.02
N GLN E 79 29.55 -7.45 -18.36
CA GLN E 79 29.56 -8.25 -19.57
C GLN E 79 29.59 -7.39 -20.83
N GLN E 80 28.75 -6.35 -20.87
CA GLN E 80 28.68 -5.54 -22.08
C GLN E 80 30.02 -4.87 -22.38
N LEU E 81 30.81 -4.55 -21.35
CA LEU E 81 32.16 -4.07 -21.59
C LEU E 81 33.00 -5.12 -22.28
N LEU E 82 32.87 -6.38 -21.87
CA LEU E 82 33.56 -7.46 -22.57
C LEU E 82 33.01 -7.64 -23.98
N GLY E 83 31.71 -7.39 -24.18
CA GLY E 83 31.14 -7.42 -25.52
C GLY E 83 31.36 -6.18 -26.33
N ILE E 84 31.93 -5.14 -25.74
CA ILE E 84 32.27 -3.92 -26.46
C ILE E 84 33.78 -3.80 -26.68
N TRP E 85 34.60 -4.44 -25.86
CA TRP E 85 36.04 -4.49 -26.08
C TRP E 85 36.45 -5.63 -27.00
N GLY E 86 35.50 -6.35 -27.57
CA GLY E 86 35.81 -7.50 -28.41
C GLY E 86 36.39 -8.66 -27.63
N CYS E 87 35.84 -8.94 -26.44
CA CYS E 87 36.35 -10.01 -25.59
C CYS E 87 35.25 -10.85 -24.94
N SER E 88 34.00 -10.71 -25.37
CA SER E 88 32.91 -11.46 -24.76
C SER E 88 33.12 -12.96 -24.95
N GLY E 89 32.72 -13.73 -23.95
CA GLY E 89 32.89 -15.16 -23.97
C GLY E 89 34.23 -15.59 -23.40
N LYS E 90 35.31 -15.06 -23.95
CA LYS E 90 36.64 -15.38 -23.44
C LYS E 90 36.88 -14.68 -22.11
N LEU E 91 37.66 -15.36 -21.25
CA LEU E 91 38.00 -14.83 -19.94
C LEU E 91 39.31 -14.03 -19.95
N ILE E 92 40.21 -14.30 -20.88
CA ILE E 92 41.42 -13.51 -21.07
C ILE E 92 41.53 -13.17 -22.55
N CYS E 93 41.75 -11.88 -22.84
CA CYS E 93 41.87 -11.41 -24.21
C CYS E 93 42.97 -10.36 -24.26
N CYS E 94 43.63 -10.26 -25.40
CA CYS E 94 44.62 -9.22 -25.61
C CYS E 94 44.13 -8.22 -26.65
N THR E 95 44.60 -6.98 -26.51
CA THR E 95 44.05 -5.84 -27.22
C THR E 95 45.10 -5.24 -28.15
N THR E 96 44.77 -4.09 -28.74
CA THR E 96 45.56 -3.48 -29.80
C THR E 96 46.35 -2.26 -29.36
N VAL E 97 46.05 -1.68 -28.20
CA VAL E 97 46.67 -0.42 -27.80
C VAL E 97 47.96 -0.68 -27.02
N PRO E 98 48.96 0.19 -27.12
CA PRO E 98 50.17 0.01 -26.32
C PRO E 98 50.07 0.69 -24.96
N TRP E 99 50.95 0.30 -24.06
CA TRP E 99 50.99 0.89 -22.73
C TRP E 99 51.69 2.24 -22.77
N ASN E 100 51.29 3.12 -21.84
CA ASN E 100 51.87 4.45 -21.69
C ASN E 100 52.65 4.52 -20.40
N SER E 101 53.87 5.06 -20.47
CA SER E 101 54.73 5.14 -19.30
C SER E 101 54.14 6.03 -18.21
N THR E 102 53.34 7.03 -18.58
CA THR E 102 52.74 7.91 -17.57
C THR E 102 51.86 7.14 -16.60
N TRP E 103 51.12 6.14 -17.10
CA TRP E 103 50.27 5.34 -16.24
C TRP E 103 51.10 4.57 -15.21
N SER E 104 52.19 3.97 -15.64
CA SER E 104 53.08 3.24 -14.75
C SER E 104 54.35 2.88 -15.49
N ASN E 105 55.50 3.07 -14.82
CA ASN E 105 56.80 2.78 -15.40
C ASN E 105 57.24 1.34 -15.17
N LYS E 106 56.48 0.56 -14.39
CA LYS E 106 56.87 -0.81 -14.09
C LYS E 106 56.58 -1.70 -15.29
N ASN E 107 57.45 -2.69 -15.51
CA ASN E 107 57.35 -3.59 -16.65
C ASN E 107 56.79 -4.94 -16.22
N TYR E 108 56.72 -5.86 -17.19
CA TYR E 108 56.11 -7.17 -16.94
C TYR E 108 56.87 -7.93 -15.87
N THR E 109 58.20 -7.94 -15.94
CA THR E 109 58.99 -8.70 -14.96
C THR E 109 58.87 -8.09 -13.57
N ASP E 110 58.68 -6.77 -13.48
CA ASP E 110 58.59 -6.13 -12.17
C ASP E 110 57.27 -6.38 -11.47
N ILE E 111 56.29 -6.95 -12.17
CA ILE E 111 54.91 -7.03 -11.67
C ILE E 111 54.50 -8.48 -11.42
N TRP E 112 54.51 -9.31 -12.47
CA TRP E 112 53.84 -10.61 -12.39
C TRP E 112 54.45 -11.54 -11.37
N ASP E 113 55.73 -11.39 -11.05
CA ASP E 113 56.38 -12.21 -10.05
C ASP E 113 56.53 -11.51 -8.70
N ASN E 114 55.95 -10.33 -8.53
CA ASN E 114 56.20 -9.52 -7.34
C ASN E 114 54.94 -8.97 -6.69
N MET E 115 53.86 -8.80 -7.45
CA MET E 115 52.70 -8.06 -7.01
C MET E 115 51.42 -8.84 -7.28
N THR E 116 50.35 -8.40 -6.62
CA THR E 116 49.02 -8.97 -6.78
C THR E 116 48.08 -7.91 -7.36
N TRP E 117 46.90 -8.36 -7.77
CA TRP E 117 45.96 -7.47 -8.45
C TRP E 117 45.45 -6.37 -7.52
N LEU E 118 45.32 -6.65 -6.23
CA LEU E 118 44.65 -5.72 -5.32
C LEU E 118 45.36 -4.37 -5.31
N GLN E 119 46.61 -4.34 -4.86
CA GLN E 119 47.34 -3.08 -4.80
C GLN E 119 47.52 -2.46 -6.18
N TRP E 120 47.60 -3.29 -7.22
CA TRP E 120 47.77 -2.78 -8.57
C TRP E 120 46.54 -2.00 -9.01
N ASP E 121 45.35 -2.50 -8.68
CA ASP E 121 44.12 -1.77 -8.97
C ASP E 121 44.07 -0.47 -8.18
N ARG E 122 44.42 -0.53 -6.89
CA ARG E 122 44.40 0.67 -6.06
C ARG E 122 45.45 1.69 -6.49
N GLU E 123 46.41 1.28 -7.31
CA GLU E 123 47.45 2.17 -7.79
C GLU E 123 47.11 2.81 -9.13
N ILE E 124 46.34 2.11 -9.97
CA ILE E 124 46.07 2.56 -11.33
C ILE E 124 44.75 3.30 -11.46
N GLY E 125 43.92 3.32 -10.41
CA GLY E 125 42.54 3.77 -10.56
C GLY E 125 42.40 5.16 -11.13
N ASN E 126 43.45 5.98 -11.02
CA ASN E 126 43.38 7.34 -11.54
C ASN E 126 43.20 7.35 -13.06
N TYR E 127 43.74 6.35 -13.75
CA TYR E 127 43.77 6.35 -15.21
C TYR E 127 42.69 5.49 -15.86
N THR E 128 42.03 4.62 -15.10
CA THR E 128 41.25 3.54 -15.71
C THR E 128 40.23 4.05 -16.70
N ASP E 129 39.70 5.26 -16.49
CA ASP E 129 38.73 5.80 -17.44
C ASP E 129 39.34 6.00 -18.81
N GLU E 130 40.56 6.52 -18.87
CA GLU E 130 41.23 6.72 -20.16
C GLU E 130 41.48 5.39 -20.86
N ILE E 131 41.99 4.40 -20.12
CA ILE E 131 42.27 3.10 -20.72
C ILE E 131 40.99 2.49 -21.27
N TYR E 132 39.88 2.60 -20.53
CA TYR E 132 38.63 1.99 -20.98
C TYR E 132 38.22 2.53 -22.34
N ARG E 133 38.21 3.85 -22.50
CA ARG E 133 37.78 4.43 -23.76
C ARG E 133 38.76 4.15 -24.88
N LEU E 134 40.06 4.10 -24.58
CA LEU E 134 41.04 3.80 -25.62
C LEU E 134 40.84 2.39 -26.18
N ILE E 135 40.53 1.41 -25.32
CA ILE E 135 40.23 0.08 -25.82
C ILE E 135 38.99 0.11 -26.70
N GLU E 136 37.96 0.84 -26.27
CA GLU E 136 36.71 0.88 -27.01
C GLU E 136 36.92 1.42 -28.42
N GLU E 137 37.56 2.58 -28.53
CA GLU E 137 37.80 3.17 -29.84
C GLU E 137 38.79 2.34 -30.64
N SER E 138 39.81 1.78 -29.97
CA SER E 138 40.83 1.02 -30.67
C SER E 138 40.34 -0.35 -31.13
N GLN E 139 39.30 -0.89 -30.49
CA GLN E 139 38.66 -2.11 -31.00
C GLN E 139 37.58 -1.77 -32.02
N PHE E 140 36.91 -0.63 -31.85
CA PHE E 140 35.89 -0.22 -32.81
C PHE E 140 36.52 0.07 -34.17
N GLN E 141 37.68 0.73 -34.18
CA GLN E 141 38.34 1.03 -35.45
C GLN E 141 38.71 -0.24 -36.19
N GLN E 142 38.93 -1.34 -35.47
CA GLN E 142 39.15 -2.62 -36.14
C GLN E 142 37.92 -3.07 -36.92
N GLU E 143 36.73 -2.85 -36.37
CA GLU E 143 35.52 -3.30 -37.05
C GLU E 143 35.30 -2.55 -38.34
N ILE E 144 35.36 -1.22 -38.30
CA ILE E 144 35.21 -0.44 -39.53
C ILE E 144 36.33 -0.75 -40.49
N ASN E 145 37.54 -0.99 -39.97
CA ASN E 145 38.64 -1.43 -40.82
C ASN E 145 38.31 -2.75 -41.49
N GLU E 146 37.72 -3.68 -40.75
CA GLU E 146 37.34 -4.97 -41.32
C GLU E 146 36.29 -4.80 -42.41
N GLN E 147 35.21 -4.09 -42.10
CA GLN E 147 34.14 -3.91 -43.07
C GLN E 147 34.57 -3.05 -44.25
N ASP E 148 35.45 -2.06 -44.01
CA ASP E 148 36.04 -1.34 -45.13
C ASP E 148 36.89 -2.27 -45.98
N LEU E 149 37.65 -3.16 -45.34
CA LEU E 149 38.43 -4.15 -46.08
C LEU E 149 37.52 -5.08 -46.87
N LEU E 150 36.45 -5.56 -46.23
CA LEU E 150 35.53 -6.48 -46.91
C LEU E 150 34.72 -5.79 -47.99
N ALA E 151 34.55 -4.46 -47.92
CA ALA E 151 33.81 -3.76 -48.94
C ALA E 151 34.59 -3.62 -50.25
N LEU E 152 35.90 -3.80 -50.20
CA LEU E 152 36.74 -3.71 -51.40
C LEU E 152 36.33 -4.74 -52.43
N ALA F 3 60.96 -1.08 -22.74
CA ALA F 3 60.01 -2.19 -22.81
C ALA F 3 59.88 -2.70 -24.24
N GLU F 4 59.05 -3.72 -24.42
CA GLU F 4 58.82 -4.31 -25.73
C GLU F 4 57.58 -3.73 -26.38
N ASN F 5 57.28 -2.46 -26.08
CA ASN F 5 56.03 -1.84 -26.52
C ASN F 5 54.84 -2.68 -26.06
N LEU F 6 54.81 -2.96 -24.75
CA LEU F 6 53.79 -3.85 -24.21
C LEU F 6 52.40 -3.26 -24.39
N TRP F 7 51.43 -4.15 -24.52
CA TRP F 7 50.09 -3.81 -24.98
C TRP F 7 49.07 -4.09 -23.88
N VAL F 8 48.07 -3.21 -23.77
CA VAL F 8 47.04 -3.37 -22.74
C VAL F 8 46.34 -4.70 -22.93
N THR F 9 46.05 -5.37 -21.82
CA THR F 9 45.44 -6.69 -21.82
C THR F 9 44.40 -6.77 -20.73
N VAL F 10 43.27 -7.42 -21.04
CA VAL F 10 42.14 -7.52 -20.13
C VAL F 10 42.08 -8.93 -19.59
N TYR F 11 42.05 -9.06 -18.26
CA TYR F 11 41.85 -10.34 -17.59
C TYR F 11 40.53 -10.28 -16.83
N TYR F 12 39.56 -11.06 -17.28
CA TYR F 12 38.25 -11.13 -16.65
C TYR F 12 38.30 -12.15 -15.52
N GLY F 13 38.21 -11.67 -14.29
CA GLY F 13 38.22 -12.52 -13.12
C GLY F 13 39.36 -12.30 -12.16
N VAL F 14 39.89 -11.09 -12.04
CA VAL F 14 41.06 -10.86 -11.20
C VAL F 14 40.62 -10.81 -9.74
N PRO F 15 41.40 -11.37 -8.79
CA PRO F 15 41.02 -11.25 -7.37
C PRO F 15 41.28 -9.86 -6.80
N VAL F 16 40.33 -8.94 -7.02
CA VAL F 16 40.41 -7.60 -6.43
C VAL F 16 39.00 -7.22 -5.99
N TRP F 17 38.92 -6.35 -4.98
CA TRP F 17 37.64 -6.02 -4.37
C TRP F 17 37.65 -4.56 -3.94
N ARG F 18 36.48 -4.10 -3.49
CA ARG F 18 36.28 -2.70 -3.12
C ARG F 18 35.19 -2.62 -2.06
N GLU F 19 35.38 -1.73 -1.09
CA GLU F 19 34.37 -1.51 -0.06
C GLU F 19 33.13 -0.89 -0.68
N ALA F 20 31.96 -1.29 -0.20
CA ALA F 20 30.70 -0.83 -0.78
C ALA F 20 29.59 -0.91 0.26
N ASP F 21 28.51 -0.19 -0.03
CA ASP F 21 27.26 -0.27 0.72
C ASP F 21 26.22 -0.96 -0.14
N THR F 22 25.56 -1.98 0.42
CA THR F 22 24.66 -2.81 -0.36
C THR F 22 23.53 -3.32 0.53
N THR F 23 22.51 -3.88 -0.12
CA THR F 23 21.32 -4.37 0.56
C THR F 23 21.50 -5.85 0.86
N LEU F 24 21.73 -6.16 2.13
CA LEU F 24 21.80 -7.56 2.55
C LEU F 24 20.39 -8.09 2.80
N PHE F 25 20.28 -9.42 2.90
CA PHE F 25 18.99 -10.06 3.15
C PHE F 25 19.17 -11.24 4.08
N CYS F 26 18.04 -11.71 4.59
CA CYS F 26 18.03 -12.71 5.66
C CYS F 26 18.41 -14.09 5.15
N ALA F 27 18.89 -14.93 6.07
CA ALA F 27 19.05 -16.36 5.85
C ALA F 27 19.12 -17.02 7.22
N SER F 28 18.51 -18.21 7.32
CA SER F 28 18.39 -18.88 8.61
C SER F 28 18.44 -20.38 8.42
N ASP F 29 18.73 -21.08 9.51
CA ASP F 29 18.83 -22.53 9.49
C ASP F 29 17.45 -23.15 9.31
N ALA F 30 17.43 -24.38 8.81
CA ALA F 30 16.19 -25.11 8.59
C ALA F 30 16.33 -26.56 9.04
N THR F 35 13.30 -22.32 11.54
CA THR F 35 13.08 -23.65 11.00
C THR F 35 11.67 -24.15 11.27
N GLU F 36 11.03 -23.58 12.28
CA GLU F 36 9.70 -24.03 12.69
C GLU F 36 9.02 -22.92 13.47
N ALA F 37 7.70 -23.06 13.62
CA ALA F 37 6.89 -22.15 14.43
C ALA F 37 6.82 -20.76 13.82
N HIS F 38 5.85 -19.96 14.26
CA HIS F 38 5.64 -18.61 13.77
C HIS F 38 6.18 -17.63 14.80
N ASN F 39 7.05 -16.73 14.37
CA ASN F 39 7.72 -15.78 15.26
C ASN F 39 7.56 -14.37 14.72
N VAL F 40 7.92 -13.40 15.55
CA VAL F 40 7.88 -12.00 15.14
C VAL F 40 8.81 -11.78 13.96
N TRP F 41 9.95 -12.46 13.95
CA TRP F 41 10.89 -12.33 12.84
C TRP F 41 10.28 -12.94 11.60
N ALA F 42 10.50 -12.28 10.46
CA ALA F 42 10.06 -12.83 9.18
C ALA F 42 11.04 -13.88 8.71
N THR F 43 11.20 -14.94 9.51
CA THR F 43 12.16 -15.99 9.23
C THR F 43 11.54 -17.08 8.38
N HIS F 44 10.51 -16.75 7.61
CA HIS F 44 9.79 -17.72 6.81
C HIS F 44 10.68 -18.14 5.65
N ALA F 45 11.66 -18.98 5.96
CA ALA F 45 12.56 -19.63 5.00
C ALA F 45 13.63 -18.70 4.43
N CYS F 46 13.52 -17.38 4.69
CA CYS F 46 14.46 -16.38 4.18
C CYS F 46 15.16 -16.83 2.91
N VAL F 47 16.40 -17.28 3.05
CA VAL F 47 17.07 -18.12 2.05
C VAL F 47 17.64 -19.31 2.82
N PRO F 48 17.64 -20.52 2.27
CA PRO F 48 18.18 -21.66 3.04
C PRO F 48 19.62 -21.44 3.43
N THR F 49 19.98 -21.93 4.62
CA THR F 49 21.33 -21.77 5.13
C THR F 49 22.35 -22.43 4.20
N ASP F 50 23.62 -22.15 4.46
CA ASP F 50 24.68 -22.60 3.57
C ASP F 50 24.90 -24.09 3.73
N PRO F 51 24.81 -24.89 2.64
CA PRO F 51 25.26 -26.29 2.73
C PRO F 51 26.77 -26.37 2.86
N ASN F 52 27.26 -26.81 4.02
CA ASN F 52 28.70 -26.82 4.28
C ASN F 52 29.26 -25.43 4.02
N PRO F 53 29.02 -24.45 4.91
CA PRO F 53 29.41 -23.06 4.62
C PRO F 53 30.87 -22.93 4.21
N GLN F 54 31.11 -22.16 3.14
CA GLN F 54 32.43 -22.10 2.52
C GLN F 54 33.17 -20.85 2.97
N GLU F 55 33.94 -21.02 4.05
CA GLU F 55 34.86 -19.98 4.51
C GLU F 55 36.18 -20.13 3.77
N ILE F 56 36.36 -19.36 2.70
CA ILE F 56 37.54 -19.46 1.86
C ILE F 56 38.57 -18.46 2.35
N TYR F 57 39.78 -18.96 2.65
CA TYR F 57 40.79 -18.11 3.25
C TYR F 57 41.53 -17.30 2.19
N LEU F 58 41.65 -16.00 2.43
CA LEU F 58 42.37 -15.09 1.55
C LEU F 58 43.77 -14.86 2.11
N GLU F 59 44.64 -15.85 1.90
CA GLU F 59 45.96 -15.83 2.50
C GLU F 59 46.80 -14.69 1.93
N ASN F 60 47.75 -14.23 2.75
CA ASN F 60 48.81 -13.30 2.33
C ASN F 60 48.29 -11.89 2.03
N VAL F 61 46.98 -11.66 2.14
CA VAL F 61 46.42 -10.37 1.75
C VAL F 61 46.10 -9.56 3.00
N THR F 62 46.63 -8.34 3.05
CA THR F 62 46.34 -7.44 4.16
C THR F 62 45.00 -6.74 3.92
N GLU F 63 44.20 -6.64 4.98
CA GLU F 63 42.92 -5.95 4.89
C GLU F 63 42.61 -5.31 6.24
N ASN F 64 41.75 -4.29 6.19
CA ASN F 64 41.44 -3.46 7.34
C ASN F 64 39.95 -3.50 7.65
N PHE F 65 39.63 -3.37 8.93
CA PHE F 65 38.24 -3.35 9.39
C PHE F 65 38.05 -2.18 10.33
N ASN F 66 36.82 -1.67 10.38
CA ASN F 66 36.47 -0.57 11.27
C ASN F 66 35.00 -0.78 11.68
N MET F 67 34.82 -1.44 12.83
CA MET F 67 33.49 -1.76 13.30
C MET F 67 32.67 -0.51 13.60
N TRP F 68 33.33 0.61 13.92
CA TRP F 68 32.64 1.83 14.31
C TRP F 68 32.22 2.69 13.12
N LYS F 69 32.68 2.36 11.91
CA LYS F 69 32.19 2.98 10.69
C LYS F 69 31.59 1.97 9.73
N ASN F 70 31.48 0.71 10.12
CA ASN F 70 30.85 -0.30 9.27
C ASN F 70 29.39 0.06 9.02
N ASN F 71 28.97 -0.07 7.76
CA ASN F 71 27.61 0.30 7.39
C ASN F 71 26.60 -0.76 7.82
N MET F 72 27.06 -1.96 8.19
CA MET F 72 26.14 -3.06 8.48
C MET F 72 25.21 -2.71 9.63
N VAL F 73 25.76 -2.22 10.74
CA VAL F 73 24.95 -2.00 11.94
C VAL F 73 23.90 -0.92 11.68
N GLU F 74 24.30 0.17 11.01
CA GLU F 74 23.37 1.28 10.81
C GLU F 74 22.18 0.84 9.97
N GLN F 75 22.43 0.17 8.86
CA GLN F 75 21.35 -0.26 7.97
C GLN F 75 20.55 -1.42 8.55
N MET F 76 21.04 -2.08 9.61
CA MET F 76 20.34 -3.20 10.22
C MET F 76 19.50 -2.78 11.42
N HIS F 77 20.04 -1.93 12.29
CA HIS F 77 19.25 -1.45 13.43
C HIS F 77 18.05 -0.64 12.96
N THR F 78 18.19 0.06 11.84
CA THR F 78 17.08 0.77 11.22
C THR F 78 16.17 -0.19 10.45
N ASP F 79 16.53 -1.47 10.37
CA ASP F 79 15.74 -2.46 9.65
C ASP F 79 15.12 -3.46 10.63
N ILE F 80 15.80 -3.72 11.74
CA ILE F 80 15.24 -4.63 12.75
C ILE F 80 13.99 -4.03 13.35
N ILE F 81 13.95 -2.70 13.50
CA ILE F 81 12.76 -2.04 14.01
C ILE F 81 11.57 -2.29 13.09
N SER F 82 11.83 -2.42 11.78
CA SER F 82 10.75 -2.66 10.85
C SER F 82 10.10 -4.02 11.07
N LEU F 83 10.89 -5.02 11.46
CA LEU F 83 10.32 -6.34 11.72
C LEU F 83 9.24 -6.28 12.79
N TRP F 84 9.55 -5.63 13.92
CA TRP F 84 8.55 -5.49 14.97
C TRP F 84 7.37 -4.67 14.49
N ASP F 85 7.63 -3.54 13.83
CA ASP F 85 6.55 -2.71 13.30
C ASP F 85 5.73 -3.46 12.26
N GLU F 86 6.41 -4.16 11.36
CA GLU F 86 5.70 -4.88 10.30
C GLU F 86 4.95 -6.07 10.86
N SER F 87 5.47 -6.70 11.92
CA SER F 87 4.82 -7.84 12.52
C SER F 87 3.67 -7.47 13.45
N LEU F 88 3.74 -6.32 14.11
CA LEU F 88 2.73 -5.91 15.08
C LEU F 88 1.67 -4.99 14.49
N LYS F 89 1.71 -4.72 13.18
CA LYS F 89 0.67 -3.92 12.54
C LYS F 89 -0.74 -4.51 12.68
N PRO F 90 -0.95 -5.84 12.59
CA PRO F 90 -2.32 -6.34 12.76
C PRO F 90 -2.78 -6.42 14.20
N CYS F 91 -1.86 -6.50 15.16
CA CYS F 91 -2.22 -6.80 16.53
C CYS F 91 -3.05 -5.68 17.15
N VAL F 92 -3.77 -6.03 18.21
CA VAL F 92 -4.70 -5.11 18.83
C VAL F 92 -3.95 -3.94 19.45
N LYS F 93 -4.43 -2.73 19.20
CA LYS F 93 -3.99 -1.56 19.95
C LYS F 93 -4.91 -1.37 21.15
N LEU F 94 -4.32 -1.16 22.32
CA LEU F 94 -5.07 -1.07 23.57
C LEU F 94 -5.59 0.34 23.85
N THR F 95 -5.77 1.16 22.81
CA THR F 95 -6.34 2.49 22.98
C THR F 95 -7.64 2.50 23.79
N PRO F 96 -8.61 1.63 23.55
CA PRO F 96 -9.82 1.65 24.39
C PRO F 96 -9.55 1.36 25.85
N LEU F 97 -8.44 0.71 26.19
CA LEU F 97 -8.14 0.38 27.58
C LEU F 97 -7.73 1.59 28.40
N CYS F 98 -7.45 2.72 27.77
CA CYS F 98 -7.04 3.92 28.53
C CYS F 98 -8.25 4.48 29.26
N VAL F 99 -8.40 4.08 30.52
CA VAL F 99 -9.51 4.49 31.36
C VAL F 99 -9.01 4.66 32.78
N THR F 100 -9.81 5.32 33.60
CA THR F 100 -9.49 5.42 35.02
C THR F 100 -9.57 4.04 35.67
N LEU F 101 -8.64 3.75 36.56
CA LEU F 101 -8.57 2.47 37.24
C LEU F 101 -8.79 2.67 38.73
N ASP F 102 -9.83 2.04 39.26
CA ASP F 102 -9.97 1.92 40.71
C ASP F 102 -8.94 0.92 41.21
N CYS F 103 -8.21 1.30 42.26
CA CYS F 103 -7.09 0.48 42.71
C CYS F 103 -7.00 0.53 44.23
N GLN F 104 -6.67 -0.62 44.81
CA GLN F 104 -6.34 -0.73 46.22
C GLN F 104 -5.20 -1.72 46.38
N ALA F 105 -4.52 -1.63 47.52
CA ALA F 105 -3.34 -2.46 47.75
C ALA F 105 -3.69 -3.93 47.63
N PHE F 106 -2.83 -4.67 46.94
CA PHE F 106 -3.07 -6.09 46.69
C PHE F 106 -2.84 -6.91 47.96
N ASN F 107 -3.70 -7.90 48.15
CA ASN F 107 -3.47 -8.92 49.18
C ASN F 107 -4.03 -10.25 48.68
N SER F 108 -3.41 -11.32 49.14
CA SER F 108 -3.87 -12.68 48.88
C SER F 108 -3.23 -13.59 49.92
N SER F 109 -3.68 -14.83 49.96
CA SER F 109 -3.11 -15.80 50.90
C SER F 109 -1.61 -15.93 50.64
N SER F 110 -0.83 -15.88 51.72
CA SER F 110 0.63 -15.92 51.62
C SER F 110 1.10 -17.21 50.94
N ALA F 117 1.24 -9.18 50.82
CA ALA F 117 2.60 -9.01 51.32
C ALA F 117 3.59 -8.75 50.19
N MET F 118 3.17 -9.02 48.95
CA MET F 118 4.04 -8.87 47.78
C MET F 118 3.87 -7.47 47.22
N GLN F 119 4.96 -6.69 47.21
CA GLN F 119 4.92 -5.30 46.79
C GLN F 119 4.75 -5.15 45.29
N GLU F 120 4.66 -3.91 44.83
CA GLU F 120 4.74 -3.51 43.42
C GLU F 120 3.48 -3.82 42.62
N MET F 121 2.30 -3.95 43.25
CA MET F 121 1.10 -4.29 42.52
C MET F 121 -0.14 -3.79 43.24
N LYS F 122 -1.25 -3.74 42.49
CA LYS F 122 -2.55 -3.35 43.00
C LYS F 122 -3.64 -4.08 42.21
N ASN F 123 -4.60 -4.64 42.92
CA ASN F 123 -5.72 -5.35 42.28
C ASN F 123 -6.75 -4.32 41.76
N CYS F 124 -6.43 -3.75 40.61
CA CYS F 124 -7.21 -2.65 40.08
C CYS F 124 -8.47 -3.14 39.38
N SER F 125 -9.57 -2.40 39.54
CA SER F 125 -10.82 -2.63 38.83
C SER F 125 -11.13 -1.39 38.00
N PHE F 126 -11.75 -1.60 36.84
CA PHE F 126 -11.90 -0.51 35.88
C PHE F 126 -13.06 -0.81 34.95
N ASN F 127 -13.52 0.25 34.27
CA ASN F 127 -14.62 0.17 33.32
C ASN F 127 -14.05 0.05 31.90
N VAL F 128 -14.54 -0.92 31.14
CA VAL F 128 -14.21 -1.04 29.73
C VAL F 128 -15.48 -1.33 28.95
N THR F 129 -15.45 -0.99 27.66
CA THR F 129 -16.54 -1.34 26.78
C THR F 129 -16.57 -2.86 26.56
N THR F 130 -17.77 -3.43 26.52
CA THR F 130 -17.92 -4.84 26.25
C THR F 130 -17.80 -5.07 24.74
N GLU F 131 -18.18 -6.26 24.26
CA GLU F 131 -18.07 -6.56 22.84
C GLU F 131 -18.77 -5.49 22.01
N LEU F 132 -19.88 -4.96 22.50
CA LEU F 132 -20.58 -3.87 21.84
C LEU F 132 -19.91 -2.54 22.16
N ARG F 133 -20.19 -1.53 21.33
CA ARG F 133 -19.56 -0.23 21.49
C ARG F 133 -20.16 0.57 22.64
N ASP F 134 -21.45 0.37 22.94
CA ASP F 134 -22.19 1.25 23.83
C ASP F 134 -22.67 0.56 25.10
N LYS F 135 -21.97 -0.47 25.57
CA LYS F 135 -22.32 -1.17 26.81
C LYS F 135 -21.04 -1.39 27.61
N LYS F 136 -20.89 -0.64 28.70
CA LYS F 136 -19.73 -0.79 29.56
C LYS F 136 -19.83 -2.06 30.38
N LYS F 137 -18.71 -2.47 30.96
CA LYS F 137 -18.64 -3.66 31.78
C LYS F 137 -17.61 -3.45 32.90
N LYS F 138 -17.87 -4.05 34.05
CA LYS F 138 -16.93 -4.01 35.16
C LYS F 138 -15.90 -5.13 34.98
N GLU F 139 -14.63 -4.77 34.96
CA GLU F 139 -13.55 -5.73 34.81
C GLU F 139 -12.40 -5.34 35.72
N TYR F 140 -11.58 -6.33 36.06
CA TYR F 140 -10.47 -6.12 36.98
C TYR F 140 -9.30 -6.97 36.52
N SER F 141 -8.11 -6.57 36.93
CA SER F 141 -6.92 -7.34 36.63
C SER F 141 -5.75 -6.75 37.40
N LEU F 142 -4.73 -7.57 37.58
CA LEU F 142 -3.58 -7.14 38.36
C LEU F 142 -2.62 -6.34 37.48
N PHE F 143 -1.94 -5.38 38.10
CA PHE F 143 -1.01 -4.52 37.38
C PHE F 143 0.23 -4.28 38.22
N TYR F 144 1.37 -4.23 37.54
CA TYR F 144 2.64 -3.95 38.19
C TYR F 144 2.75 -2.45 38.47
N LYS F 145 3.24 -2.11 39.67
CA LYS F 145 3.28 -0.71 40.07
C LYS F 145 4.15 0.12 39.12
N LEU F 146 5.14 -0.50 38.49
CA LEU F 146 6.03 0.25 37.60
C LEU F 146 5.27 0.82 36.40
N ASP F 147 4.20 0.14 35.97
CA ASP F 147 3.49 0.51 34.75
C ASP F 147 2.16 1.20 35.02
N ILE F 148 1.95 1.70 36.24
CA ILE F 148 0.72 2.39 36.61
C ILE F 148 1.08 3.66 37.36
N VAL F 149 0.22 4.67 37.23
CA VAL F 149 0.45 5.97 37.86
C VAL F 149 -0.84 6.43 38.52
N GLN F 150 -0.69 7.34 39.49
CA GLN F 150 -1.84 7.96 40.13
C GLN F 150 -2.25 9.22 39.38
N ILE F 151 -3.55 9.40 39.20
CA ILE F 151 -4.05 10.64 38.59
C ILE F 151 -3.87 11.81 39.53
N ASN F 152 -4.10 11.60 40.82
CA ASN F 152 -3.99 12.67 41.81
C ASN F 152 -3.42 12.11 43.10
N LYS F 153 -2.93 13.02 43.95
CA LYS F 153 -2.33 12.66 45.22
C LYS F 153 -3.34 12.11 46.21
N ASN F 154 -4.64 12.21 45.94
CA ASN F 154 -5.65 11.74 46.89
C ASN F 154 -5.49 10.27 47.21
N GLY F 155 -4.92 9.48 46.31
CA GLY F 155 -4.67 8.08 46.56
C GLY F 155 -5.65 7.10 45.95
N ARG F 156 -6.25 7.43 44.81
CA ARG F 156 -7.22 6.56 44.18
C ARG F 156 -7.34 6.98 42.71
N GLN F 157 -8.03 6.17 41.92
CA GLN F 157 -8.18 6.45 40.49
C GLN F 157 -6.84 6.54 39.77
N TYR F 158 -6.13 5.43 39.68
CA TYR F 158 -4.84 5.37 39.00
C TYR F 158 -5.07 5.29 37.48
N ARG F 159 -3.96 5.27 36.74
CA ARG F 159 -4.00 5.31 35.28
C ARG F 159 -2.80 4.56 34.73
N LEU F 160 -2.93 4.08 33.50
CA LEU F 160 -1.80 3.46 32.81
C LEU F 160 -0.75 4.50 32.44
N ILE F 161 0.49 4.05 32.29
CA ILE F 161 1.60 4.95 32.01
C ILE F 161 1.53 5.52 30.59
N ASN F 162 1.16 4.70 29.62
CA ASN F 162 1.37 5.04 28.21
C ASN F 162 0.31 5.93 27.61
N CYS F 163 -0.78 6.21 28.33
CA CYS F 163 -1.92 6.87 27.70
C CYS F 163 -1.66 8.35 27.41
N ASN F 164 -0.72 8.98 28.09
CA ASN F 164 -0.47 10.40 27.88
C ASN F 164 0.59 10.68 26.82
N THR F 165 1.20 9.64 26.25
CA THR F 165 2.09 9.82 25.10
C THR F 165 1.57 9.05 23.89
N SER F 166 1.20 7.78 24.07
CA SER F 166 0.68 6.98 22.97
C SER F 166 0.12 5.69 23.51
N ALA F 167 -1.12 5.36 23.14
CA ALA F 167 -1.63 4.02 23.35
C ALA F 167 -0.97 3.08 22.37
N CYS F 168 -0.52 1.92 22.86
CA CYS F 168 0.44 1.12 22.12
C CYS F 168 0.01 -0.34 22.08
N THR F 169 0.58 -1.06 21.11
CA THR F 169 0.10 -2.37 20.74
C THR F 169 0.35 -3.40 21.82
N GLN F 170 -0.56 -4.37 21.92
CA GLN F 170 -0.29 -5.59 22.67
C GLN F 170 0.30 -6.62 21.72
N ILE F 171 1.35 -7.30 22.17
CA ILE F 171 1.95 -8.34 21.35
C ILE F 171 1.01 -9.53 21.31
N CYS F 172 0.67 -9.97 20.10
CA CYS F 172 -0.23 -11.10 19.94
C CYS F 172 0.39 -12.36 20.53
N PRO F 173 -0.28 -13.06 21.44
CA PRO F 173 0.34 -14.25 22.04
C PRO F 173 0.62 -15.36 21.04
N LYS F 174 -0.09 -15.40 19.92
CA LYS F 174 0.08 -16.48 18.96
C LYS F 174 1.41 -16.40 18.22
N VAL F 175 2.08 -15.25 18.26
CA VAL F 175 3.39 -15.08 17.62
C VAL F 175 4.44 -14.96 18.71
N SER F 176 5.49 -15.77 18.62
CA SER F 176 6.59 -15.73 19.55
C SER F 176 7.63 -14.71 19.10
N PHE F 177 8.52 -14.35 20.02
CA PHE F 177 9.61 -13.43 19.70
C PHE F 177 10.93 -13.85 20.33
N GLU F 178 11.10 -15.14 20.61
CA GLU F 178 12.39 -15.61 21.09
C GLU F 178 13.43 -15.51 19.96
N PRO F 179 14.65 -15.06 20.26
CA PRO F 179 15.66 -14.93 19.19
C PRO F 179 15.99 -16.27 18.55
N ILE F 180 16.33 -16.20 17.27
CA ILE F 180 16.80 -17.35 16.50
C ILE F 180 17.99 -16.92 15.65
N PRO F 181 18.86 -17.86 15.28
CA PRO F 181 20.02 -17.49 14.46
C PRO F 181 19.60 -16.90 13.13
N ILE F 182 20.17 -15.74 12.80
CA ILE F 182 19.92 -15.05 11.55
C ILE F 182 21.25 -14.85 10.83
N HIS F 183 21.32 -15.31 9.59
CA HIS F 183 22.50 -15.15 8.75
C HIS F 183 22.26 -13.99 7.79
N PHE F 184 23.20 -13.05 7.75
CA PHE F 184 23.12 -11.90 6.86
C PHE F 184 23.96 -12.20 5.62
N CYS F 185 23.30 -12.30 4.47
CA CYS F 185 23.93 -12.71 3.22
C CYS F 185 24.08 -11.51 2.31
N ALA F 186 25.29 -11.31 1.77
CA ALA F 186 25.48 -10.30 0.76
C ALA F 186 24.99 -10.81 -0.60
N PRO F 187 24.48 -9.94 -1.46
CA PRO F 187 23.95 -10.39 -2.75
C PRO F 187 25.06 -10.83 -3.68
N ALA F 188 24.66 -11.52 -4.74
CA ALA F 188 25.62 -12.01 -5.72
C ALA F 188 26.40 -10.85 -6.32
N GLY F 189 27.70 -11.08 -6.53
CA GLY F 189 28.60 -10.03 -6.96
C GLY F 189 29.32 -9.34 -5.82
N PHE F 190 28.83 -9.45 -4.60
CA PHE F 190 29.50 -8.95 -3.42
C PHE F 190 30.05 -10.12 -2.60
N ALA F 191 30.71 -9.79 -1.49
CA ALA F 191 31.24 -10.80 -0.60
C ALA F 191 31.36 -10.23 0.80
N ILE F 192 31.46 -11.12 1.78
CA ILE F 192 31.62 -10.76 3.18
C ILE F 192 32.97 -11.29 3.65
N LEU F 193 33.88 -10.38 3.97
CA LEU F 193 35.18 -10.77 4.50
C LEU F 193 35.09 -10.92 6.01
N LYS F 194 35.92 -11.82 6.55
CA LYS F 194 35.92 -12.12 7.98
C LYS F 194 37.32 -11.94 8.53
N CYS F 195 37.44 -11.22 9.64
CA CYS F 195 38.72 -11.08 10.32
C CYS F 195 38.88 -12.18 11.35
N ASN F 196 40.05 -12.83 11.35
CA ASN F 196 40.31 -13.99 12.20
C ASN F 196 41.46 -13.75 13.18
N GLU F 197 41.84 -12.50 13.42
CA GLU F 197 42.94 -12.23 14.34
C GLU F 197 42.55 -12.60 15.76
N LYS F 198 43.55 -13.00 16.55
CA LYS F 198 43.31 -13.42 17.92
C LYS F 198 43.01 -12.23 18.83
N HIS F 199 43.64 -11.08 18.58
CA HIS F 199 43.60 -9.95 19.49
C HIS F 199 43.20 -8.67 18.76
N PHE F 200 42.13 -8.73 17.97
CA PHE F 200 41.68 -7.59 17.18
C PHE F 200 40.76 -6.70 18.01
N ASN F 201 41.14 -5.42 18.16
CA ASN F 201 40.49 -4.49 19.07
C ASN F 201 39.62 -3.46 18.35
N GLY F 202 38.91 -3.88 17.29
CA GLY F 202 37.87 -3.08 16.68
C GLY F 202 38.28 -2.28 15.46
N THR F 203 39.57 -2.03 15.27
CA THR F 203 40.03 -1.21 14.15
C THR F 203 41.41 -1.67 13.71
N GLY F 204 41.77 -1.28 12.49
CA GLY F 204 43.10 -1.54 11.97
C GLY F 204 43.15 -2.76 11.08
N PRO F 205 44.36 -3.19 10.72
CA PRO F 205 44.52 -4.32 9.81
C PRO F 205 44.25 -5.66 10.49
N CYS F 206 44.00 -6.66 9.64
CA CYS F 206 43.89 -8.05 10.05
C CYS F 206 44.88 -8.86 9.24
N LYS F 207 45.83 -9.51 9.93
CA LYS F 207 46.84 -10.29 9.22
C LYS F 207 46.24 -11.56 8.60
N ASN F 208 45.25 -12.15 9.24
CA ASN F 208 44.58 -13.35 8.74
C ASN F 208 43.13 -12.98 8.45
N VAL F 209 42.70 -13.21 7.21
CA VAL F 209 41.38 -12.82 6.74
C VAL F 209 40.85 -13.89 5.81
N SER F 210 39.52 -14.06 5.82
CA SER F 210 38.85 -15.01 4.95
C SER F 210 37.58 -14.33 4.41
N THR F 211 36.75 -15.11 3.72
CA THR F 211 35.51 -14.58 3.16
C THR F 211 34.45 -15.68 3.18
N VAL F 212 33.19 -15.24 3.26
CA VAL F 212 32.05 -16.14 3.30
C VAL F 212 30.90 -15.52 2.50
N GLN F 213 29.95 -16.37 2.14
CA GLN F 213 28.73 -15.88 1.49
C GLN F 213 27.79 -15.21 2.49
N CYS F 214 27.79 -15.69 3.73
CA CYS F 214 26.92 -15.14 4.76
C CYS F 214 27.62 -15.23 6.10
N THR F 215 27.23 -14.34 7.01
CA THR F 215 27.75 -14.36 8.36
C THR F 215 27.25 -15.60 9.10
N HIS F 216 27.98 -15.99 10.14
CA HIS F 216 27.50 -17.08 10.98
C HIS F 216 26.32 -16.59 11.83
N GLY F 217 25.81 -17.49 12.66
CA GLY F 217 24.63 -17.19 13.44
C GLY F 217 24.77 -15.96 14.32
N ILE F 218 23.91 -14.97 14.11
CA ILE F 218 23.79 -13.81 14.97
C ILE F 218 22.37 -13.78 15.52
N LYS F 219 22.26 -13.71 16.84
CA LYS F 219 20.97 -13.84 17.50
C LYS F 219 20.39 -12.46 17.79
N PRO F 220 19.19 -12.12 17.32
CA PRO F 220 18.62 -10.81 17.65
C PRO F 220 18.25 -10.67 19.12
N VAL F 221 19.24 -10.80 20.00
CA VAL F 221 18.99 -10.63 21.43
C VAL F 221 18.97 -9.14 21.76
N VAL F 222 18.03 -8.75 22.62
CA VAL F 222 17.91 -7.37 23.08
C VAL F 222 18.20 -7.36 24.58
N SER F 223 19.21 -6.59 24.97
CA SER F 223 19.60 -6.51 26.38
C SER F 223 20.40 -5.25 26.59
N THR F 224 20.57 -4.88 27.86
CA THR F 224 21.30 -3.67 28.22
C THR F 224 22.18 -3.95 29.43
N GLN F 225 23.38 -3.37 29.40
CA GLN F 225 24.40 -3.49 30.43
C GLN F 225 25.08 -4.85 30.44
N LEU F 226 24.54 -5.82 29.72
CA LEU F 226 25.11 -7.15 29.59
C LEU F 226 24.64 -7.77 28.28
N LEU F 227 25.59 -8.33 27.52
CA LEU F 227 25.20 -9.15 26.40
C LEU F 227 24.71 -10.50 26.88
N LEU F 228 23.83 -11.12 26.11
CA LEU F 228 23.29 -12.43 26.43
C LEU F 228 23.29 -13.29 25.18
N ASN F 229 23.74 -14.53 25.33
CA ASN F 229 23.74 -15.49 24.22
C ASN F 229 24.48 -14.94 23.01
N GLY F 230 25.63 -14.31 23.25
CA GLY F 230 26.42 -13.76 22.18
C GLY F 230 27.38 -14.80 21.61
N SER F 231 28.22 -14.33 20.68
CA SER F 231 29.25 -15.16 20.08
C SER F 231 30.49 -15.12 20.97
N LEU F 232 30.91 -16.29 21.45
CA LEU F 232 31.98 -16.36 22.43
C LEU F 232 33.34 -16.17 21.80
N ALA F 233 34.18 -15.39 22.46
CA ALA F 233 35.58 -15.28 22.05
C ALA F 233 36.31 -16.56 22.40
N GLU F 234 37.11 -17.06 21.46
CA GLU F 234 37.75 -18.36 21.65
C GLU F 234 38.73 -18.34 22.81
N GLU F 235 39.48 -17.26 22.98
CA GLU F 235 40.42 -17.18 24.09
C GLU F 235 40.77 -15.72 24.35
N GLU F 236 41.07 -15.42 25.61
CA GLU F 236 41.48 -14.09 26.05
C GLU F 236 40.36 -13.07 25.87
N VAL F 237 39.99 -12.39 26.95
CA VAL F 237 38.99 -11.33 26.87
C VAL F 237 39.58 -10.13 26.14
N VAL F 238 38.72 -9.38 25.46
CA VAL F 238 39.14 -8.22 24.69
C VAL F 238 38.17 -7.08 24.98
N ILE F 239 38.67 -5.85 24.84
CA ILE F 239 37.88 -4.64 25.05
C ILE F 239 38.02 -3.78 23.80
N ARG F 240 36.89 -3.31 23.28
CA ARG F 240 36.84 -2.62 22.00
C ARG F 240 36.14 -1.28 22.18
N SER F 241 36.66 -0.24 21.53
CA SER F 241 36.11 1.09 21.70
C SER F 241 36.46 1.95 20.48
N GLU F 242 35.65 2.98 20.26
CA GLU F 242 36.00 3.98 19.25
C GLU F 242 37.30 4.67 19.60
N ASN F 243 37.44 5.08 20.86
CA ASN F 243 38.67 5.72 21.33
C ASN F 243 38.68 5.63 22.85
N ILE F 244 39.68 4.95 23.39
CA ILE F 244 39.71 4.70 24.84
C ILE F 244 39.78 6.01 25.61
N THR F 245 40.39 7.04 25.04
CA THR F 245 40.71 8.24 25.80
C THR F 245 39.47 9.00 26.28
N ASP F 246 38.38 8.97 25.52
CA ASP F 246 37.22 9.80 25.79
C ASP F 246 36.12 8.99 26.45
N ASN F 247 35.34 9.66 27.31
CA ASN F 247 34.25 9.02 28.04
C ASN F 247 32.94 9.01 27.27
N ALA F 248 32.89 9.59 26.06
CA ALA F 248 31.66 9.64 25.29
C ALA F 248 31.42 8.38 24.48
N LYS F 249 32.29 7.37 24.58
CA LYS F 249 32.21 6.16 23.77
C LYS F 249 31.93 4.96 24.66
N THR F 250 31.12 4.04 24.14
CA THR F 250 30.84 2.79 24.84
C THR F 250 32.09 1.91 24.84
N ILE F 251 32.32 1.23 25.96
CA ILE F 251 33.47 0.33 26.10
C ILE F 251 32.89 -1.08 26.08
N ILE F 252 32.88 -1.69 24.90
CA ILE F 252 32.29 -3.01 24.73
C ILE F 252 33.30 -4.06 25.19
N VAL F 253 32.87 -4.94 26.07
CA VAL F 253 33.68 -6.06 26.54
C VAL F 253 33.15 -7.33 25.88
N GLN F 254 34.05 -8.26 25.60
CA GLN F 254 33.70 -9.58 25.06
C GLN F 254 34.39 -10.63 25.92
N LEU F 255 33.59 -11.35 26.71
CA LEU F 255 34.13 -12.39 27.57
C LEU F 255 34.60 -13.59 26.76
N ALA F 256 35.51 -14.36 27.35
CA ALA F 256 35.96 -15.62 26.78
C ALA F 256 35.28 -16.80 27.45
N LYS F 257 35.26 -16.80 28.78
CA LYS F 257 34.60 -17.86 29.53
C LYS F 257 33.14 -17.49 29.77
N PRO F 258 32.16 -18.25 29.24
CA PRO F 258 30.76 -17.82 29.34
C PRO F 258 30.15 -18.06 30.71
N VAL F 259 30.33 -17.11 31.63
CA VAL F 259 29.70 -17.19 32.95
C VAL F 259 28.21 -17.38 32.76
N LYS F 260 27.65 -18.41 33.39
CA LYS F 260 26.25 -18.74 33.20
C LYS F 260 25.36 -17.94 34.15
N ILE F 261 24.08 -17.87 33.83
CA ILE F 261 23.10 -17.13 34.60
C ILE F 261 21.73 -17.80 34.48
N ASN F 262 21.00 -17.83 35.60
CA ASN F 262 19.65 -18.34 35.65
C ASN F 262 18.72 -17.27 36.21
N CYS F 263 17.57 -17.12 35.58
CA CYS F 263 16.57 -16.14 36.02
C CYS F 263 15.20 -16.76 35.89
N THR F 264 14.26 -16.27 36.69
CA THR F 264 12.94 -16.87 36.73
C THR F 264 11.94 -15.92 37.37
N ARG F 265 10.66 -16.15 37.08
CA ARG F 265 9.57 -15.55 37.83
C ARG F 265 8.89 -16.66 38.60
N PRO F 266 9.25 -16.90 39.87
CA PRO F 266 8.76 -18.13 40.54
C PRO F 266 7.25 -18.23 40.62
N ASN F 267 6.55 -17.11 40.73
CA ASN F 267 5.10 -17.17 40.91
C ASN F 267 4.42 -17.81 39.71
N ASN F 268 3.49 -18.72 39.99
CA ASN F 268 2.69 -19.36 38.95
C ASN F 268 1.47 -18.47 38.70
N MET F 269 1.62 -17.54 37.76
CA MET F 269 0.57 -16.58 37.48
C MET F 269 -0.37 -17.10 36.39
N THR F 270 -1.63 -16.68 36.48
CA THR F 270 -2.66 -17.12 35.53
C THR F 270 -2.93 -16.01 34.51
N ARG F 271 -3.13 -16.43 33.26
CA ARG F 271 -3.45 -15.50 32.18
C ARG F 271 -4.96 -15.28 32.15
N LYS F 272 -5.39 -14.08 32.51
CA LYS F 272 -6.80 -13.72 32.53
C LYS F 272 -7.16 -12.96 31.26
N SER F 273 -8.22 -13.41 30.59
CA SER F 273 -8.62 -12.86 29.30
C SER F 273 -9.80 -11.92 29.48
N ILE F 274 -9.73 -10.76 28.82
CA ILE F 274 -10.78 -9.76 28.85
C ILE F 274 -11.08 -9.33 27.43
N ARG F 275 -12.36 -9.17 27.13
CA ARG F 275 -12.83 -8.73 25.83
C ARG F 275 -12.92 -7.22 25.81
N ILE F 276 -12.35 -6.59 24.79
CA ILE F 276 -12.26 -5.15 24.71
C ILE F 276 -13.22 -4.56 23.68
N GLY F 277 -13.30 -5.13 22.48
CA GLY F 277 -14.15 -4.61 21.45
C GLY F 277 -14.42 -5.65 20.38
N PRO F 278 -14.94 -5.22 19.23
CA PRO F 278 -15.22 -6.19 18.16
C PRO F 278 -13.95 -6.86 17.65
N GLY F 279 -13.80 -8.15 17.92
CA GLY F 279 -12.62 -8.87 17.48
C GLY F 279 -11.37 -8.58 18.28
N GLN F 280 -11.48 -7.84 19.39
CA GLN F 280 -10.34 -7.44 20.20
C GLN F 280 -10.41 -8.16 21.54
N THR F 281 -9.30 -8.78 21.94
CA THR F 281 -9.19 -9.44 23.23
C THR F 281 -7.91 -8.98 23.91
N PHE F 282 -7.97 -8.83 25.23
CA PHE F 282 -6.88 -8.27 26.01
C PHE F 282 -6.55 -9.21 27.16
N TYR F 283 -5.25 -9.40 27.40
CA TYR F 283 -4.75 -10.34 28.40
C TYR F 283 -4.12 -9.55 29.53
N ALA F 284 -4.43 -9.95 30.77
CA ALA F 284 -3.91 -9.28 31.95
C ALA F 284 -3.68 -10.30 33.05
N LEU F 285 -2.86 -9.92 34.02
CA LEU F 285 -2.52 -10.82 35.11
C LEU F 285 -3.76 -11.12 35.94
N GLY F 286 -3.93 -12.39 36.29
CA GLY F 286 -5.07 -12.85 37.07
C GLY F 286 -4.65 -13.43 38.41
N ASP F 287 -5.38 -14.46 38.84
CA ASP F 287 -5.10 -15.08 40.12
C ASP F 287 -3.74 -15.75 40.10
N ILE F 288 -3.14 -15.86 41.28
CA ILE F 288 -1.80 -16.41 41.46
C ILE F 288 -1.92 -17.77 42.13
N ILE F 289 -1.24 -18.76 41.58
CA ILE F 289 -1.15 -20.09 42.16
C ILE F 289 0.19 -20.20 42.89
N GLY F 290 0.16 -20.72 44.11
CA GLY F 290 1.37 -20.92 44.89
C GLY F 290 1.55 -19.89 45.98
N ASN F 291 2.78 -19.43 46.17
CA ASN F 291 3.12 -18.50 47.24
C ASN F 291 4.03 -17.40 46.71
N ILE F 292 4.20 -16.37 47.52
CA ILE F 292 4.93 -15.18 47.09
C ILE F 292 6.42 -15.47 47.04
N ARG F 293 7.10 -14.88 46.05
CA ARG F 293 8.55 -14.89 45.97
C ARG F 293 8.98 -13.90 44.90
N LYS F 294 10.05 -13.17 45.18
CA LYS F 294 10.52 -12.17 44.25
C LYS F 294 11.18 -12.84 43.03
N PRO F 295 10.98 -12.30 41.84
CA PRO F 295 11.80 -12.71 40.69
C PRO F 295 13.23 -12.21 40.87
N TYR F 296 14.17 -12.95 40.28
CA TYR F 296 15.58 -12.64 40.49
C TYR F 296 16.40 -13.26 39.37
N CYS F 297 17.66 -12.81 39.29
CA CYS F 297 18.69 -13.42 38.46
C CYS F 297 19.65 -14.18 39.37
N ASN F 298 20.27 -15.22 38.82
CA ASN F 298 21.05 -16.17 39.61
C ASN F 298 22.40 -16.37 38.91
N VAL F 299 23.44 -15.72 39.43
CA VAL F 299 24.80 -15.84 38.90
C VAL F 299 25.69 -16.39 39.99
N SER F 300 26.77 -17.05 39.59
CA SER F 300 27.70 -17.64 40.53
C SER F 300 28.96 -16.79 40.65
N LYS F 301 29.47 -16.68 41.87
CA LYS F 301 30.80 -16.12 42.07
C LYS F 301 31.83 -17.13 41.57
N ARG F 302 33.11 -16.84 41.81
CA ARG F 302 34.20 -17.58 41.14
C ARG F 302 34.11 -17.31 39.65
N GLU F 303 33.07 -17.85 39.00
CA GLU F 303 32.88 -17.61 37.58
C GLU F 303 32.80 -16.12 37.28
N TRP F 304 31.97 -15.38 38.01
CA TRP F 304 31.94 -13.94 37.85
C TRP F 304 33.14 -13.28 38.49
N ASN F 305 33.62 -13.84 39.61
CA ASN F 305 34.79 -13.29 40.27
C ASN F 305 35.99 -13.30 39.33
N ASN F 306 36.12 -14.39 38.56
CA ASN F 306 37.25 -14.52 37.64
C ASN F 306 37.19 -13.46 36.54
N THR F 307 36.04 -13.35 35.86
CA THR F 307 35.97 -12.50 34.68
C THR F 307 36.09 -11.02 35.03
N LEU F 308 35.44 -10.57 36.11
CA LEU F 308 35.53 -9.16 36.47
C LEU F 308 36.97 -8.78 36.82
N GLN F 309 37.69 -9.67 37.50
CA GLN F 309 39.13 -9.46 37.69
C GLN F 309 39.88 -9.57 36.36
N GLN F 310 39.50 -10.54 35.53
CA GLN F 310 40.21 -10.77 34.27
C GLN F 310 40.05 -9.58 33.34
N VAL F 311 38.82 -9.09 33.18
CA VAL F 311 38.60 -7.95 32.27
C VAL F 311 39.35 -6.73 32.75
N ALA F 312 39.34 -6.49 34.06
CA ALA F 312 40.04 -5.33 34.61
C ALA F 312 41.53 -5.40 34.31
N ALA F 313 42.11 -6.61 34.37
CA ALA F 313 43.52 -6.76 34.04
C ALA F 313 43.81 -6.34 32.61
N GLN F 314 42.92 -6.67 31.68
CA GLN F 314 43.09 -6.24 30.30
C GLN F 314 42.78 -4.76 30.15
N LEU F 315 41.93 -4.21 31.01
CA LEU F 315 41.53 -2.81 30.90
C LEU F 315 42.70 -1.88 31.26
N ARG F 316 43.41 -2.18 32.35
CA ARG F 316 44.45 -1.27 32.81
C ARG F 316 45.69 -1.27 31.91
N LYS F 317 45.78 -2.19 30.95
CA LYS F 317 46.89 -2.11 30.00
C LYS F 317 46.86 -0.81 29.22
N SER F 318 45.68 -0.24 29.02
CA SER F 318 45.53 1.09 28.42
C SER F 318 45.62 2.20 29.45
N PHE F 319 45.70 1.86 30.75
CA PHE F 319 45.78 2.86 31.81
C PHE F 319 46.94 2.52 32.75
N ASN F 320 48.07 2.09 32.18
CA ASN F 320 49.22 1.68 32.96
C ASN F 320 48.84 0.57 33.95
N THR F 323 45.31 -1.02 38.76
CA THR F 323 44.30 -0.84 39.80
C THR F 323 43.00 -0.36 39.17
N ILE F 324 41.91 -1.09 39.42
CA ILE F 324 40.64 -0.84 38.76
C ILE F 324 39.54 -0.83 39.82
N VAL F 325 38.45 -0.13 39.52
CA VAL F 325 37.29 -0.03 40.39
C VAL F 325 36.03 -0.18 39.55
N PHE F 326 35.03 -0.86 40.13
CA PHE F 326 33.71 -0.98 39.53
C PHE F 326 32.67 -0.40 40.47
N GLU F 327 31.59 0.14 39.90
CA GLU F 327 30.58 0.85 40.68
C GLU F 327 29.21 0.64 40.08
N LYS F 328 28.19 0.95 40.89
CA LYS F 328 26.80 0.83 40.46
C LYS F 328 26.49 1.87 39.39
N SER F 329 25.43 1.60 38.62
CA SER F 329 25.00 2.50 37.57
C SER F 329 24.85 3.93 38.10
N SER F 330 24.97 4.91 37.21
CA SER F 330 25.00 6.31 37.63
C SER F 330 23.58 6.84 37.87
N GLY F 331 22.76 6.87 36.83
CA GLY F 331 21.43 7.43 36.94
C GLY F 331 20.78 7.57 35.58
N GLY F 332 19.52 7.98 35.62
CA GLY F 332 18.70 8.09 34.43
C GLY F 332 17.44 7.25 34.52
N ASP F 333 16.87 6.99 33.35
CA ASP F 333 15.65 6.19 33.28
C ASP F 333 15.96 4.72 33.59
N LEU F 334 14.90 3.95 33.82
CA LEU F 334 15.07 2.55 34.21
C LEU F 334 15.74 1.75 33.09
N GLU F 335 15.40 2.04 31.84
CA GLU F 335 15.99 1.32 30.72
C GLU F 335 17.50 1.50 30.62
N VAL F 336 18.06 2.55 31.22
CA VAL F 336 19.49 2.81 31.19
C VAL F 336 20.15 2.52 32.54
N THR F 337 19.44 2.74 33.64
CA THR F 337 20.00 2.47 34.95
C THR F 337 19.93 1.00 35.32
N THR F 338 19.21 0.18 34.55
CA THR F 338 18.85 -1.16 34.97
C THR F 338 19.09 -2.14 33.82
N HIS F 339 19.33 -3.40 34.17
CA HIS F 339 19.62 -4.45 33.20
C HIS F 339 18.30 -4.94 32.61
N SER F 340 18.02 -4.50 31.38
CA SER F 340 16.83 -4.94 30.67
C SER F 340 17.15 -6.16 29.82
N PHE F 341 16.24 -7.12 29.82
CA PHE F 341 16.36 -8.30 28.98
C PHE F 341 15.04 -9.07 29.00
N ASN F 342 14.99 -10.13 28.21
CA ASN F 342 13.76 -10.90 28.00
C ASN F 342 13.98 -12.36 28.39
N CYS F 343 12.93 -12.97 28.95
CA CYS F 343 12.97 -14.37 29.39
C CYS F 343 11.58 -14.97 29.28
N GLY F 344 11.41 -15.88 28.33
CA GLY F 344 10.21 -16.67 28.24
C GLY F 344 8.97 -15.91 27.81
N GLY F 345 9.13 -14.64 27.43
CA GLY F 345 8.02 -13.83 26.97
C GLY F 345 7.67 -12.66 27.86
N GLU F 346 8.47 -12.43 28.90
CA GLU F 346 8.27 -11.31 29.81
C GLU F 346 9.59 -10.57 29.99
N PHE F 347 9.51 -9.24 30.10
CA PHE F 347 10.70 -8.41 30.14
C PHE F 347 11.10 -8.14 31.59
N PHE F 348 12.35 -8.45 31.93
CA PHE F 348 12.90 -8.19 33.25
C PHE F 348 13.86 -7.00 33.17
N TYR F 349 13.68 -6.04 34.07
CA TYR F 349 14.64 -4.96 34.26
C TYR F 349 15.28 -5.17 35.62
N CYS F 350 16.57 -5.50 35.65
CA CYS F 350 17.11 -6.12 36.84
C CYS F 350 18.30 -5.33 37.36
N ASN F 351 18.56 -5.53 38.67
CA ASN F 351 19.28 -4.52 39.46
C ASN F 351 20.77 -4.50 39.15
N THR F 352 21.48 -5.61 39.43
CA THR F 352 22.91 -5.73 39.14
C THR F 352 23.78 -4.90 40.08
N SER F 353 23.23 -4.37 41.17
CA SER F 353 24.04 -3.55 42.05
C SER F 353 25.17 -4.35 42.70
N GLY F 354 24.88 -5.54 43.19
CA GLY F 354 25.91 -6.32 43.85
C GLY F 354 26.87 -6.98 42.87
N LEU F 355 26.51 -6.99 41.58
CA LEU F 355 27.36 -7.66 40.59
C LEU F 355 28.66 -6.90 40.37
N PHE F 356 28.61 -5.56 40.38
CA PHE F 356 29.78 -4.72 40.16
C PHE F 356 30.39 -4.22 41.47
N ASN F 357 30.33 -5.03 42.52
CA ASN F 357 30.74 -4.61 43.87
C ASN F 357 32.16 -5.09 44.17
N SER F 358 33.13 -4.46 43.51
CA SER F 358 34.52 -4.90 43.63
C SER F 358 35.47 -3.75 43.36
N THR F 359 36.70 -3.92 43.83
CA THR F 359 37.81 -3.02 43.55
C THR F 359 39.09 -3.84 43.41
N TRP F 360 40.07 -3.27 42.74
CA TRP F 360 41.37 -3.93 42.58
C TRP F 360 42.49 -2.89 42.49
N ASP F 379 29.26 -20.56 45.29
CA ASP F 379 28.61 -19.39 45.88
C ASP F 379 27.98 -18.53 44.80
N THR F 380 27.04 -17.67 45.18
CA THR F 380 26.29 -16.85 44.24
C THR F 380 26.05 -15.48 44.83
N ILE F 381 25.78 -14.52 43.95
CA ILE F 381 25.23 -13.22 44.31
C ILE F 381 23.84 -13.13 43.71
N THR F 382 22.85 -12.81 44.54
CA THR F 382 21.45 -12.80 44.14
C THR F 382 21.02 -11.40 43.78
N LEU F 383 20.28 -11.28 42.68
CA LEU F 383 19.82 -10.00 42.14
C LEU F 383 18.31 -10.03 42.04
N GLN F 384 17.64 -9.66 43.14
CA GLN F 384 16.19 -9.56 43.12
C GLN F 384 15.78 -8.41 42.22
N CYS F 385 14.68 -8.60 41.47
CA CYS F 385 14.31 -7.65 40.44
C CYS F 385 12.98 -8.01 39.80
N ARG F 386 12.51 -7.12 38.93
CA ARG F 386 11.09 -6.88 38.70
C ARG F 386 10.69 -7.07 37.25
N ILE F 387 9.37 -7.09 37.01
CA ILE F 387 8.80 -7.17 35.67
C ILE F 387 8.11 -5.86 35.33
N LYS F 388 8.00 -5.57 34.03
CA LYS F 388 7.13 -4.52 33.53
C LYS F 388 6.40 -5.00 32.29
N GLN F 389 5.08 -4.78 32.26
CA GLN F 389 4.29 -5.18 31.10
C GLN F 389 4.51 -4.22 29.93
N ILE F 390 4.68 -2.94 30.21
CA ILE F 390 4.75 -1.89 29.20
C ILE F 390 6.19 -1.49 29.02
N ILE F 391 6.67 -1.48 27.77
CA ILE F 391 8.05 -1.19 27.44
C ILE F 391 8.13 -0.32 26.20
N ASN F 392 9.30 0.31 26.02
CA ASN F 392 9.62 1.02 24.79
C ASN F 392 10.60 0.23 23.93
N MET F 393 11.66 -0.29 24.55
CA MET F 393 12.58 -1.23 23.93
C MET F 393 13.53 -0.57 22.92
N TRP F 394 13.32 0.71 22.62
CA TRP F 394 14.19 1.45 21.73
C TRP F 394 14.21 2.91 22.16
N GLN F 395 15.11 3.68 21.54
CA GLN F 395 15.04 5.14 21.63
C GLN F 395 13.91 5.70 20.80
N ARG F 396 13.23 4.87 20.01
CA ARG F 396 12.02 5.27 19.30
C ARG F 396 10.89 5.38 20.31
N VAL F 397 11.00 6.38 21.20
CA VAL F 397 10.10 6.47 22.35
C VAL F 397 8.64 6.55 21.94
N GLY F 398 8.35 7.07 20.75
CA GLY F 398 6.97 7.07 20.27
C GLY F 398 6.39 5.67 20.21
N ARG F 399 7.19 4.71 19.78
CA ARG F 399 6.73 3.33 19.72
C ARG F 399 6.69 2.73 21.12
N CYS F 400 5.79 1.77 21.31
CA CYS F 400 5.55 1.13 22.60
C CYS F 400 4.90 -0.22 22.40
N MET F 401 5.01 -1.07 23.42
CA MET F 401 4.52 -2.44 23.34
C MET F 401 4.05 -2.89 24.72
N TYR F 402 3.00 -3.71 24.72
CA TYR F 402 2.49 -4.35 25.93
C TYR F 402 2.63 -5.85 25.77
N ALA F 403 3.38 -6.48 26.67
CA ALA F 403 3.64 -7.91 26.59
C ALA F 403 2.60 -8.67 27.39
N PRO F 404 1.80 -9.55 26.78
CA PRO F 404 0.84 -10.33 27.56
C PRO F 404 1.56 -11.26 28.52
N PRO F 405 1.13 -11.34 29.77
CA PRO F 405 1.82 -12.21 30.73
C PRO F 405 1.73 -13.67 30.32
N ILE F 406 2.77 -14.43 30.68
CA ILE F 406 2.88 -15.83 30.30
C ILE F 406 2.37 -16.68 31.46
N PRO F 407 1.44 -17.61 31.23
CA PRO F 407 0.98 -18.46 32.34
C PRO F 407 2.06 -19.43 32.79
N GLY F 408 1.97 -19.83 34.05
CA GLY F 408 2.87 -20.81 34.62
C GLY F 408 4.16 -20.19 35.12
N VAL F 409 5.02 -21.06 35.64
CA VAL F 409 6.33 -20.65 36.10
C VAL F 409 7.26 -20.50 34.90
N ILE F 410 8.16 -19.53 34.98
CA ILE F 410 9.04 -19.18 33.88
C ILE F 410 10.48 -19.22 34.37
N ARG F 411 11.36 -19.83 33.58
CA ARG F 411 12.75 -20.02 33.95
C ARG F 411 13.59 -20.02 32.69
N CYS F 412 14.74 -19.35 32.75
CA CYS F 412 15.69 -19.30 31.64
C CYS F 412 17.08 -19.58 32.18
N GLU F 413 17.88 -20.29 31.40
CA GLU F 413 19.33 -20.33 31.60
C GLU F 413 20.01 -19.73 30.38
N SER F 414 20.96 -18.83 30.64
CA SER F 414 21.53 -18.00 29.60
C SER F 414 23.02 -17.85 29.81
N ASN F 415 23.69 -17.36 28.77
CA ASN F 415 25.13 -17.14 28.78
C ASN F 415 25.39 -15.63 28.69
N ILE F 416 26.30 -15.14 29.55
CA ILE F 416 26.83 -13.80 29.35
C ILE F 416 28.04 -13.87 28.44
N THR F 417 28.16 -12.89 27.55
CA THR F 417 29.28 -12.82 26.63
C THR F 417 29.89 -11.44 26.50
N GLY F 418 29.29 -10.40 27.07
CA GLY F 418 29.84 -9.07 26.94
C GLY F 418 29.23 -8.13 27.95
N LEU F 419 29.96 -7.04 28.19
CA LEU F 419 29.51 -5.98 29.07
C LEU F 419 29.58 -4.64 28.34
N LEU F 420 28.49 -3.87 28.43
CA LEU F 420 28.43 -2.55 27.80
C LEU F 420 28.85 -1.50 28.83
N LEU F 421 30.16 -1.40 29.03
CA LEU F 421 30.71 -0.55 30.06
C LEU F 421 30.96 0.86 29.54
N THR F 422 31.08 1.79 30.49
CA THR F 422 31.47 3.16 30.21
C THR F 422 32.44 3.62 31.30
N ARG F 423 33.20 4.65 30.98
CA ARG F 423 34.27 5.13 31.85
C ARG F 423 34.05 6.61 32.16
N ASP F 424 34.34 7.00 33.41
CA ASP F 424 34.11 8.37 33.83
C ASP F 424 34.94 9.37 33.03
N GLY F 425 36.21 9.07 32.79
CA GLY F 425 37.08 9.98 32.06
C GLY F 425 37.71 11.03 32.95
N ASN F 431 44.40 3.50 38.81
CA ASN F 431 43.11 3.72 39.45
C ASN F 431 42.10 4.25 38.44
N GLU F 432 41.02 3.51 38.23
CA GLU F 432 39.97 3.93 37.31
C GLU F 432 38.67 3.27 37.71
N THR F 433 37.56 3.95 37.40
CA THR F 433 36.22 3.49 37.75
C THR F 433 35.45 3.18 36.49
N PHE F 434 34.69 2.08 36.51
CA PHE F 434 33.90 1.64 35.37
C PHE F 434 32.49 1.26 35.83
N ARG F 435 31.52 1.54 34.96
CA ARG F 435 30.11 1.31 35.23
C ARG F 435 29.47 0.65 34.02
N PRO F 436 28.38 -0.09 34.21
CA PRO F 436 27.57 -0.50 33.06
C PRO F 436 26.84 0.70 32.47
N GLY F 437 26.98 0.88 31.16
CA GLY F 437 26.39 2.01 30.49
C GLY F 437 25.27 1.63 29.54
N GLY F 438 25.57 1.59 28.24
CA GLY F 438 24.58 1.22 27.25
C GLY F 438 23.90 2.43 26.65
N GLY F 439 22.61 2.62 26.97
CA GLY F 439 21.85 3.70 26.41
C GLY F 439 21.40 3.39 24.99
N ASP F 440 22.36 3.29 24.08
CA ASP F 440 22.06 2.91 22.70
C ASP F 440 21.83 1.40 22.61
N MET F 441 21.06 1.01 21.60
CA MET F 441 20.75 -0.41 21.40
C MET F 441 21.71 -1.04 20.40
N ARG F 442 22.20 -0.27 19.44
CA ARG F 442 22.94 -0.84 18.33
C ARG F 442 24.33 -1.34 18.73
N ASP F 443 24.81 -1.02 19.93
CA ASP F 443 26.07 -1.60 20.37
C ASP F 443 25.96 -3.11 20.53
N ASN F 444 24.75 -3.62 20.76
CA ASN F 444 24.56 -5.05 20.87
C ASN F 444 24.90 -5.78 19.57
N TRP F 445 24.76 -5.10 18.42
CA TRP F 445 25.15 -5.69 17.15
C TRP F 445 26.66 -5.57 16.91
N ARG F 446 27.26 -4.45 17.30
CA ARG F 446 28.69 -4.26 17.11
C ARG F 446 29.49 -5.38 17.77
N SER F 447 28.98 -5.90 18.88
CA SER F 447 29.69 -6.95 19.60
C SER F 447 29.79 -8.26 18.81
N GLU F 448 29.03 -8.40 17.72
CA GLU F 448 29.09 -9.57 16.86
C GLU F 448 29.46 -9.23 15.43
N LEU F 449 29.08 -8.03 14.95
CA LEU F 449 29.32 -7.68 13.55
C LEU F 449 30.73 -7.12 13.31
N TYR F 450 31.53 -6.95 14.36
CA TYR F 450 32.86 -6.36 14.19
C TYR F 450 33.77 -7.25 13.33
N LYS F 451 33.45 -8.54 13.20
CA LYS F 451 34.31 -9.45 12.47
C LYS F 451 34.11 -9.39 10.95
N TYR F 452 33.12 -8.63 10.47
CA TYR F 452 32.72 -8.68 9.08
C TYR F 452 32.89 -7.33 8.38
N LYS F 453 33.19 -7.39 7.09
CA LYS F 453 33.09 -6.26 6.20
C LYS F 453 32.46 -6.73 4.90
N VAL F 454 31.53 -5.95 4.37
CA VAL F 454 30.86 -6.24 3.12
C VAL F 454 31.64 -5.56 2.00
N VAL F 455 31.98 -6.33 0.96
CA VAL F 455 32.89 -5.87 -0.08
C VAL F 455 32.36 -6.31 -1.43
N GLN F 456 32.58 -5.47 -2.44
CA GLN F 456 32.13 -5.76 -3.80
C GLN F 456 33.24 -6.40 -4.61
N ILE F 457 32.88 -7.40 -5.42
CA ILE F 457 33.84 -8.03 -6.32
C ILE F 457 34.05 -7.13 -7.52
N GLU F 458 35.31 -6.89 -7.86
CA GLU F 458 35.68 -6.12 -9.04
C GLU F 458 36.40 -7.04 -10.02
N PRO F 459 35.67 -7.74 -10.90
CA PRO F 459 36.28 -8.85 -11.64
C PRO F 459 37.17 -8.45 -12.80
N LEU F 460 37.22 -7.18 -13.19
CA LEU F 460 37.94 -6.75 -14.38
C LEU F 460 39.23 -6.04 -13.99
N GLY F 461 40.32 -6.40 -14.66
CA GLY F 461 41.59 -5.73 -14.50
C GLY F 461 42.31 -5.62 -15.83
N VAL F 462 43.08 -4.56 -15.99
CA VAL F 462 43.81 -4.29 -17.23
C VAL F 462 45.28 -4.09 -16.91
N ALA F 463 46.14 -4.82 -17.62
CA ALA F 463 47.58 -4.77 -17.40
C ALA F 463 48.28 -4.99 -18.73
N PRO F 464 49.52 -4.53 -18.88
CA PRO F 464 50.25 -4.76 -20.13
C PRO F 464 50.71 -6.21 -20.26
N THR F 465 50.94 -6.64 -21.50
CA THR F 465 51.37 -8.00 -21.79
C THR F 465 52.04 -8.01 -23.16
N HIS F 466 52.80 -9.07 -23.42
CA HIS F 466 53.53 -9.17 -24.69
C HIS F 466 52.59 -9.36 -25.88
N CYS F 467 51.31 -9.64 -25.64
CA CYS F 467 50.36 -9.85 -26.72
C CYS F 467 50.29 -8.64 -27.65
N LYS F 468 50.17 -8.90 -28.94
CA LYS F 468 49.46 -7.99 -29.82
C LYS F 468 48.30 -8.73 -30.49
N ARG F 469 47.11 -8.15 -30.42
CA ARG F 469 45.94 -8.79 -31.01
C ARG F 469 46.18 -9.06 -32.49
N ARG F 470 45.93 -10.29 -32.90
CA ARG F 470 46.20 -10.71 -34.27
C ARG F 470 45.09 -10.25 -35.21
N LEU G 4 13.53 -8.72 -23.74
CA LEU G 4 12.62 -9.07 -22.65
C LEU G 4 12.91 -10.46 -22.11
N GLY G 5 14.12 -10.97 -22.36
CA GLY G 5 14.45 -12.32 -21.95
C GLY G 5 13.50 -13.35 -22.54
N ALA G 6 13.16 -13.20 -23.82
CA ALA G 6 12.14 -14.03 -24.43
C ALA G 6 12.52 -15.50 -24.34
N VAL G 7 11.51 -16.35 -24.11
CA VAL G 7 11.72 -17.78 -24.04
C VAL G 7 12.18 -18.37 -25.38
N PHE G 8 12.10 -17.58 -26.46
CA PHE G 8 12.59 -18.00 -27.76
C PHE G 8 11.78 -19.18 -28.30
N PHE G 9 12.31 -20.40 -28.20
CA PHE G 9 11.62 -21.55 -28.75
C PHE G 9 10.39 -21.90 -27.93
N GLY G 10 10.41 -21.65 -26.63
CA GLY G 10 9.22 -21.72 -25.79
C GLY G 10 8.38 -22.97 -25.95
N PHE G 11 7.17 -22.79 -26.46
CA PHE G 11 6.17 -23.86 -26.55
C PHE G 11 6.61 -25.04 -27.44
N LEU G 12 7.78 -25.02 -28.06
CA LEU G 12 8.32 -26.17 -28.77
C LEU G 12 7.49 -26.50 -30.02
N GLY G 13 8.09 -27.27 -30.93
CA GLY G 13 7.38 -27.76 -32.10
C GLY G 13 7.00 -29.22 -31.92
N ALA G 14 7.56 -30.10 -32.75
CA ALA G 14 7.33 -31.53 -32.61
C ALA G 14 8.17 -32.06 -31.45
N ALA G 15 7.74 -31.79 -30.22
CA ALA G 15 8.54 -32.15 -29.06
C ALA G 15 8.71 -33.65 -28.94
N GLY G 16 7.65 -34.42 -29.17
CA GLY G 16 7.70 -35.85 -28.97
C GLY G 16 8.41 -36.63 -30.06
N SER G 17 8.77 -35.97 -31.16
CA SER G 17 9.45 -36.67 -32.24
C SER G 17 10.86 -37.06 -31.79
N THR G 18 11.57 -37.75 -32.68
CA THR G 18 12.95 -38.11 -32.43
C THR G 18 13.83 -36.87 -32.47
N MET G 19 15.08 -37.04 -32.05
CA MET G 19 15.97 -35.90 -31.84
C MET G 19 16.18 -35.08 -33.11
N GLY G 20 16.16 -35.73 -34.28
CA GLY G 20 16.58 -35.06 -35.50
C GLY G 20 15.71 -33.87 -35.87
N ALA G 21 14.49 -33.79 -35.32
CA ALA G 21 13.60 -32.71 -35.68
C ALA G 21 14.14 -31.36 -35.24
N ALA G 22 14.87 -31.33 -34.13
CA ALA G 22 15.33 -30.06 -33.57
C ALA G 22 16.29 -29.32 -34.50
N SER G 23 16.87 -30.02 -35.49
CA SER G 23 17.85 -29.37 -36.35
C SER G 23 17.21 -28.29 -37.23
N ASN G 24 15.95 -28.45 -37.59
CA ASN G 24 15.30 -27.55 -38.54
C ASN G 24 14.04 -26.91 -37.97
N THR G 25 13.48 -27.48 -36.91
CA THR G 25 12.26 -26.93 -36.33
C THR G 25 12.50 -25.60 -35.63
N LEU G 26 13.76 -25.20 -35.45
CA LEU G 26 14.08 -23.92 -34.81
C LEU G 26 13.91 -22.76 -35.78
N THR G 27 13.45 -23.05 -37.00
CA THR G 27 13.27 -21.99 -38.00
C THR G 27 12.13 -21.04 -37.64
N VAL G 28 11.31 -21.38 -36.63
CA VAL G 28 10.19 -20.53 -36.26
C VAL G 28 10.69 -19.12 -35.95
N GLN G 29 9.79 -18.15 -36.11
CA GLN G 29 10.16 -16.74 -35.99
C GLN G 29 10.33 -16.35 -34.52
N ALA G 30 10.86 -15.15 -34.32
CA ALA G 30 11.05 -14.55 -33.00
C ALA G 30 10.82 -13.05 -33.13
N ARG G 31 9.63 -12.59 -32.75
CA ARG G 31 9.23 -11.20 -32.92
C ARG G 31 9.50 -10.74 -34.35
N GLN G 32 8.87 -11.44 -35.30
CA GLN G 32 9.04 -11.15 -36.72
C GLN G 32 10.51 -11.14 -37.11
N GLN G 52 1.86 -1.09 -18.88
CA GLN G 52 0.86 -0.37 -18.11
C GLN G 52 1.32 -0.15 -16.67
N GLN G 53 0.54 0.62 -15.91
CA GLN G 53 0.97 0.99 -14.56
C GLN G 53 1.01 -0.21 -13.63
N LEU G 54 0.04 -1.13 -13.76
CA LEU G 54 -0.08 -2.26 -12.85
C LEU G 54 -0.47 -1.81 -11.46
N LEU G 55 -1.16 -2.67 -10.71
CA LEU G 55 -1.55 -2.35 -9.34
C LEU G 55 -0.33 -2.55 -8.45
N ARG G 56 0.02 -1.51 -7.68
CA ARG G 56 1.27 -1.49 -6.95
C ARG G 56 1.31 -2.48 -5.80
N LEU G 57 0.16 -2.67 -5.13
CA LEU G 57 0.15 -3.26 -3.80
C LEU G 57 -0.17 -4.74 -3.79
N GLY G 58 -1.12 -5.19 -4.61
CA GLY G 58 -1.64 -6.54 -4.51
C GLY G 58 -0.66 -7.58 -5.04
N VAL G 59 -1.14 -8.84 -5.04
CA VAL G 59 -0.31 -9.94 -5.50
C VAL G 59 0.11 -9.72 -6.95
N TRP G 60 -0.79 -9.21 -7.79
CA TRP G 60 -0.49 -9.01 -9.20
C TRP G 60 0.56 -7.92 -9.41
N GLY G 61 0.88 -7.15 -8.38
CA GLY G 61 1.97 -6.19 -8.47
C GLY G 61 3.29 -6.82 -8.09
N PHE G 62 3.34 -7.48 -6.93
CA PHE G 62 4.61 -8.01 -6.44
C PHE G 62 4.91 -9.39 -7.03
N LYS G 63 3.93 -10.29 -7.03
CA LYS G 63 4.16 -11.62 -7.58
C LYS G 63 4.53 -11.52 -9.05
N GLN G 64 3.85 -10.66 -9.81
CA GLN G 64 4.20 -10.47 -11.21
C GLN G 64 5.60 -9.92 -11.35
N LEU G 65 5.97 -8.95 -10.50
CA LEU G 65 7.32 -8.39 -10.57
C LEU G 65 8.36 -9.44 -10.19
N GLN G 66 8.08 -10.24 -9.17
CA GLN G 66 9.01 -11.29 -8.77
C GLN G 66 9.20 -12.30 -9.90
N ALA G 67 8.12 -12.66 -10.59
CA ALA G 67 8.22 -13.63 -11.67
C ALA G 67 9.14 -13.13 -12.78
N ARG G 68 9.01 -11.86 -13.15
CA ARG G 68 9.83 -11.31 -14.22
C ARG G 68 11.30 -11.26 -13.82
N VAL G 69 11.59 -10.89 -12.57
CA VAL G 69 12.98 -10.84 -12.12
C VAL G 69 13.61 -12.22 -12.18
N LEU G 70 12.93 -13.22 -11.60
CA LEU G 70 13.46 -14.58 -11.67
C LEU G 70 13.44 -15.15 -13.08
N ALA G 71 12.53 -14.68 -13.93
CA ALA G 71 12.56 -15.09 -15.33
C ALA G 71 13.86 -14.65 -15.98
N LEU G 72 14.28 -13.41 -15.73
CA LEU G 72 15.57 -12.95 -16.26
C LEU G 72 16.72 -13.73 -15.64
N GLU G 73 16.65 -14.01 -14.33
CA GLU G 73 17.67 -14.83 -13.70
C GLU G 73 17.90 -16.13 -14.46
N ARG G 74 16.82 -16.76 -14.91
CA ARG G 74 16.95 -18.02 -15.63
C ARG G 74 17.61 -17.81 -16.99
N TYR G 75 17.13 -16.82 -17.75
CA TYR G 75 17.67 -16.62 -19.09
C TYR G 75 19.15 -16.27 -19.05
N LEU G 76 19.55 -15.38 -18.13
CA LEU G 76 20.96 -15.04 -18.01
C LEU G 76 21.79 -16.24 -17.61
N GLU G 77 21.29 -17.05 -16.67
CA GLU G 77 22.01 -18.24 -16.26
C GLU G 77 22.32 -19.13 -17.46
N VAL G 78 21.34 -19.28 -18.36
CA VAL G 78 21.58 -20.04 -19.58
C VAL G 78 22.70 -19.42 -20.40
N GLN G 79 22.63 -18.11 -20.64
CA GLN G 79 23.60 -17.47 -21.51
C GLN G 79 24.98 -17.43 -20.87
N GLN G 80 25.06 -17.30 -19.54
CA GLN G 80 26.37 -17.44 -18.89
C GLN G 80 26.95 -18.81 -19.16
N LEU G 81 26.13 -19.86 -19.05
CA LEU G 81 26.62 -21.20 -19.34
C LEU G 81 27.04 -21.31 -20.81
N LEU G 82 26.27 -20.71 -21.72
CA LEU G 82 26.73 -20.61 -23.10
C LEU G 82 28.02 -19.81 -23.20
N GLY G 83 28.26 -18.94 -22.23
CA GLY G 83 29.53 -18.25 -22.15
C GLY G 83 30.68 -19.10 -21.66
N ILE G 84 30.42 -20.36 -21.28
CA ILE G 84 31.49 -21.25 -20.83
C ILE G 84 31.44 -22.56 -21.60
N TRP G 85 30.37 -22.79 -22.37
CA TRP G 85 30.49 -23.68 -23.51
C TRP G 85 31.26 -23.03 -24.65
N GLY G 86 31.37 -21.71 -24.67
CA GLY G 86 32.00 -21.03 -25.78
C GLY G 86 31.15 -20.96 -27.02
N CYS G 87 29.86 -21.29 -26.92
CA CYS G 87 28.97 -21.36 -28.07
C CYS G 87 27.95 -20.22 -28.08
N SER G 88 28.23 -19.13 -27.38
CA SER G 88 27.30 -18.01 -27.33
C SER G 88 27.14 -17.40 -28.72
N GLY G 89 25.96 -16.83 -28.97
CA GLY G 89 25.65 -16.28 -30.26
C GLY G 89 25.27 -17.30 -31.31
N LYS G 90 24.99 -18.54 -30.90
CA LYS G 90 24.64 -19.61 -31.82
C LYS G 90 23.46 -20.40 -31.26
N LEU G 91 22.93 -21.30 -32.09
CA LEU G 91 21.93 -22.26 -31.65
C LEU G 91 22.46 -23.69 -31.64
N ILE G 92 23.51 -23.98 -32.42
CA ILE G 92 24.15 -25.30 -32.43
C ILE G 92 25.66 -25.08 -32.35
N CYS G 93 26.36 -26.08 -31.82
CA CYS G 93 27.81 -26.05 -31.80
C CYS G 93 28.34 -27.43 -31.44
N CYS G 94 29.43 -27.82 -32.11
CA CYS G 94 30.20 -28.98 -31.71
C CYS G 94 31.34 -28.54 -30.80
N THR G 95 31.97 -29.51 -30.14
CA THR G 95 32.98 -29.24 -29.13
C THR G 95 34.19 -30.13 -29.35
N THR G 96 35.24 -29.89 -28.56
CA THR G 96 36.47 -30.66 -28.65
C THR G 96 36.47 -31.90 -27.76
N VAL G 97 35.66 -31.91 -26.71
CA VAL G 97 35.68 -32.97 -25.71
C VAL G 97 35.17 -34.27 -26.34
N PRO G 98 35.96 -35.35 -26.36
CA PRO G 98 35.44 -36.62 -26.84
C PRO G 98 34.45 -37.22 -25.85
N TRP G 99 33.64 -38.15 -26.35
CA TRP G 99 32.69 -38.85 -25.50
C TRP G 99 33.42 -39.73 -24.49
N ASN G 100 32.83 -39.86 -23.30
CA ASN G 100 33.35 -40.73 -22.25
C ASN G 100 32.35 -41.85 -22.05
N SER G 101 32.83 -43.10 -22.17
CA SER G 101 31.95 -44.25 -22.09
C SER G 101 31.41 -44.50 -20.69
N THR G 102 32.03 -43.91 -19.66
CA THR G 102 31.56 -44.14 -18.29
C THR G 102 30.16 -43.60 -18.06
N TRP G 103 29.69 -42.67 -18.91
CA TRP G 103 28.35 -42.11 -18.76
C TRP G 103 27.30 -42.96 -19.46
N SER G 104 27.56 -43.37 -20.69
CA SER G 104 26.65 -44.23 -21.43
C SER G 104 27.40 -44.79 -22.63
N ASN G 105 26.79 -45.78 -23.27
CA ASN G 105 27.41 -46.50 -24.39
C ASN G 105 26.47 -46.64 -25.59
N LYS G 106 25.47 -45.77 -25.71
CA LYS G 106 24.53 -45.88 -26.83
C LYS G 106 25.22 -45.48 -28.13
N ASN G 107 24.96 -46.25 -29.19
CA ASN G 107 25.45 -45.91 -30.51
C ASN G 107 24.55 -44.85 -31.15
N TYR G 108 24.97 -44.37 -32.33
CA TYR G 108 24.26 -43.27 -32.98
C TYR G 108 22.80 -43.65 -33.26
N THR G 109 22.58 -44.80 -33.91
CA THR G 109 21.21 -45.19 -34.22
C THR G 109 20.41 -45.47 -32.96
N ASP G 110 21.09 -45.91 -31.90
CA ASP G 110 20.41 -46.24 -30.64
C ASP G 110 19.90 -45.00 -29.92
N ILE G 111 20.42 -43.81 -30.23
CA ILE G 111 20.06 -42.59 -29.50
C ILE G 111 19.45 -41.56 -30.44
N TRP G 112 20.20 -41.12 -31.46
CA TRP G 112 19.73 -40.04 -32.30
C TRP G 112 18.53 -40.46 -33.14
N ASP G 113 18.57 -41.66 -33.70
CA ASP G 113 17.52 -42.10 -34.61
C ASP G 113 16.31 -42.66 -33.86
N ASN G 114 16.54 -43.28 -32.71
CA ASN G 114 15.51 -44.10 -32.06
C ASN G 114 14.86 -43.43 -30.85
N MET G 115 15.47 -42.40 -30.27
CA MET G 115 15.01 -41.85 -29.01
C MET G 115 14.56 -40.41 -29.17
N THR G 116 13.61 -40.02 -28.32
CA THR G 116 13.22 -38.62 -28.20
C THR G 116 14.12 -37.92 -27.19
N TRP G 117 14.20 -36.60 -27.30
CA TRP G 117 15.05 -35.83 -26.40
C TRP G 117 14.70 -36.08 -24.94
N LEU G 118 13.41 -36.24 -24.63
CA LEU G 118 12.98 -36.33 -23.24
C LEU G 118 13.59 -37.57 -22.58
N GLN G 119 13.63 -38.69 -23.31
CA GLN G 119 14.23 -39.91 -22.77
C GLN G 119 15.71 -39.71 -22.47
N TRP G 120 16.43 -39.09 -23.39
CA TRP G 120 17.89 -38.95 -23.24
C TRP G 120 18.23 -38.15 -21.99
N ASP G 121 17.51 -37.05 -21.76
CA ASP G 121 17.77 -36.24 -20.58
C ASP G 121 17.48 -37.02 -19.30
N ARG G 122 16.40 -37.83 -19.30
CA ARG G 122 16.12 -38.68 -18.15
C ARG G 122 17.26 -39.65 -17.88
N GLU G 123 18.00 -40.03 -18.91
CA GLU G 123 19.05 -41.03 -18.77
C GLU G 123 20.34 -40.42 -18.24
N ILE G 124 20.91 -39.45 -18.98
CA ILE G 124 22.21 -38.93 -18.61
C ILE G 124 22.16 -37.93 -17.46
N GLY G 125 20.99 -37.70 -16.88
CA GLY G 125 20.87 -36.75 -15.80
C GLY G 125 21.81 -37.02 -14.65
N ASN G 126 22.10 -38.30 -14.40
CA ASN G 126 23.01 -38.66 -13.33
C ASN G 126 24.43 -38.19 -13.60
N TYR G 127 24.80 -37.98 -14.87
CA TYR G 127 26.14 -37.54 -15.23
C TYR G 127 26.16 -36.22 -15.99
N THR G 128 25.03 -35.53 -16.13
CA THR G 128 25.00 -34.30 -16.90
C THR G 128 25.90 -33.23 -16.29
N ASP G 129 25.90 -33.12 -14.97
CA ASP G 129 26.72 -32.11 -14.31
C ASP G 129 28.20 -32.32 -14.61
N GLU G 130 28.66 -33.58 -14.57
CA GLU G 130 30.05 -33.86 -14.90
C GLU G 130 30.36 -33.52 -16.35
N ILE G 131 29.42 -33.79 -17.26
CA ILE G 131 29.60 -33.43 -18.66
C ILE G 131 29.75 -31.92 -18.78
N TYR G 132 28.90 -31.17 -18.07
CA TYR G 132 29.06 -29.72 -18.03
C TYR G 132 30.40 -29.34 -17.43
N ARG G 133 30.80 -30.02 -16.35
CA ARG G 133 32.09 -29.75 -15.73
C ARG G 133 33.23 -30.07 -16.69
N LEU G 134 33.13 -31.18 -17.41
CA LEU G 134 34.20 -31.56 -18.33
C LEU G 134 34.38 -30.50 -19.42
N ILE G 135 33.28 -29.96 -19.93
CA ILE G 135 33.38 -28.92 -20.95
C ILE G 135 33.98 -27.65 -20.35
N GLU G 136 33.56 -27.32 -19.13
CA GLU G 136 34.01 -26.09 -18.48
C GLU G 136 35.53 -26.02 -18.42
N GLU G 137 36.16 -27.07 -17.88
CA GLU G 137 37.61 -27.11 -17.84
C GLU G 137 38.20 -27.20 -19.23
N SER G 138 37.55 -27.94 -20.13
CA SER G 138 38.08 -28.10 -21.48
C SER G 138 38.10 -26.77 -22.23
N GLN G 139 37.01 -26.00 -22.16
CA GLN G 139 36.98 -24.70 -22.82
C GLN G 139 38.01 -23.76 -22.22
N PHE G 140 38.14 -23.74 -20.90
CA PHE G 140 39.17 -22.93 -20.26
C PHE G 140 40.55 -23.38 -20.71
N GLN G 141 40.78 -24.71 -20.74
CA GLN G 141 42.08 -25.22 -21.17
C GLN G 141 42.39 -24.82 -22.60
N GLN G 142 41.40 -24.93 -23.49
CA GLN G 142 41.60 -24.53 -24.88
C GLN G 142 41.89 -23.04 -24.97
N GLU G 143 41.17 -22.23 -24.21
CA GLU G 143 41.34 -20.78 -24.29
C GLU G 143 42.74 -20.36 -23.89
N ILE G 144 43.24 -20.89 -22.76
CA ILE G 144 44.57 -20.52 -22.30
C ILE G 144 45.62 -21.05 -23.27
N ASN G 145 45.39 -22.22 -23.88
CA ASN G 145 46.29 -22.71 -24.90
C ASN G 145 46.34 -21.74 -26.09
N GLU G 146 45.17 -21.22 -26.48
CA GLU G 146 45.15 -20.20 -27.52
C GLU G 146 45.89 -18.94 -27.07
N GLN G 147 45.68 -18.53 -25.82
CA GLN G 147 46.40 -17.37 -25.29
C GLN G 147 47.90 -17.64 -25.22
N ASP G 148 48.29 -18.86 -24.83
CA ASP G 148 49.70 -19.21 -24.84
C ASP G 148 50.28 -19.14 -26.25
N LEU G 149 49.52 -19.58 -27.25
CA LEU G 149 49.97 -19.43 -28.63
C LEU G 149 50.11 -17.97 -29.00
N LEU G 150 49.15 -17.13 -28.59
CA LEU G 150 49.23 -15.71 -28.89
C LEU G 150 50.35 -15.01 -28.12
N ALA G 151 50.78 -15.57 -26.99
CA ALA G 151 51.86 -14.97 -26.22
C ALA G 151 53.19 -15.00 -26.96
N LEU G 152 53.33 -15.87 -27.96
CA LEU G 152 54.57 -15.95 -28.73
C LEU G 152 54.79 -14.68 -29.54
N ALA H 3 38.88 -46.09 -33.02
CA ALA H 3 37.94 -45.52 -32.06
C ALA H 3 36.62 -45.17 -32.73
N GLU H 4 35.58 -44.97 -31.92
CA GLU H 4 34.26 -44.64 -32.45
C GLU H 4 34.16 -43.20 -32.90
N ASN H 5 35.07 -42.32 -32.48
CA ASN H 5 35.17 -40.95 -32.97
C ASN H 5 33.85 -40.19 -32.73
N LEU H 6 33.56 -40.01 -31.45
CA LEU H 6 32.38 -39.25 -31.01
C LEU H 6 32.82 -38.11 -30.11
N TRP H 7 32.17 -36.95 -30.27
CA TRP H 7 32.45 -35.77 -29.48
C TRP H 7 31.15 -35.14 -29.01
N VAL H 8 31.22 -34.40 -27.90
CA VAL H 8 30.03 -33.81 -27.33
C VAL H 8 29.50 -32.73 -28.26
N THR H 9 28.19 -32.75 -28.49
CA THR H 9 27.51 -31.76 -29.32
C THR H 9 26.41 -31.11 -28.49
N VAL H 10 26.34 -29.77 -28.55
CA VAL H 10 25.41 -28.99 -27.75
C VAL H 10 24.38 -28.36 -28.66
N TYR H 11 23.11 -28.46 -28.27
CA TYR H 11 22.00 -27.88 -29.00
C TYR H 11 21.20 -26.97 -28.08
N TYR H 12 20.86 -25.78 -28.57
CA TYR H 12 20.10 -24.79 -27.82
C TYR H 12 18.69 -24.73 -28.39
N GLY H 13 17.70 -25.00 -27.55
CA GLY H 13 16.32 -25.10 -27.97
C GLY H 13 15.76 -26.51 -27.97
N VAL H 14 16.36 -27.44 -27.25
CA VAL H 14 15.94 -28.85 -27.30
C VAL H 14 14.58 -28.97 -26.60
N PRO H 15 13.71 -29.91 -27.03
CA PRO H 15 12.45 -30.16 -26.31
C PRO H 15 12.62 -31.02 -25.07
N VAL H 16 13.02 -30.38 -23.97
CA VAL H 16 13.15 -31.02 -22.67
C VAL H 16 12.49 -30.13 -21.63
N TRP H 17 11.71 -30.74 -20.75
CA TRP H 17 10.99 -30.00 -19.72
C TRP H 17 11.02 -30.74 -18.40
N ARG H 18 10.88 -29.97 -17.32
CA ARG H 18 11.02 -30.43 -15.95
C ARG H 18 9.85 -29.97 -15.11
N GLU H 19 9.37 -30.85 -14.24
CA GLU H 19 8.32 -30.48 -13.29
C GLU H 19 8.81 -29.34 -12.40
N ALA H 20 7.97 -28.32 -12.24
CA ALA H 20 8.39 -27.11 -11.52
C ALA H 20 7.19 -26.44 -10.87
N ASP H 21 7.48 -25.63 -9.86
CA ASP H 21 6.49 -24.79 -9.18
C ASP H 21 6.97 -23.35 -9.22
N THR H 22 6.10 -22.44 -9.65
CA THR H 22 6.46 -21.04 -9.78
C THR H 22 5.19 -20.20 -9.78
N THR H 23 5.37 -18.91 -9.49
CA THR H 23 4.25 -17.98 -9.50
C THR H 23 3.80 -17.70 -10.93
N LEU H 24 2.52 -17.36 -11.08
CA LEU H 24 1.92 -17.05 -12.36
C LEU H 24 1.33 -15.65 -12.31
N PHE H 25 1.13 -15.06 -13.50
CA PHE H 25 0.61 -13.70 -13.62
C PHE H 25 -0.68 -13.71 -14.42
N CYS H 26 -1.62 -12.87 -13.99
CA CYS H 26 -2.98 -12.88 -14.52
C CYS H 26 -3.06 -12.28 -15.92
N ALA H 27 -4.01 -12.76 -16.71
CA ALA H 27 -4.41 -12.14 -17.96
C ALA H 27 -5.93 -12.26 -18.09
N SER H 28 -6.54 -11.25 -18.71
CA SER H 28 -7.99 -11.17 -18.76
C SER H 28 -8.41 -10.35 -19.97
N ASP H 29 -9.69 -10.44 -20.29
CA ASP H 29 -10.27 -9.65 -21.36
C ASP H 29 -10.37 -8.18 -20.96
N ALA H 30 -10.57 -7.33 -21.94
CA ALA H 30 -10.70 -5.89 -21.71
C ALA H 30 -11.88 -5.60 -20.79
N THR H 35 -16.53 4.18 -15.67
CA THR H 35 -16.09 2.78 -15.71
C THR H 35 -14.86 2.57 -14.83
N GLU H 36 -14.59 3.53 -13.94
CA GLU H 36 -13.40 3.47 -13.11
C GLU H 36 -13.63 2.56 -11.91
N ALA H 37 -12.60 1.76 -11.61
CA ALA H 37 -12.57 0.83 -10.48
C ALA H 37 -13.41 -0.42 -10.73
N HIS H 38 -14.19 -0.42 -11.82
CA HIS H 38 -14.88 -1.60 -12.37
C HIS H 38 -15.26 -2.65 -11.33
N ASN H 39 -14.40 -3.64 -11.11
CA ASN H 39 -14.75 -4.80 -10.30
C ASN H 39 -13.51 -5.32 -9.59
N VAL H 40 -13.74 -6.22 -8.62
CA VAL H 40 -12.65 -6.71 -7.78
C VAL H 40 -11.60 -7.44 -8.60
N TRP H 41 -12.02 -8.26 -9.57
CA TRP H 41 -11.09 -8.93 -10.47
C TRP H 41 -10.54 -7.98 -11.51
N ALA H 42 -9.85 -6.93 -11.06
CA ALA H 42 -9.54 -5.79 -11.91
C ALA H 42 -8.66 -6.20 -13.08
N THR H 43 -9.14 -5.92 -14.29
CA THR H 43 -8.27 -6.00 -15.45
C THR H 43 -7.18 -4.94 -15.38
N HIS H 44 -7.43 -3.84 -14.66
CA HIS H 44 -6.40 -2.84 -14.41
C HIS H 44 -5.43 -3.27 -13.33
N ALA H 45 -5.71 -4.38 -12.62
CA ALA H 45 -4.75 -5.03 -11.75
C ALA H 45 -4.06 -6.20 -12.44
N CYS H 46 -4.80 -6.95 -13.27
CA CYS H 46 -4.21 -8.00 -14.09
C CYS H 46 -3.41 -7.39 -15.22
N VAL H 47 -2.71 -8.22 -15.99
CA VAL H 47 -2.00 -7.79 -17.20
C VAL H 47 -2.83 -8.25 -18.39
N PRO H 48 -3.50 -7.36 -19.13
CA PRO H 48 -4.38 -7.82 -20.21
C PRO H 48 -3.69 -8.73 -21.21
N THR H 49 -2.43 -8.47 -21.55
CA THR H 49 -1.63 -9.37 -22.36
C THR H 49 -2.30 -9.70 -23.69
N ASP H 50 -2.96 -10.87 -23.79
CA ASP H 50 -3.54 -11.32 -25.05
C ASP H 50 -4.58 -12.39 -24.81
N PRO H 51 -5.74 -12.35 -25.46
CA PRO H 51 -6.76 -13.37 -25.23
C PRO H 51 -6.66 -14.60 -26.12
N ASN H 52 -5.80 -14.60 -27.14
CA ASN H 52 -5.75 -15.66 -28.14
C ASN H 52 -4.32 -16.12 -28.37
N PRO H 53 -3.71 -16.79 -27.40
CA PRO H 53 -2.36 -17.34 -27.64
C PRO H 53 -2.34 -18.44 -28.70
N GLN H 54 -3.10 -19.52 -28.50
CA GLN H 54 -3.28 -20.57 -29.49
C GLN H 54 -1.98 -21.06 -30.11
N GLU H 55 -2.05 -21.56 -31.34
CA GLU H 55 -0.89 -21.82 -32.19
C GLU H 55 -0.17 -23.13 -31.86
N ILE H 56 -0.72 -23.92 -30.95
CA ILE H 56 0.00 -25.09 -30.44
C ILE H 56 -0.53 -26.38 -31.05
N TYR H 57 0.36 -27.38 -31.12
CA TYR H 57 -0.02 -28.78 -31.29
C TYR H 57 1.15 -29.65 -30.86
N LEU H 58 0.83 -30.85 -30.38
CA LEU H 58 1.85 -31.81 -29.97
C LEU H 58 1.38 -33.22 -30.31
N GLU H 59 2.34 -34.09 -30.61
CA GLU H 59 2.07 -35.49 -30.92
C GLU H 59 3.07 -36.39 -30.20
N ASN H 60 2.65 -37.64 -29.99
CA ASN H 60 3.55 -38.70 -29.55
C ASN H 60 4.19 -38.41 -28.20
N VAL H 61 3.53 -37.60 -27.37
CA VAL H 61 4.04 -37.34 -26.03
C VAL H 61 3.10 -37.96 -24.99
N THR H 62 3.68 -38.43 -23.89
CA THR H 62 2.92 -38.95 -22.76
C THR H 62 3.48 -38.34 -21.48
N GLU H 63 2.57 -37.84 -20.63
CA GLU H 63 2.97 -37.17 -19.39
C GLU H 63 2.03 -37.56 -18.27
N ASN H 64 2.51 -37.44 -17.04
CA ASN H 64 1.79 -37.84 -15.84
C ASN H 64 1.31 -36.59 -15.12
N PHE H 65 0.00 -36.48 -14.95
CA PHE H 65 -0.61 -35.37 -14.24
C PHE H 65 -1.07 -35.83 -12.86
N ASN H 66 -1.11 -34.87 -11.92
CA ASN H 66 -1.70 -35.12 -10.60
C ASN H 66 -2.37 -33.81 -10.17
N MET H 67 -3.66 -33.69 -10.48
CA MET H 67 -4.40 -32.49 -10.11
C MET H 67 -4.62 -32.39 -8.61
N TRP H 68 -4.64 -33.51 -7.90
CA TRP H 68 -4.80 -33.48 -6.46
C TRP H 68 -3.55 -32.97 -5.74
N LYS H 69 -2.43 -32.84 -6.45
CA LYS H 69 -1.22 -32.23 -5.90
C LYS H 69 -0.68 -31.15 -6.83
N ASN H 70 -1.55 -30.55 -7.64
CA ASN H 70 -1.16 -29.46 -8.52
C ASN H 70 -1.11 -28.18 -7.69
N ASN H 71 0.11 -27.80 -7.29
CA ASN H 71 0.28 -26.63 -6.45
C ASN H 71 -0.03 -25.33 -7.19
N MET H 72 -0.20 -25.37 -8.51
CA MET H 72 -0.68 -24.21 -9.24
C MET H 72 -1.95 -23.66 -8.61
N VAL H 73 -2.84 -24.55 -8.19
CA VAL H 73 -4.09 -24.11 -7.56
C VAL H 73 -3.81 -23.51 -6.20
N GLU H 74 -2.86 -24.07 -5.44
CA GLU H 74 -2.62 -23.61 -4.08
C GLU H 74 -2.07 -22.18 -4.07
N GLN H 75 -1.03 -21.92 -4.87
CA GLN H 75 -0.54 -20.54 -4.94
C GLN H 75 -1.60 -19.63 -5.53
N MET H 76 -2.37 -20.12 -6.49
CA MET H 76 -3.54 -19.40 -6.96
C MET H 76 -4.58 -19.28 -5.86
N HIS H 77 -4.77 -20.35 -5.07
CA HIS H 77 -5.76 -20.32 -4.00
C HIS H 77 -5.50 -19.15 -3.06
N THR H 78 -4.28 -19.05 -2.55
CA THR H 78 -3.96 -17.97 -1.62
C THR H 78 -3.97 -16.61 -2.31
N ASP H 79 -3.53 -16.53 -3.56
CA ASP H 79 -3.46 -15.24 -4.24
C ASP H 79 -4.85 -14.64 -4.43
N ILE H 80 -5.83 -15.46 -4.80
CA ILE H 80 -7.19 -14.96 -4.97
C ILE H 80 -7.72 -14.38 -3.66
N ILE H 81 -7.47 -15.05 -2.54
CA ILE H 81 -7.89 -14.50 -1.25
C ILE H 81 -7.14 -13.21 -0.95
N SER H 82 -5.86 -13.16 -1.32
CA SER H 82 -5.09 -11.95 -1.08
C SER H 82 -5.67 -10.75 -1.83
N LEU H 83 -6.04 -10.96 -3.10
CA LEU H 83 -6.65 -9.88 -3.86
C LEU H 83 -7.95 -9.42 -3.21
N TRP H 84 -8.83 -10.35 -2.88
CA TRP H 84 -10.11 -9.99 -2.27
C TRP H 84 -9.90 -9.27 -0.95
N ASP H 85 -8.99 -9.77 -0.13
CA ASP H 85 -8.67 -9.10 1.13
C ASP H 85 -8.08 -7.71 0.88
N GLU H 86 -7.22 -7.59 -0.13
CA GLU H 86 -6.57 -6.31 -0.41
C GLU H 86 -7.58 -5.26 -0.85
N SER H 87 -8.55 -5.67 -1.67
CA SER H 87 -9.45 -4.70 -2.30
C SER H 87 -10.43 -4.08 -1.31
N LEU H 88 -10.61 -4.68 -0.13
CA LEU H 88 -11.54 -4.15 0.87
C LEU H 88 -10.91 -3.08 1.75
N LYS H 89 -9.67 -2.68 1.46
CA LYS H 89 -9.00 -1.69 2.31
C LYS H 89 -9.71 -0.34 2.36
N PRO H 90 -10.13 0.27 1.24
CA PRO H 90 -10.43 1.70 1.25
C PRO H 90 -11.78 2.11 1.82
N CYS H 91 -12.73 1.21 2.00
CA CYS H 91 -14.06 1.57 2.47
C CYS H 91 -14.35 0.98 3.84
N VAL H 92 -15.43 1.46 4.43
CA VAL H 92 -15.47 1.73 5.87
C VAL H 92 -15.43 0.44 6.68
N LYS H 93 -15.07 0.57 7.95
CA LYS H 93 -15.26 -0.47 8.95
C LYS H 93 -16.54 -0.17 9.71
N LEU H 94 -17.38 -1.19 9.93
CA LEU H 94 -18.68 -0.99 10.55
C LEU H 94 -18.60 -1.08 12.07
N THR H 95 -17.46 -0.70 12.62
CA THR H 95 -17.33 -0.63 14.08
C THR H 95 -18.45 0.15 14.75
N PRO H 96 -18.87 1.33 14.27
CA PRO H 96 -19.97 2.03 14.94
C PRO H 96 -21.29 1.28 14.92
N LEU H 97 -21.46 0.30 14.05
CA LEU H 97 -22.72 -0.43 13.98
C LEU H 97 -22.92 -1.39 15.14
N CYS H 98 -21.87 -1.70 15.90
CA CYS H 98 -22.05 -2.48 17.12
C CYS H 98 -22.71 -1.66 18.22
N VAL H 99 -24.04 -1.64 18.20
CA VAL H 99 -24.81 -1.09 19.30
C VAL H 99 -26.02 -1.99 19.50
N THR H 100 -26.53 -2.02 20.73
CA THR H 100 -27.71 -2.82 21.02
C THR H 100 -28.85 -2.38 20.11
N LEU H 101 -29.49 -3.36 19.45
CA LEU H 101 -30.55 -3.09 18.50
C LEU H 101 -31.90 -3.42 19.13
N ASP H 102 -32.79 -2.44 19.13
CA ASP H 102 -34.17 -2.63 19.53
C ASP H 102 -35.00 -2.90 18.29
N CYS H 103 -35.76 -3.99 18.31
CA CYS H 103 -36.41 -4.49 17.11
C CYS H 103 -37.87 -4.81 17.38
N GLN H 104 -38.65 -4.76 16.30
CA GLN H 104 -40.06 -5.14 16.32
C GLN H 104 -40.31 -6.07 15.13
N ALA H 105 -41.49 -6.67 15.11
CA ALA H 105 -41.86 -7.53 14.00
C ALA H 105 -41.92 -6.72 12.71
N PHE H 106 -41.56 -7.37 11.60
CA PHE H 106 -41.65 -6.71 10.30
C PHE H 106 -43.05 -6.13 10.08
N ASN H 107 -44.07 -6.92 10.39
CA ASN H 107 -45.43 -6.39 10.58
C ASN H 107 -46.02 -5.86 9.28
N SER H 108 -47.33 -5.67 9.25
CA SER H 108 -48.02 -5.20 8.05
C SER H 108 -47.63 -3.75 7.76
N SER H 109 -47.32 -3.47 6.49
CA SER H 109 -47.00 -2.12 6.06
C SER H 109 -45.97 -1.45 6.95
N ALA H 117 -46.62 -8.10 6.59
CA ALA H 117 -46.97 -9.06 7.63
C ALA H 117 -46.11 -10.31 7.55
N MET H 118 -45.16 -10.33 6.62
CA MET H 118 -44.28 -11.48 6.47
C MET H 118 -43.18 -11.46 7.54
N GLN H 119 -42.34 -12.48 7.52
CA GLN H 119 -41.33 -12.67 8.56
C GLN H 119 -39.94 -12.85 7.94
N GLU H 120 -38.99 -13.28 8.77
CA GLU H 120 -37.58 -13.46 8.41
C GLU H 120 -36.87 -12.11 8.32
N MET H 121 -37.58 -11.03 8.65
CA MET H 121 -36.97 -9.72 8.79
C MET H 121 -37.42 -9.06 10.09
N LYS H 122 -36.63 -8.12 10.58
CA LYS H 122 -36.91 -7.42 11.81
C LYS H 122 -36.76 -5.91 11.61
N ASN H 123 -37.74 -5.16 12.09
CA ASN H 123 -37.69 -3.70 12.04
C ASN H 123 -36.80 -3.23 13.19
N CYS H 124 -35.50 -3.32 13.00
CA CYS H 124 -34.52 -3.03 14.03
C CYS H 124 -34.08 -1.58 13.97
N SER H 125 -34.06 -0.93 15.13
CA SER H 125 -33.66 0.46 15.26
C SER H 125 -32.46 0.55 16.20
N PHE H 126 -31.55 1.47 15.90
CA PHE H 126 -30.33 1.61 16.67
C PHE H 126 -29.96 3.08 16.76
N ASN H 127 -29.16 3.41 17.77
CA ASN H 127 -28.69 4.77 18.00
C ASN H 127 -27.37 4.98 17.26
N VAL H 128 -27.26 6.11 16.58
CA VAL H 128 -26.10 6.41 15.75
C VAL H 128 -25.79 7.90 15.87
N THR H 129 -24.50 8.23 15.82
CA THR H 129 -24.08 9.62 15.99
C THR H 129 -24.29 10.41 14.70
N THR H 130 -24.77 11.63 14.85
CA THR H 130 -24.99 12.53 13.72
C THR H 130 -23.70 13.24 13.35
N GLU H 131 -23.78 14.31 12.55
CA GLU H 131 -22.59 14.99 12.08
C GLU H 131 -21.68 15.43 13.22
N LEU H 132 -22.23 15.75 14.39
CA LEU H 132 -21.46 16.17 15.54
C LEU H 132 -21.55 15.12 16.64
N ARG H 133 -20.44 14.91 17.35
CA ARG H 133 -20.45 13.99 18.48
C ARG H 133 -21.40 14.44 19.57
N ASP H 134 -21.72 15.72 19.62
CA ASP H 134 -22.58 16.24 20.69
C ASP H 134 -23.99 15.68 20.60
N LYS H 135 -24.39 15.15 19.44
CA LYS H 135 -25.78 14.87 19.16
C LYS H 135 -25.92 13.52 18.48
N LYS H 136 -27.05 12.85 18.70
CA LYS H 136 -27.28 11.50 18.20
C LYS H 136 -28.70 11.36 17.69
N LYS H 137 -28.94 10.27 16.96
CA LYS H 137 -30.24 10.01 16.34
C LYS H 137 -30.47 8.51 16.27
N LYS H 138 -31.73 8.11 16.45
CA LYS H 138 -32.15 6.71 16.36
C LYS H 138 -32.64 6.43 14.95
N GLU H 139 -31.86 5.64 14.21
CA GLU H 139 -32.26 5.19 12.88
C GLU H 139 -33.00 3.86 12.98
N TYR H 140 -33.69 3.51 11.89
CA TYR H 140 -34.39 2.24 11.79
C TYR H 140 -34.08 1.59 10.45
N SER H 141 -34.11 0.26 10.44
CA SER H 141 -33.74 -0.50 9.26
C SER H 141 -34.31 -1.89 9.36
N LEU H 142 -34.16 -2.65 8.28
CA LEU H 142 -34.61 -4.04 8.22
C LEU H 142 -33.38 -4.95 8.13
N PHE H 143 -33.31 -5.91 9.05
CA PHE H 143 -32.23 -6.89 9.08
C PHE H 143 -32.83 -8.30 9.06
N TYR H 144 -32.11 -9.22 8.44
CA TYR H 144 -32.51 -10.61 8.43
C TYR H 144 -32.12 -11.30 9.73
N LYS H 145 -32.92 -12.27 10.14
CA LYS H 145 -32.68 -12.94 11.41
C LYS H 145 -31.34 -13.67 11.41
N LEU H 146 -30.86 -14.09 10.24
CA LEU H 146 -29.57 -14.77 10.16
C LEU H 146 -28.40 -13.85 10.47
N ASP H 147 -28.61 -12.53 10.42
CA ASP H 147 -27.57 -11.55 10.74
C ASP H 147 -27.58 -11.15 12.22
N ILE H 148 -28.43 -11.77 13.04
CA ILE H 148 -28.72 -11.27 14.37
C ILE H 148 -28.83 -12.43 15.34
N VAL H 149 -28.49 -12.16 16.61
CA VAL H 149 -28.62 -13.12 17.70
C VAL H 149 -29.25 -12.44 18.89
N GLN H 150 -29.73 -13.25 19.83
CA GLN H 150 -30.43 -12.74 21.00
C GLN H 150 -29.46 -12.42 22.14
N ILE H 151 -29.91 -11.53 23.03
CA ILE H 151 -29.21 -11.25 24.27
C ILE H 151 -30.11 -11.49 25.48
N ASN H 152 -31.32 -10.94 25.46
CA ASN H 152 -32.31 -11.15 26.51
C ASN H 152 -33.43 -12.01 25.95
N LYS H 153 -33.79 -13.06 26.67
CA LYS H 153 -34.78 -14.01 26.19
C LYS H 153 -36.19 -13.44 26.13
N ASN H 154 -36.43 -12.27 26.71
CA ASN H 154 -37.75 -11.67 26.68
C ASN H 154 -38.22 -11.35 25.26
N GLY H 155 -37.30 -11.15 24.33
CA GLY H 155 -37.64 -10.95 22.92
C GLY H 155 -37.24 -9.62 22.33
N ARG H 156 -36.34 -8.88 22.96
CA ARG H 156 -35.89 -7.60 22.43
C ARG H 156 -34.41 -7.41 22.77
N GLN H 157 -33.88 -6.25 22.35
CA GLN H 157 -32.47 -5.94 22.55
C GLN H 157 -31.58 -6.96 21.84
N TYR H 158 -31.72 -7.04 20.52
CA TYR H 158 -30.95 -7.98 19.73
C TYR H 158 -29.49 -7.53 19.64
N ARG H 159 -28.67 -8.37 18.99
CA ARG H 159 -27.28 -8.08 18.72
C ARG H 159 -26.92 -8.53 17.32
N LEU H 160 -25.98 -7.84 16.68
CA LEU H 160 -25.48 -8.28 15.39
C LEU H 160 -24.60 -9.51 15.55
N ILE H 161 -24.64 -10.38 14.55
CA ILE H 161 -24.04 -11.72 14.68
C ILE H 161 -22.53 -11.61 14.89
N ASN H 162 -21.85 -10.77 14.10
CA ASN H 162 -20.41 -10.85 13.98
C ASN H 162 -19.66 -9.95 14.95
N CYS H 163 -20.35 -9.13 15.75
CA CYS H 163 -19.63 -8.15 16.54
C CYS H 163 -18.76 -8.78 17.62
N ASN H 164 -19.01 -10.02 18.01
CA ASN H 164 -18.17 -10.66 19.01
C ASN H 164 -16.95 -11.36 18.40
N THR H 165 -16.74 -11.21 17.09
CA THR H 165 -15.60 -11.84 16.43
C THR H 165 -14.80 -10.86 15.58
N SER H 166 -15.45 -9.85 15.01
CA SER H 166 -14.74 -8.92 14.13
C SER H 166 -15.60 -7.71 13.82
N ALA H 167 -14.93 -6.62 13.48
CA ALA H 167 -15.57 -5.41 12.96
C ALA H 167 -15.68 -5.55 11.45
N CYS H 168 -16.90 -5.68 10.95
CA CYS H 168 -17.09 -6.10 9.56
C CYS H 168 -16.91 -4.93 8.60
N THR H 169 -16.57 -5.27 7.36
CA THR H 169 -16.40 -4.31 6.28
C THR H 169 -17.62 -4.39 5.36
N GLN H 170 -18.17 -3.25 4.96
CA GLN H 170 -19.23 -3.30 3.97
C GLN H 170 -18.60 -3.58 2.61
N ILE H 171 -19.36 -4.23 1.73
CA ILE H 171 -18.94 -4.35 0.34
C ILE H 171 -19.41 -3.07 -0.34
N CYS H 172 -18.59 -2.03 -0.26
CA CYS H 172 -18.89 -0.76 -0.89
C CYS H 172 -19.05 -0.93 -2.39
N PRO H 173 -20.17 -0.50 -2.99
CA PRO H 173 -20.49 -0.92 -4.37
C PRO H 173 -19.69 -0.20 -5.44
N LYS H 174 -18.78 0.71 -5.08
CA LYS H 174 -17.96 1.36 -6.10
C LYS H 174 -17.11 0.33 -6.86
N VAL H 175 -16.90 -0.85 -6.29
CA VAL H 175 -16.23 -1.95 -6.97
C VAL H 175 -17.06 -3.21 -6.71
N SER H 176 -17.38 -3.94 -7.78
CA SER H 176 -18.32 -5.05 -7.69
C SER H 176 -17.59 -6.39 -7.73
N PHE H 177 -18.38 -7.47 -7.60
CA PHE H 177 -17.87 -8.84 -7.58
C PHE H 177 -18.16 -9.62 -8.84
N GLU H 178 -18.80 -9.02 -9.84
CA GLU H 178 -19.21 -9.79 -11.02
C GLU H 178 -17.96 -10.39 -11.68
N PRO H 179 -17.91 -11.73 -11.86
CA PRO H 179 -16.66 -12.36 -12.31
C PRO H 179 -16.49 -12.31 -13.82
N ILE H 180 -15.33 -11.83 -14.25
CA ILE H 180 -14.92 -11.89 -15.66
C ILE H 180 -14.02 -13.10 -15.83
N PRO H 181 -13.89 -13.66 -17.04
CA PRO H 181 -12.94 -14.77 -17.23
C PRO H 181 -11.52 -14.32 -16.92
N ILE H 182 -10.74 -15.24 -16.36
CA ILE H 182 -9.36 -14.99 -15.96
C ILE H 182 -8.48 -16.00 -16.68
N HIS H 183 -7.49 -15.50 -17.42
CA HIS H 183 -6.47 -16.33 -18.05
C HIS H 183 -5.22 -16.31 -17.17
N PHE H 184 -4.70 -17.50 -16.85
CA PHE H 184 -3.50 -17.62 -16.03
C PHE H 184 -2.32 -17.92 -16.94
N CYS H 185 -1.29 -17.08 -16.86
CA CYS H 185 -0.11 -17.17 -17.71
C CYS H 185 1.09 -17.54 -16.87
N ALA H 186 1.95 -18.40 -17.41
CA ALA H 186 3.23 -18.67 -16.79
C ALA H 186 4.25 -17.63 -17.24
N PRO H 187 5.27 -17.36 -16.43
CA PRO H 187 6.27 -16.36 -16.82
C PRO H 187 7.18 -16.88 -17.92
N ALA H 188 8.04 -15.98 -18.43
CA ALA H 188 9.00 -16.37 -19.44
C ALA H 188 9.89 -17.49 -18.92
N GLY H 189 10.12 -18.48 -19.77
CA GLY H 189 10.87 -19.67 -19.40
C GLY H 189 10.03 -20.84 -18.95
N PHE H 190 8.71 -20.72 -19.00
CA PHE H 190 7.82 -21.78 -18.55
C PHE H 190 6.69 -21.96 -19.55
N ALA H 191 6.02 -23.09 -19.45
CA ALA H 191 4.87 -23.40 -20.29
C ALA H 191 3.91 -24.25 -19.48
N ILE H 192 2.65 -24.27 -19.90
CA ILE H 192 1.59 -25.03 -19.24
C ILE H 192 1.20 -26.19 -20.15
N LEU H 193 1.43 -27.41 -19.68
CA LEU H 193 0.97 -28.58 -20.43
C LEU H 193 -0.53 -28.76 -20.22
N LYS H 194 -1.26 -28.92 -21.32
CA LYS H 194 -2.71 -29.07 -21.29
C LYS H 194 -3.07 -30.49 -21.70
N CYS H 195 -3.55 -31.28 -20.75
CA CYS H 195 -4.10 -32.59 -21.08
C CYS H 195 -5.41 -32.40 -21.84
N ASN H 196 -5.54 -33.09 -22.98
CA ASN H 196 -6.57 -32.76 -23.96
C ASN H 196 -7.54 -33.90 -24.25
N GLU H 197 -7.53 -34.97 -23.47
CA GLU H 197 -8.40 -36.10 -23.74
C GLU H 197 -9.85 -35.76 -23.38
N LYS H 198 -10.75 -36.69 -23.71
CA LYS H 198 -12.16 -36.53 -23.35
C LYS H 198 -12.40 -36.96 -21.90
N HIS H 199 -11.96 -38.16 -21.54
CA HIS H 199 -12.29 -38.77 -20.27
C HIS H 199 -11.10 -38.77 -19.30
N PHE H 200 -10.26 -37.74 -19.38
CA PHE H 200 -9.10 -37.63 -18.50
C PHE H 200 -9.57 -37.31 -17.08
N ASN H 201 -9.51 -38.30 -16.19
CA ASN H 201 -9.98 -38.14 -14.82
C ASN H 201 -8.84 -37.81 -13.87
N GLY H 202 -8.18 -36.68 -14.16
CA GLY H 202 -7.35 -36.01 -13.18
C GLY H 202 -5.93 -36.50 -13.02
N THR H 203 -5.76 -37.74 -12.57
CA THR H 203 -4.45 -38.25 -12.17
C THR H 203 -4.06 -39.42 -13.06
N GLY H 204 -2.76 -39.55 -13.29
CA GLY H 204 -2.22 -40.62 -14.10
C GLY H 204 -1.65 -40.12 -15.40
N PRO H 205 -1.14 -41.05 -16.22
CA PRO H 205 -0.49 -40.66 -17.48
C PRO H 205 -1.50 -40.20 -18.52
N CYS H 206 -1.41 -38.93 -18.90
CA CYS H 206 -2.09 -38.47 -20.10
C CYS H 206 -1.36 -38.97 -21.33
N LYS H 207 -2.10 -39.16 -22.42
CA LYS H 207 -1.52 -39.61 -23.68
C LYS H 207 -1.84 -38.68 -24.83
N ASN H 208 -2.85 -37.82 -24.70
CA ASN H 208 -3.10 -36.72 -25.63
C ASN H 208 -2.87 -35.42 -24.88
N VAL H 209 -1.81 -34.71 -25.22
CA VAL H 209 -1.39 -33.54 -24.47
C VAL H 209 -0.93 -32.45 -25.43
N SER H 210 -1.15 -31.20 -25.01
CA SER H 210 -0.60 -30.04 -25.70
C SER H 210 -0.06 -29.07 -24.65
N THR H 211 0.29 -27.86 -25.07
CA THR H 211 0.78 -26.85 -24.13
C THR H 211 0.23 -25.50 -24.57
N VAL H 212 0.44 -24.48 -23.72
CA VAL H 212 0.00 -23.13 -24.03
C VAL H 212 0.63 -22.16 -23.04
N GLN H 213 0.83 -20.92 -23.49
CA GLN H 213 1.38 -19.88 -22.61
C GLN H 213 0.44 -19.57 -21.46
N CYS H 214 -0.87 -19.53 -21.72
CA CYS H 214 -1.84 -19.21 -20.68
C CYS H 214 -3.05 -20.13 -20.81
N THR H 215 -3.74 -20.31 -19.68
CA THR H 215 -4.97 -21.09 -19.66
C THR H 215 -6.11 -20.30 -20.29
N HIS H 216 -7.21 -21.01 -20.55
CA HIS H 216 -8.42 -20.38 -21.07
C HIS H 216 -9.12 -19.59 -19.96
N GLY H 217 -10.29 -19.04 -20.26
CA GLY H 217 -11.02 -18.25 -19.28
C GLY H 217 -11.42 -19.05 -18.06
N ILE H 218 -10.82 -18.73 -16.91
CA ILE H 218 -11.18 -19.40 -15.67
C ILE H 218 -12.18 -18.51 -14.93
N LYS H 219 -13.38 -19.04 -14.68
CA LYS H 219 -14.40 -18.29 -13.97
C LYS H 219 -14.08 -18.30 -12.48
N PRO H 220 -13.83 -17.13 -11.84
CA PRO H 220 -13.59 -17.09 -10.40
C PRO H 220 -14.88 -17.21 -9.58
N VAL H 221 -15.61 -18.31 -9.77
CA VAL H 221 -16.88 -18.48 -9.10
C VAL H 221 -16.67 -18.98 -7.68
N VAL H 222 -17.62 -18.64 -6.81
CA VAL H 222 -17.65 -19.11 -5.43
C VAL H 222 -19.01 -19.72 -5.17
N SER H 223 -19.03 -20.98 -4.75
CA SER H 223 -20.28 -21.67 -4.47
C SER H 223 -19.98 -22.90 -3.61
N THR H 224 -21.04 -23.56 -3.15
CA THR H 224 -20.93 -24.78 -2.38
C THR H 224 -21.98 -25.77 -2.87
N GLN H 225 -21.58 -27.05 -2.92
CA GLN H 225 -22.46 -28.16 -3.25
C GLN H 225 -22.84 -28.18 -4.73
N LEU H 226 -22.45 -27.17 -5.49
CA LEU H 226 -22.70 -27.11 -6.93
C LEU H 226 -21.63 -26.24 -7.58
N LEU H 227 -21.35 -26.52 -8.85
CA LEU H 227 -20.41 -25.74 -9.64
C LEU H 227 -21.17 -25.02 -10.74
N LEU H 228 -21.00 -23.71 -10.83
CA LEU H 228 -21.79 -22.86 -11.70
C LEU H 228 -20.87 -22.15 -12.69
N ASN H 229 -21.33 -22.05 -13.94
CA ASN H 229 -20.56 -21.39 -15.00
C ASN H 229 -19.18 -22.00 -15.14
N GLY H 230 -19.07 -23.31 -14.87
CA GLY H 230 -17.80 -23.99 -14.84
C GLY H 230 -17.50 -24.76 -16.12
N SER H 231 -16.37 -25.45 -16.10
CA SER H 231 -15.92 -26.25 -17.23
C SER H 231 -16.89 -27.41 -17.47
N LEU H 232 -16.78 -28.05 -18.63
CA LEU H 232 -17.59 -29.20 -18.98
C LEU H 232 -16.70 -30.27 -19.62
N ALA H 233 -16.93 -31.52 -19.24
CA ALA H 233 -16.35 -32.63 -19.98
C ALA H 233 -16.93 -32.66 -21.38
N GLU H 234 -16.10 -33.05 -22.35
CA GLU H 234 -16.51 -32.95 -23.75
C GLU H 234 -17.79 -33.73 -24.01
N GLU H 235 -17.82 -34.99 -23.58
CA GLU H 235 -19.02 -35.82 -23.65
C GLU H 235 -18.95 -36.86 -22.55
N GLU H 236 -20.11 -37.29 -22.08
CA GLU H 236 -20.24 -38.23 -20.98
C GLU H 236 -19.71 -37.60 -19.70
N VAL H 237 -20.48 -37.73 -18.61
CA VAL H 237 -20.12 -37.06 -17.36
C VAL H 237 -18.84 -37.68 -16.82
N VAL H 238 -18.09 -36.88 -16.04
CA VAL H 238 -16.78 -37.27 -15.55
C VAL H 238 -16.76 -37.12 -14.04
N ILE H 239 -15.90 -37.92 -13.40
CA ILE H 239 -15.79 -37.97 -11.95
C ILE H 239 -14.32 -38.03 -11.58
N ARG H 240 -13.95 -37.36 -10.49
CA ARG H 240 -12.56 -37.27 -10.05
C ARG H 240 -12.50 -37.39 -8.54
N SER H 241 -11.54 -38.19 -8.06
CA SER H 241 -11.34 -38.38 -6.63
C SER H 241 -9.92 -38.84 -6.40
N GLU H 242 -9.30 -38.34 -5.32
CA GLU H 242 -7.96 -38.78 -4.98
C GLU H 242 -7.94 -40.27 -4.66
N ASN H 243 -8.97 -40.74 -3.95
CA ASN H 243 -9.15 -42.16 -3.68
C ASN H 243 -10.64 -42.43 -3.56
N ILE H 244 -11.01 -43.70 -3.80
CA ILE H 244 -12.42 -44.09 -3.80
C ILE H 244 -12.68 -45.04 -2.64
N THR H 245 -11.67 -45.83 -2.27
CA THR H 245 -11.82 -46.73 -1.13
C THR H 245 -12.00 -45.96 0.17
N ASP H 246 -11.23 -44.90 0.37
CA ASP H 246 -11.41 -44.03 1.52
C ASP H 246 -12.45 -42.95 1.20
N ASN H 247 -13.17 -42.52 2.23
CA ASN H 247 -14.26 -41.56 2.08
C ASN H 247 -13.97 -40.22 2.75
N ALA H 248 -12.70 -39.92 3.04
CA ALA H 248 -12.39 -38.70 3.77
C ALA H 248 -12.47 -37.46 2.89
N LYS H 249 -12.10 -37.57 1.62
CA LYS H 249 -11.96 -36.41 0.74
C LYS H 249 -13.13 -36.34 -0.24
N THR H 250 -13.43 -35.12 -0.68
CA THR H 250 -14.56 -34.89 -1.56
C THR H 250 -14.32 -35.51 -2.94
N ILE H 251 -15.40 -35.94 -3.58
CA ILE H 251 -15.39 -36.38 -4.97
C ILE H 251 -16.04 -35.30 -5.81
N ILE H 252 -15.40 -34.96 -6.93
CA ILE H 252 -15.87 -33.90 -7.83
C ILE H 252 -16.54 -34.55 -9.03
N VAL H 253 -17.78 -34.14 -9.29
CA VAL H 253 -18.54 -34.59 -10.46
C VAL H 253 -18.59 -33.43 -11.43
N GLN H 254 -18.53 -33.75 -12.73
CA GLN H 254 -18.52 -32.73 -13.77
C GLN H 254 -19.51 -33.14 -14.85
N LEU H 255 -20.28 -32.16 -15.33
CA LEU H 255 -21.39 -32.43 -16.24
C LEU H 255 -21.07 -31.94 -17.65
N ALA H 256 -21.14 -32.85 -18.62
CA ALA H 256 -21.06 -32.47 -20.03
C ALA H 256 -22.37 -31.89 -20.52
N LYS H 257 -23.50 -32.36 -19.98
CA LYS H 257 -24.82 -31.87 -20.35
C LYS H 257 -25.33 -30.93 -19.25
N PRO H 258 -25.08 -29.63 -19.34
CA PRO H 258 -25.44 -28.73 -18.25
C PRO H 258 -26.94 -28.56 -18.13
N VAL H 259 -27.36 -28.09 -16.95
CA VAL H 259 -28.76 -27.79 -16.66
C VAL H 259 -28.84 -26.35 -16.16
N LYS H 260 -29.74 -25.58 -16.74
CA LYS H 260 -29.91 -24.19 -16.34
C LYS H 260 -30.54 -24.11 -14.95
N ILE H 261 -30.10 -23.12 -14.17
CA ILE H 261 -30.70 -22.80 -12.89
C ILE H 261 -31.04 -21.32 -12.88
N ASN H 262 -32.31 -21.01 -12.59
CA ASN H 262 -32.79 -19.65 -12.49
C ASN H 262 -33.03 -19.31 -11.02
N CYS H 263 -32.52 -18.15 -10.60
CA CYS H 263 -32.73 -17.64 -9.26
C CYS H 263 -33.48 -16.32 -9.35
N THR H 264 -34.16 -15.95 -8.25
CA THR H 264 -34.91 -14.71 -8.24
C THR H 264 -35.18 -14.27 -6.81
N ARG H 265 -35.30 -12.94 -6.64
CA ARG H 265 -35.72 -12.31 -5.39
C ARG H 265 -36.85 -11.36 -5.76
N PRO H 266 -38.08 -11.86 -5.93
CA PRO H 266 -39.16 -11.01 -6.45
C PRO H 266 -39.65 -9.98 -5.45
N ASN H 267 -38.77 -9.07 -5.05
CA ASN H 267 -39.12 -7.96 -4.17
C ASN H 267 -38.37 -6.71 -4.60
N ASN H 268 -39.10 -5.60 -4.76
CA ASN H 268 -38.50 -4.32 -5.14
C ASN H 268 -38.02 -3.61 -3.88
N MET H 269 -37.05 -4.24 -3.22
CA MET H 269 -36.51 -3.72 -1.97
C MET H 269 -35.68 -2.48 -2.25
N THR H 270 -35.93 -1.42 -1.48
CA THR H 270 -35.24 -0.15 -1.64
C THR H 270 -34.00 -0.09 -0.75
N ARG H 271 -33.13 0.87 -1.06
CA ARG H 271 -31.89 1.06 -0.32
C ARG H 271 -31.97 2.33 0.51
N LYS H 272 -31.53 2.23 1.77
CA LYS H 272 -31.57 3.33 2.72
C LYS H 272 -30.15 3.69 3.12
N SER H 273 -29.79 4.97 2.98
CA SER H 273 -28.47 5.44 3.37
C SER H 273 -28.50 6.01 4.78
N ILE H 274 -27.47 5.70 5.56
CA ILE H 274 -27.34 6.15 6.94
C ILE H 274 -25.97 6.77 7.12
N ARG H 275 -25.92 7.96 7.71
CA ARG H 275 -24.67 8.66 7.99
C ARG H 275 -24.08 8.10 9.29
N ILE H 276 -23.56 6.87 9.19
CA ILE H 276 -23.09 6.17 10.38
C ILE H 276 -21.86 6.85 10.96
N GLY H 277 -20.96 7.33 10.12
CA GLY H 277 -19.74 7.96 10.58
C GLY H 277 -19.42 9.22 9.80
N PRO H 278 -18.32 9.89 10.15
CA PRO H 278 -17.96 11.12 9.44
C PRO H 278 -17.55 10.85 8.00
N GLY H 279 -18.42 11.22 7.06
CA GLY H 279 -18.15 11.01 5.66
C GLY H 279 -18.32 9.59 5.17
N GLN H 280 -18.78 8.68 6.03
CA GLN H 280 -18.97 7.27 5.69
C GLN H 280 -20.46 6.98 5.60
N THR H 281 -20.87 6.32 4.53
CA THR H 281 -22.28 6.06 4.25
C THR H 281 -22.56 4.57 4.41
N PHE H 282 -23.27 4.22 5.48
CA PHE H 282 -23.74 2.85 5.65
C PHE H 282 -25.03 2.63 4.88
N TYR H 283 -25.19 1.43 4.34
CA TYR H 283 -26.36 1.06 3.54
C TYR H 283 -27.19 0.04 4.29
N ALA H 284 -28.49 0.25 4.31
CA ALA H 284 -29.42 -0.65 4.97
C ALA H 284 -30.70 -0.73 4.15
N LEU H 285 -31.48 -1.79 4.40
CA LEU H 285 -32.69 -2.03 3.63
C LEU H 285 -33.73 -0.94 3.91
N GLY H 286 -34.41 -0.51 2.85
CA GLY H 286 -35.52 0.42 2.98
C GLY H 286 -36.84 -0.32 2.97
N ASP H 287 -37.90 0.42 2.62
CA ASP H 287 -39.22 -0.18 2.53
C ASP H 287 -39.33 -1.07 1.31
N ILE H 288 -40.13 -2.13 1.44
CA ILE H 288 -40.35 -3.07 0.35
C ILE H 288 -41.48 -2.55 -0.52
N ILE H 289 -41.27 -2.59 -1.84
CA ILE H 289 -42.23 -2.08 -2.81
C ILE H 289 -42.74 -3.26 -3.63
N GLY H 290 -44.05 -3.24 -3.90
CA GLY H 290 -44.64 -4.31 -4.68
C GLY H 290 -44.99 -5.52 -3.84
N ASN H 291 -45.11 -6.66 -4.52
CA ASN H 291 -45.48 -7.90 -3.86
C ASN H 291 -44.37 -8.38 -2.95
N ILE H 292 -44.66 -9.45 -2.20
CA ILE H 292 -43.73 -10.02 -1.24
C ILE H 292 -43.59 -11.51 -1.54
N ARG H 293 -42.34 -11.97 -1.61
CA ARG H 293 -42.06 -13.37 -1.87
C ARG H 293 -40.72 -13.74 -1.27
N LYS H 294 -40.58 -15.01 -0.89
CA LYS H 294 -39.29 -15.53 -0.48
C LYS H 294 -38.41 -15.73 -1.70
N PRO H 295 -37.09 -15.62 -1.55
CA PRO H 295 -36.20 -15.94 -2.68
C PRO H 295 -36.12 -17.44 -2.91
N TYR H 296 -36.20 -17.83 -4.18
CA TYR H 296 -36.21 -19.24 -4.54
C TYR H 296 -35.52 -19.42 -5.87
N CYS H 297 -35.17 -20.67 -6.18
CA CYS H 297 -34.48 -21.02 -7.41
C CYS H 297 -35.30 -22.04 -8.19
N ASN H 298 -35.13 -22.03 -9.50
CA ASN H 298 -35.79 -22.96 -10.40
C ASN H 298 -34.77 -23.91 -11.02
N VAL H 299 -35.09 -25.19 -11.01
CA VAL H 299 -34.46 -26.17 -11.88
C VAL H 299 -35.57 -27.09 -12.39
N SER H 300 -35.52 -27.40 -13.68
CA SER H 300 -36.62 -28.11 -14.32
C SER H 300 -36.53 -29.61 -14.03
N LYS H 301 -37.65 -30.20 -13.64
CA LYS H 301 -37.74 -31.64 -13.57
C LYS H 301 -37.42 -32.24 -14.94
N ARG H 302 -37.14 -33.54 -14.96
CA ARG H 302 -36.69 -34.23 -16.16
C ARG H 302 -35.32 -33.70 -16.59
N GLU H 303 -35.25 -32.42 -16.97
CA GLU H 303 -33.97 -31.83 -17.33
C GLU H 303 -32.93 -32.05 -16.24
N TRP H 304 -33.31 -31.86 -14.97
CA TRP H 304 -32.37 -32.06 -13.88
C TRP H 304 -32.28 -33.53 -13.49
N ASN H 305 -33.42 -34.20 -13.36
CA ASN H 305 -33.43 -35.59 -12.92
C ASN H 305 -32.60 -36.47 -13.85
N ASN H 306 -32.52 -36.09 -15.13
CA ASN H 306 -31.81 -36.93 -16.09
C ASN H 306 -30.34 -37.07 -15.75
N THR H 307 -29.69 -35.98 -15.32
CA THR H 307 -28.25 -36.02 -15.15
C THR H 307 -27.84 -36.96 -14.02
N LEU H 308 -28.67 -37.13 -13.00
CA LEU H 308 -28.35 -38.09 -11.95
C LEU H 308 -28.36 -39.52 -12.46
N GLN H 309 -29.21 -39.82 -13.45
CA GLN H 309 -29.15 -41.13 -14.08
C GLN H 309 -27.80 -41.33 -14.78
N GLN H 310 -27.18 -40.24 -15.23
CA GLN H 310 -25.88 -40.35 -15.88
C GLN H 310 -24.77 -40.60 -14.86
N VAL H 311 -24.72 -39.79 -13.81
CA VAL H 311 -23.61 -39.88 -12.86
C VAL H 311 -23.59 -41.25 -12.17
N ALA H 312 -24.76 -41.84 -11.95
CA ALA H 312 -24.82 -43.14 -11.29
C ALA H 312 -24.00 -44.18 -12.04
N ALA H 313 -23.94 -44.08 -13.38
CA ALA H 313 -23.19 -45.06 -14.16
C ALA H 313 -21.71 -45.04 -13.79
N GLN H 314 -21.12 -43.85 -13.68
CA GLN H 314 -19.70 -43.76 -13.39
C GLN H 314 -19.38 -44.18 -11.96
N LEU H 315 -20.29 -43.94 -11.01
CA LEU H 315 -20.05 -44.41 -9.65
C LEU H 315 -20.00 -45.93 -9.62
N ARG H 316 -20.95 -46.58 -10.29
CA ARG H 316 -21.03 -48.04 -10.28
C ARG H 316 -20.07 -48.69 -11.27
N LYS H 317 -19.42 -47.90 -12.14
CA LYS H 317 -18.30 -48.44 -12.89
C LYS H 317 -17.13 -48.79 -11.97
N SER H 318 -17.06 -48.14 -10.82
CA SER H 318 -16.05 -48.44 -9.79
C SER H 318 -16.64 -49.31 -8.68
N PHE H 319 -17.87 -49.03 -8.26
CA PHE H 319 -18.53 -49.75 -7.19
C PHE H 319 -19.41 -50.84 -7.80
N ASN H 320 -19.26 -52.06 -7.31
CA ASN H 320 -20.02 -53.19 -7.83
C ASN H 320 -21.50 -53.08 -7.46
N THR H 323 -27.04 -50.42 -6.73
CA THR H 323 -27.95 -49.29 -6.80
C THR H 323 -27.37 -48.09 -6.06
N ILE H 324 -27.80 -46.89 -6.44
CA ILE H 324 -27.24 -45.65 -5.92
C ILE H 324 -28.37 -44.75 -5.45
N VAL H 325 -28.13 -44.04 -4.35
CA VAL H 325 -29.11 -43.16 -3.73
C VAL H 325 -28.42 -41.85 -3.36
N PHE H 326 -29.15 -40.74 -3.51
CA PHE H 326 -28.63 -39.42 -3.21
C PHE H 326 -29.50 -38.77 -2.15
N GLU H 327 -28.87 -38.20 -1.13
CA GLU H 327 -29.57 -37.75 0.07
C GLU H 327 -29.13 -36.32 0.43
N LYS H 328 -29.92 -35.69 1.29
CA LYS H 328 -29.67 -34.30 1.67
C LYS H 328 -28.35 -34.14 2.41
N SER H 329 -28.03 -32.89 2.74
CA SER H 329 -26.70 -32.54 3.25
C SER H 329 -26.37 -33.30 4.53
N SER H 330 -25.11 -33.73 4.63
CA SER H 330 -24.70 -34.57 5.74
C SER H 330 -24.80 -33.87 7.09
N GLY H 331 -24.44 -32.60 7.17
CA GLY H 331 -24.53 -31.84 8.40
C GLY H 331 -23.50 -30.74 8.53
N GLY H 332 -23.76 -29.79 9.40
CA GLY H 332 -22.87 -28.67 9.61
C GLY H 332 -23.66 -27.42 9.93
N ASP H 333 -22.95 -26.29 9.92
CA ASP H 333 -23.60 -25.01 10.08
C ASP H 333 -24.41 -24.67 8.82
N LEU H 334 -25.28 -23.67 8.94
CA LEU H 334 -26.02 -23.20 7.77
C LEU H 334 -25.08 -22.64 6.71
N GLU H 335 -23.85 -22.31 7.07
CA GLU H 335 -22.85 -21.93 6.07
C GLU H 335 -22.55 -23.09 5.12
N VAL H 336 -22.64 -24.32 5.61
CA VAL H 336 -22.12 -25.48 4.89
C VAL H 336 -23.21 -26.50 4.54
N THR H 337 -24.39 -26.44 5.15
CA THR H 337 -25.44 -27.40 4.86
C THR H 337 -26.31 -26.92 3.69
N THR H 338 -25.72 -26.12 2.80
CA THR H 338 -26.51 -25.36 1.84
C THR H 338 -25.74 -25.16 0.55
N HIS H 339 -26.48 -24.83 -0.50
CA HIS H 339 -25.89 -24.33 -1.74
C HIS H 339 -25.83 -22.81 -1.63
N SER H 340 -24.69 -22.29 -1.20
CA SER H 340 -24.47 -20.86 -1.08
C SER H 340 -23.79 -20.35 -2.34
N PHE H 341 -24.26 -19.22 -2.85
CA PHE H 341 -23.71 -18.65 -4.07
C PHE H 341 -24.13 -17.20 -4.16
N ASN H 342 -23.51 -16.50 -5.11
CA ASN H 342 -23.76 -15.07 -5.34
C ASN H 342 -24.54 -14.92 -6.63
N CYS H 343 -25.62 -14.14 -6.59
CA CYS H 343 -26.46 -13.89 -7.75
C CYS H 343 -26.91 -12.44 -7.74
N GLY H 344 -26.43 -11.67 -8.72
CA GLY H 344 -26.85 -10.28 -8.86
C GLY H 344 -26.22 -9.35 -7.85
N GLY H 345 -25.25 -9.84 -7.10
CA GLY H 345 -24.58 -9.06 -6.08
C GLY H 345 -25.06 -9.26 -4.67
N GLU H 346 -26.11 -10.06 -4.47
CA GLU H 346 -26.60 -10.41 -3.14
C GLU H 346 -26.46 -11.90 -2.92
N PHE H 347 -25.90 -12.27 -1.77
CA PHE H 347 -25.52 -13.65 -1.52
C PHE H 347 -26.72 -14.49 -1.13
N PHE H 348 -26.65 -15.78 -1.43
CA PHE H 348 -27.72 -16.73 -1.17
C PHE H 348 -27.16 -17.92 -0.40
N TYR H 349 -28.07 -18.63 0.29
CA TYR H 349 -27.75 -19.85 1.04
C TYR H 349 -28.98 -20.76 0.93
N CYS H 350 -28.95 -21.70 -0.02
CA CYS H 350 -30.14 -22.46 -0.36
C CYS H 350 -29.98 -23.96 -0.08
N ASN H 351 -31.08 -24.67 -0.28
CA ASN H 351 -31.37 -25.94 0.38
C ASN H 351 -30.80 -27.16 -0.33
N THR H 352 -31.23 -27.40 -1.57
CA THR H 352 -30.79 -28.55 -2.37
C THR H 352 -31.41 -29.86 -1.90
N SER H 353 -32.19 -29.83 -0.83
CA SER H 353 -32.84 -31.06 -0.38
C SER H 353 -33.98 -31.48 -1.28
N GLY H 354 -34.47 -30.59 -2.14
CA GLY H 354 -35.51 -30.96 -3.09
C GLY H 354 -34.98 -31.61 -4.35
N LEU H 355 -33.66 -31.77 -4.46
CA LEU H 355 -33.02 -32.37 -5.64
C LEU H 355 -32.37 -33.70 -5.33
N PHE H 356 -31.48 -33.75 -4.34
CA PHE H 356 -30.73 -34.97 -4.01
C PHE H 356 -31.55 -35.80 -3.02
N ASN H 357 -32.72 -36.20 -3.49
CA ASN H 357 -33.67 -36.94 -2.67
C ASN H 357 -34.27 -38.09 -3.48
N SER H 358 -33.41 -38.83 -4.19
CA SER H 358 -33.86 -39.85 -5.13
C SER H 358 -33.03 -41.11 -4.95
N THR H 359 -33.60 -42.24 -5.37
CA THR H 359 -32.96 -43.54 -5.30
C THR H 359 -32.80 -44.11 -6.71
N TRP H 360 -31.78 -44.94 -6.89
CA TRP H 360 -31.52 -45.56 -8.18
C TRP H 360 -31.08 -47.02 -8.00
N ASP H 379 -42.24 -29.13 -15.59
CA ASP H 379 -42.53 -28.51 -14.29
C ASP H 379 -41.23 -28.22 -13.54
N THR H 380 -41.10 -27.00 -13.03
CA THR H 380 -39.92 -26.62 -12.26
C THR H 380 -40.10 -27.00 -10.80
N ILE H 381 -39.06 -27.63 -10.25
CA ILE H 381 -39.04 -28.01 -8.83
C ILE H 381 -38.38 -26.88 -8.05
N THR H 382 -39.00 -26.48 -6.95
CA THR H 382 -38.62 -25.28 -6.23
C THR H 382 -37.51 -25.55 -5.22
N LEU H 383 -36.67 -24.54 -5.00
CA LEU H 383 -35.72 -24.51 -3.89
C LEU H 383 -35.88 -23.18 -3.18
N GLN H 384 -36.66 -23.15 -2.11
CA GLN H 384 -36.89 -21.94 -1.33
C GLN H 384 -35.77 -21.80 -0.31
N CYS H 385 -35.30 -20.57 -0.12
CA CYS H 385 -34.11 -20.36 0.68
C CYS H 385 -34.04 -18.93 1.19
N ARG H 386 -32.92 -18.60 1.83
CA ARG H 386 -32.76 -17.37 2.59
C ARG H 386 -31.56 -16.58 2.08
N ILE H 387 -31.59 -15.27 2.34
CA ILE H 387 -30.50 -14.38 1.98
C ILE H 387 -29.79 -13.91 3.24
N LYS H 388 -28.50 -13.63 3.12
CA LYS H 388 -27.71 -13.08 4.21
C LYS H 388 -26.94 -11.85 3.73
N GLN H 389 -26.79 -10.87 4.62
CA GLN H 389 -25.94 -9.73 4.35
C GLN H 389 -24.52 -9.92 4.87
N ILE H 390 -24.37 -10.55 6.04
CA ILE H 390 -23.08 -10.80 6.66
C ILE H 390 -22.62 -12.19 6.24
N ILE H 391 -21.42 -12.26 5.67
CA ILE H 391 -20.90 -13.50 5.11
C ILE H 391 -19.45 -13.69 5.53
N ASN H 392 -19.00 -14.94 5.52
CA ASN H 392 -17.61 -15.29 5.70
C ASN H 392 -17.08 -16.22 4.62
N MET H 393 -17.91 -17.13 4.12
CA MET H 393 -17.55 -18.02 3.01
C MET H 393 -16.40 -18.93 3.41
N TRP H 394 -15.20 -18.36 3.55
CA TRP H 394 -14.02 -19.13 3.88
C TRP H 394 -14.11 -19.64 5.33
N GLN H 395 -13.41 -20.74 5.59
CA GLN H 395 -13.34 -21.25 6.96
C GLN H 395 -12.71 -20.24 7.91
N ARG H 396 -11.96 -19.28 7.39
CA ARG H 396 -11.32 -18.25 8.21
C ARG H 396 -12.38 -17.28 8.71
N VAL H 397 -12.54 -17.20 10.04
CA VAL H 397 -13.56 -16.33 10.62
C VAL H 397 -13.03 -14.95 10.97
N GLY H 398 -11.74 -14.69 10.79
CA GLY H 398 -11.16 -13.43 11.19
C GLY H 398 -11.44 -12.29 10.24
N ARG H 399 -12.12 -12.58 9.13
CA ARG H 399 -12.49 -11.55 8.15
C ARG H 399 -13.98 -11.64 7.88
N CYS H 400 -14.64 -10.50 7.77
CA CYS H 400 -16.07 -10.41 7.56
C CYS H 400 -16.37 -9.47 6.41
N MET H 401 -17.48 -9.71 5.72
CA MET H 401 -17.94 -8.88 4.62
C MET H 401 -19.46 -8.70 4.72
N TYR H 402 -19.89 -7.45 4.65
CA TYR H 402 -21.30 -7.08 4.69
C TYR H 402 -21.70 -6.60 3.31
N ALA H 403 -22.52 -7.38 2.61
CA ALA H 403 -22.91 -7.07 1.25
C ALA H 403 -24.18 -6.23 1.28
N PRO H 404 -24.16 -4.96 0.87
CA PRO H 404 -25.38 -4.16 0.92
C PRO H 404 -26.38 -4.64 -0.10
N PRO H 405 -27.67 -4.43 0.13
CA PRO H 405 -28.68 -4.89 -0.82
C PRO H 405 -28.59 -4.13 -2.14
N ILE H 406 -28.96 -4.82 -3.21
CA ILE H 406 -29.01 -4.23 -4.55
C ILE H 406 -30.44 -3.76 -4.80
N PRO H 407 -30.67 -2.50 -5.19
CA PRO H 407 -32.04 -2.03 -5.40
C PRO H 407 -32.75 -2.85 -6.46
N GLY H 408 -34.04 -3.06 -6.25
CA GLY H 408 -34.89 -3.70 -7.24
C GLY H 408 -34.86 -5.22 -7.16
N VAL H 409 -35.73 -5.82 -7.96
CA VAL H 409 -35.82 -7.27 -8.01
C VAL H 409 -34.55 -7.84 -8.62
N ILE H 410 -34.23 -9.08 -8.25
CA ILE H 410 -33.04 -9.78 -8.70
C ILE H 410 -33.46 -11.05 -9.42
N ARG H 411 -32.76 -11.36 -10.51
CA ARG H 411 -32.87 -12.66 -11.16
C ARG H 411 -31.59 -12.93 -11.93
N CYS H 412 -31.27 -14.22 -12.10
CA CYS H 412 -30.07 -14.60 -12.81
C CYS H 412 -30.20 -16.04 -13.27
N GLU H 413 -29.54 -16.35 -14.39
CA GLU H 413 -29.51 -17.68 -14.96
C GLU H 413 -28.05 -18.13 -15.11
N SER H 414 -27.80 -19.39 -14.79
CA SER H 414 -26.44 -19.92 -14.82
C SER H 414 -26.48 -21.40 -15.17
N ASN H 415 -25.33 -21.92 -15.57
CA ASN H 415 -25.18 -23.32 -15.97
C ASN H 415 -24.56 -24.10 -14.81
N ILE H 416 -25.29 -25.10 -14.31
CA ILE H 416 -24.69 -26.05 -13.39
C ILE H 416 -23.90 -27.07 -14.19
N THR H 417 -22.66 -27.33 -13.76
CA THR H 417 -21.77 -28.24 -14.48
C THR H 417 -21.03 -29.21 -13.58
N GLY H 418 -21.42 -29.34 -12.31
CA GLY H 418 -20.72 -30.27 -11.45
C GLY H 418 -21.33 -30.32 -10.06
N LEU H 419 -20.84 -31.27 -9.27
CA LEU H 419 -21.26 -31.46 -7.90
C LEU H 419 -20.03 -31.66 -7.02
N LEU H 420 -20.23 -31.60 -5.71
CA LEU H 420 -19.16 -31.82 -4.74
C LEU H 420 -19.57 -32.92 -3.76
N LEU H 421 -20.06 -34.03 -4.29
CA LEU H 421 -20.65 -35.08 -3.47
C LEU H 421 -19.61 -35.74 -2.57
N THR H 422 -20.09 -36.59 -1.67
CA THR H 422 -19.25 -37.40 -0.79
C THR H 422 -19.92 -38.74 -0.57
N ARG H 423 -19.12 -39.72 -0.15
CA ARG H 423 -19.59 -41.09 0.04
C ARG H 423 -19.94 -41.30 1.51
N ASP H 424 -21.02 -42.05 1.75
CA ASP H 424 -21.43 -42.43 3.09
C ASP H 424 -20.92 -43.81 3.47
N GLY H 425 -21.18 -44.81 2.61
CA GLY H 425 -20.72 -46.16 2.87
C GLY H 425 -21.37 -46.77 4.09
N ASN H 431 -26.57 -50.43 -0.90
CA ASN H 431 -26.96 -49.67 0.28
C ASN H 431 -26.15 -48.39 0.41
N GLU H 432 -25.21 -48.17 -0.51
CA GLU H 432 -24.26 -47.06 -0.41
C GLU H 432 -24.92 -45.81 -0.98
N THR H 433 -25.04 -44.78 -0.13
CA THR H 433 -25.61 -43.51 -0.53
C THR H 433 -24.51 -42.47 -0.72
N PHE H 434 -24.89 -41.32 -1.29
CA PHE H 434 -24.03 -40.17 -1.37
C PHE H 434 -24.81 -38.94 -0.91
N ARG H 435 -24.07 -37.91 -0.51
CA ARG H 435 -24.66 -36.64 -0.09
C ARG H 435 -23.85 -35.49 -0.66
N PRO H 436 -24.48 -34.35 -0.93
CA PRO H 436 -23.73 -33.22 -1.48
C PRO H 436 -22.89 -32.51 -0.43
N GLY H 437 -21.58 -32.73 -0.46
CA GLY H 437 -20.67 -32.06 0.44
C GLY H 437 -20.11 -30.80 -0.19
N GLY H 438 -19.47 -29.99 0.64
CA GLY H 438 -18.82 -28.79 0.16
C GLY H 438 -17.33 -28.78 0.41
N GLY H 439 -16.90 -29.43 1.49
CA GLY H 439 -15.50 -29.43 1.86
C GLY H 439 -14.96 -28.01 1.96
N ASP H 440 -13.63 -27.92 2.03
CA ASP H 440 -12.99 -26.62 1.98
C ASP H 440 -13.15 -26.02 0.59
N MET H 441 -12.95 -24.71 0.49
CA MET H 441 -13.30 -24.00 -0.73
C MET H 441 -12.49 -24.44 -1.93
N ARG H 442 -11.20 -24.73 -1.74
CA ARG H 442 -10.30 -24.80 -2.89
C ARG H 442 -10.69 -25.87 -3.89
N ASP H 443 -11.51 -26.85 -3.50
CA ASP H 443 -11.93 -27.89 -4.43
C ASP H 443 -12.74 -27.34 -5.59
N ASN H 444 -13.28 -26.13 -5.48
CA ASN H 444 -13.96 -25.50 -6.62
C ASN H 444 -12.97 -25.22 -7.74
N TRP H 445 -11.77 -24.76 -7.41
CA TRP H 445 -10.80 -24.39 -8.43
C TRP H 445 -10.39 -25.58 -9.27
N ARG H 446 -10.18 -26.73 -8.64
CA ARG H 446 -9.64 -27.89 -9.35
C ARG H 446 -10.56 -28.34 -10.46
N SER H 447 -11.84 -27.99 -10.40
CA SER H 447 -12.74 -28.28 -11.50
C SER H 447 -12.38 -27.48 -12.75
N GLU H 448 -11.63 -26.40 -12.61
CA GLU H 448 -11.23 -25.56 -13.74
C GLU H 448 -9.77 -25.69 -14.13
N LEU H 449 -8.93 -26.26 -13.27
CA LEU H 449 -7.49 -26.30 -13.49
C LEU H 449 -6.94 -27.71 -13.65
N TYR H 450 -7.80 -28.73 -13.74
CA TYR H 450 -7.32 -30.10 -13.76
C TYR H 450 -6.50 -30.40 -15.01
N LYS H 451 -6.80 -29.73 -16.13
CA LYS H 451 -6.10 -30.02 -17.37
C LYS H 451 -4.71 -29.40 -17.44
N TYR H 452 -4.41 -28.42 -16.59
CA TYR H 452 -3.24 -27.58 -16.76
C TYR H 452 -2.17 -27.94 -15.75
N LYS H 453 -0.93 -28.10 -16.23
CA LYS H 453 0.23 -28.36 -15.38
C LYS H 453 1.35 -27.45 -15.85
N VAL H 454 1.87 -26.63 -14.94
CA VAL H 454 2.96 -25.71 -15.27
C VAL H 454 4.27 -26.48 -15.25
N VAL H 455 5.12 -26.22 -16.24
CA VAL H 455 6.38 -26.95 -16.40
C VAL H 455 7.45 -25.99 -16.89
N GLN H 456 8.65 -26.13 -16.33
CA GLN H 456 9.79 -25.32 -16.74
C GLN H 456 10.41 -25.89 -18.00
N ILE H 457 11.06 -25.02 -18.78
CA ILE H 457 11.72 -25.39 -20.02
C ILE H 457 13.22 -25.42 -19.80
N GLU H 458 13.85 -26.55 -20.20
CA GLU H 458 15.29 -26.72 -20.15
C GLU H 458 15.79 -26.68 -21.59
N PRO H 459 16.06 -25.47 -22.13
CA PRO H 459 16.29 -25.36 -23.58
C PRO H 459 17.58 -25.98 -24.07
N LEU H 460 18.40 -26.55 -23.20
CA LEU H 460 19.73 -27.03 -23.57
C LEU H 460 19.83 -28.54 -23.42
N GLY H 461 20.40 -29.18 -24.44
CA GLY H 461 20.66 -30.60 -24.38
C GLY H 461 21.96 -30.92 -25.07
N VAL H 462 22.64 -31.95 -24.57
CA VAL H 462 23.96 -32.34 -25.06
C VAL H 462 23.96 -33.84 -25.34
N ALA H 463 24.53 -34.23 -26.48
CA ALA H 463 24.61 -35.62 -26.87
C ALA H 463 25.88 -35.83 -27.70
N PRO H 464 26.45 -37.02 -27.69
CA PRO H 464 27.64 -37.26 -28.52
C PRO H 464 27.29 -37.38 -29.99
N THR H 465 28.24 -37.01 -30.83
CA THR H 465 28.07 -37.11 -32.28
C THR H 465 29.44 -37.16 -32.93
N HIS H 466 29.47 -37.67 -34.18
CA HIS H 466 30.72 -37.75 -34.92
C HIS H 466 31.29 -36.38 -35.28
N CYS H 467 30.50 -35.31 -35.16
CA CYS H 467 30.99 -33.99 -35.50
C CYS H 467 32.08 -33.57 -34.52
N LYS H 468 32.82 -32.52 -34.90
CA LYS H 468 33.91 -32.01 -34.08
C LYS H 468 34.12 -30.54 -34.39
N ARG H 469 34.58 -29.81 -33.39
CA ARG H 469 34.89 -28.39 -33.58
C ARG H 469 36.10 -28.24 -34.50
N ARG H 470 36.02 -27.28 -35.41
CA ARG H 470 37.10 -27.03 -36.35
C ARG H 470 38.18 -26.15 -35.73
C1 NAG I . -19.56 20.44 27.67
C2 NAG I . -20.89 21.01 27.17
C3 NAG I . -21.68 21.58 28.33
C4 NAG I . -21.84 20.56 29.44
C5 NAG I . -20.48 19.95 29.80
C6 NAG I . -20.56 18.84 30.81
C7 NAG I . -20.64 21.76 24.84
C8 NAG I . -20.38 22.96 23.97
N2 NAG I . -20.66 22.01 26.16
O3 NAG I . -22.93 22.01 27.84
O4 NAG I . -22.38 21.24 30.55
O5 NAG I . -19.85 19.45 28.64
O6 NAG I . -21.39 17.81 30.32
O7 NAG I . -20.82 20.65 24.36
C1 NAG I . -23.68 20.71 30.90
C2 NAG I . -24.11 21.42 32.19
C3 NAG I . -25.54 21.07 32.56
C4 NAG I . -26.48 21.23 31.38
C5 NAG I . -25.92 20.46 30.19
C6 NAG I . -26.75 20.52 28.94
C7 NAG I . -22.21 21.84 33.71
C8 NAG I . -21.41 21.24 34.84
N2 NAG I . -23.21 21.07 33.25
O3 NAG I . -25.92 21.88 33.65
O4 NAG I . -27.74 20.76 31.80
O5 NAG I . -24.63 20.96 29.89
O6 NAG I . -27.02 21.87 28.62
O7 NAG I . -21.95 22.95 33.27
C1 BMA I . -28.84 21.55 31.28
C2 BMA I . -30.12 20.99 31.90
C3 BMA I . -31.31 21.71 31.24
C4 BMA I . -31.16 23.24 31.11
C5 BMA I . -29.76 23.84 31.37
C6 BMA I . -29.74 24.88 32.49
O2 BMA I . -30.06 21.16 33.28
O3 BMA I . -32.49 21.32 31.91
O4 BMA I . -31.56 23.53 29.78
O5 BMA I . -28.71 22.92 31.60
O6 BMA I . -28.47 25.49 32.45
C1 MAN I . -33.03 20.09 31.35
C2 MAN I . -33.77 20.38 30.04
C3 MAN I . -35.00 21.25 30.30
C4 MAN I . -35.91 20.55 31.32
C5 MAN I . -35.10 20.21 32.58
C6 MAN I . -35.93 19.36 33.51
O2 MAN I . -34.12 19.13 29.50
O3 MAN I . -35.65 21.44 29.07
O4 MAN I . -36.96 21.45 31.60
O5 MAN I . -33.93 19.49 32.26
O6 MAN I . -37.16 19.99 33.74
C1 NAG J . 25.94 20.55 -38.49
C2 NAG J . 27.19 19.72 -38.17
C3 NAG J . 28.44 20.52 -38.53
C4 NAG J . 28.36 21.00 -39.97
C5 NAG J . 27.04 21.72 -40.21
C6 NAG J . 26.84 22.18 -41.64
C7 NAG J . 27.04 18.05 -36.36
C8 NAG J . 27.11 17.88 -34.86
N2 NAG J . 27.22 19.32 -36.79
O3 NAG J . 29.56 19.71 -38.31
O4 NAG J . 29.47 21.86 -40.18
O5 NAG J . 25.96 20.88 -39.85
O6 NAG J . 26.91 21.06 -42.50
O7 NAG J . 26.83 17.11 -37.09
C1 NAG J . 30.16 21.52 -41.39
C2 NAG J . 30.97 22.75 -41.82
C3 NAG J . 31.77 22.41 -43.08
C4 NAG J . 32.61 21.16 -42.86
C5 NAG J . 31.72 20.03 -42.36
C6 NAG J . 32.47 18.75 -42.06
C7 NAG J . 30.03 24.95 -41.25
C8 NAG J . 29.06 26.01 -41.68
N2 NAG J . 30.11 23.87 -42.04
O3 NAG J . 32.56 23.52 -43.40
O4 NAG J . 33.22 20.84 -44.09
O5 NAG J . 31.04 20.43 -41.18
O6 NAG J . 33.09 18.27 -43.23
O7 NAG J . 30.72 25.09 -40.24
C1 NAG K . 14.53 35.78 -7.45
C2 NAG K . 15.32 34.50 -7.71
C3 NAG K . 16.77 34.70 -7.26
C4 NAG K . 17.35 35.92 -7.97
C5 NAG K . 16.43 37.13 -7.78
C6 NAG K . 16.89 38.35 -8.55
C7 NAG K . 14.46 33.29 -5.73
C8 NAG K . 13.84 31.99 -5.29
N2 NAG K . 14.73 33.37 -7.04
O3 NAG K . 17.48 33.53 -7.55
O4 NAG K . 18.62 36.17 -7.40
O5 NAG K . 15.12 36.82 -8.19
O6 NAG K . 15.95 39.39 -8.40
O7 NAG K . 14.70 34.18 -4.93
C1 NAG K . 19.70 35.54 -8.12
C2 NAG K . 20.98 36.32 -7.82
C3 NAG K . 22.17 35.66 -8.50
C4 NAG K . 22.24 34.20 -8.11
C5 NAG K . 20.90 33.52 -8.40
C6 NAG K . 20.87 32.06 -8.00
C7 NAG K . 20.59 38.12 -9.48
C8 NAG K . 20.49 39.61 -9.64
N2 NAG K . 20.84 37.70 -8.23
O3 NAG K . 23.33 36.37 -8.14
O4 NAG K . 23.29 33.62 -8.85
O5 NAG K . 19.87 34.20 -7.71
O6 NAG K . 21.86 31.35 -8.69
O7 NAG K . 20.44 37.36 -10.44
C1 NAG L . -10.73 32.89 25.46
C2 NAG L . -10.35 34.05 26.39
C3 NAG L . -9.63 33.53 27.63
C4 NAG L . -10.48 32.46 28.29
C5 NAG L . -10.77 31.37 27.26
C6 NAG L . -11.55 30.20 27.80
C7 NAG L . -8.36 34.80 25.14
C8 NAG L . -7.73 35.99 24.46
N2 NAG L . -9.57 35.03 25.69
O3 NAG L . -9.36 34.61 28.48
O4 NAG L . -9.77 31.95 29.40
O5 NAG L . -11.47 31.94 26.17
O6 NAG L . -10.81 29.57 28.83
O7 NAG L . -7.80 33.73 25.18
C1 NAG L . -10.42 32.33 30.62
C2 NAG L . -9.78 31.54 31.77
C3 NAG L . -10.44 31.95 33.09
C4 NAG L . -10.34 33.46 33.26
C5 NAG L . -10.93 34.16 32.04
C6 NAG L . -10.84 35.66 32.09
C7 NAG L . -8.92 29.27 31.32
C8 NAG L . -9.33 27.83 31.13
N2 NAG L . -9.94 30.12 31.55
O3 NAG L . -9.79 31.27 34.13
O4 NAG L . -11.06 33.79 34.44
O5 NAG L . -10.25 33.71 30.88
O6 NAG L . -9.50 36.06 32.27
O7 NAG L . -7.75 29.61 31.29
C1 NAG M . 5.90 46.47 3.50
C2 NAG M . 7.23 46.83 4.15
C3 NAG M . 6.95 47.61 5.42
C4 NAG M . 6.01 48.79 5.18
C5 NAG M . 4.82 48.39 4.28
C6 NAG M . 4.00 49.57 3.80
C7 NAG M . 7.61 44.57 5.08
C8 NAG M . 8.65 43.49 5.23
N2 NAG M . 8.03 45.67 4.41
O3 NAG M . 8.21 48.03 5.92
O4 NAG M . 5.49 49.21 6.43
O5 NAG M . 5.26 47.67 3.15
O6 NAG M . 3.00 49.11 2.92
O7 NAG M . 6.49 44.43 5.54
C1 NAG M . 6.49 49.85 7.26
C2 NAG M . 5.73 50.67 8.32
C3 NAG M . 6.72 51.33 9.27
C4 NAG M . 7.64 50.27 9.87
C5 NAG M . 8.31 49.49 8.73
C6 NAG M . 9.22 48.39 9.21
C7 NAG M . 5.29 52.67 6.92
C8 NAG M . 4.19 53.54 6.39
N2 NAG M . 4.87 51.65 7.69
O3 NAG M . 5.99 52.00 10.26
O4 NAG M . 8.58 50.93 10.68
O5 NAG M . 7.32 48.92 7.91
O6 NAG M . 9.69 47.64 8.10
O7 NAG M . 6.46 52.88 6.64
C1 NAG N . 11.26 42.79 0.38
C2 NAG N . 11.34 44.27 -0.02
C3 NAG N . 12.73 44.58 -0.58
C4 NAG N . 13.80 44.18 0.43
C5 NAG N . 13.57 42.72 0.85
C6 NAG N . 14.55 42.24 1.91
C7 NAG N . 9.28 45.42 -0.72
C8 NAG N . 8.33 45.62 -1.87
N2 NAG N . 10.32 44.61 -0.97
O3 NAG N . 12.78 45.95 -0.88
O4 NAG N . 15.04 44.37 -0.21
O5 NAG N . 12.26 42.54 1.34
O6 NAG N . 14.47 43.08 3.04
O7 NAG N . 9.09 45.96 0.36
C1 NAG N . 15.94 45.18 0.60
C2 NAG N . 17.28 45.23 -0.13
C3 NAG N . 18.26 46.12 0.63
C4 NAG N . 17.64 47.48 0.93
C5 NAG N . 16.28 47.29 1.59
C6 NAG N . 15.55 48.60 1.86
C7 NAG N . 18.11 43.04 0.67
C8 NAG N . 18.70 41.73 0.21
N2 NAG N . 17.84 43.92 -0.32
O3 NAG N . 19.43 46.23 -0.14
O4 NAG N . 18.60 48.13 1.76
O5 NAG N . 15.46 46.49 0.78
O6 NAG N . 14.25 48.33 2.32
O7 NAG N . 17.92 43.27 1.85
C1 BMA N . 19.08 49.41 1.26
C2 BMA N . 20.09 49.19 0.12
C3 BMA N . 20.58 50.55 -0.43
C4 BMA N . 19.65 51.76 -0.24
C5 BMA N . 18.26 51.53 0.36
C6 BMA N . 17.10 51.99 -0.53
O2 BMA N . 19.54 48.42 -0.91
O3 BMA N . 20.90 50.31 -1.78
O4 BMA N . 20.38 52.65 0.58
O5 BMA N . 17.99 50.21 0.78
O6 BMA N . 15.94 51.97 0.26
C1 NAG O . 10.48 30.92 -2.58
C2 NAG O . 9.59 30.37 -1.46
C3 NAG O . 9.96 31.00 -0.12
C4 NAG O . 11.46 30.88 0.14
C5 NAG O . 12.20 31.48 -1.05
C6 NAG O . 13.71 31.41 -0.92
C7 NAG O . 7.26 29.66 -1.87
C8 NAG O . 5.87 30.18 -2.13
N2 NAG O . 8.19 30.62 -1.73
O3 NAG O . 9.20 30.37 0.87
O4 NAG O . 11.73 31.59 1.32
O5 NAG O . 11.83 30.79 -2.22
O6 NAG O . 14.11 32.10 0.23
O7 NAG O . 7.50 28.46 -1.81
C1 NAG O . 12.14 30.69 2.38
C2 NAG O . 12.73 31.54 3.52
C3 NAG O . 13.16 30.64 4.66
C4 NAG O . 12.00 29.75 5.10
C5 NAG O . 11.43 29.02 3.88
C6 NAG O . 10.22 28.15 4.19
C7 NAG O . 13.74 33.63 2.70
C8 NAG O . 15.02 34.25 2.20
N2 NAG O . 13.83 32.33 3.03
O3 NAG O . 13.62 31.45 5.70
O4 NAG O . 12.52 28.84 6.05
O5 NAG O . 11.05 29.95 2.89
O6 NAG O . 9.70 27.61 3.00
O7 NAG O . 12.70 34.29 2.78
C1 BMA O . 11.95 29.01 7.37
C2 BMA O . 11.98 27.66 8.05
C3 BMA O . 11.39 27.79 9.47
C4 BMA O . 11.99 28.96 10.30
C5 BMA O . 12.45 30.19 9.50
C6 BMA O . 13.67 30.90 10.10
O2 BMA O . 13.29 27.16 8.02
O3 BMA O . 11.42 26.49 10.05
O4 BMA O . 10.94 29.34 11.16
O5 BMA O . 12.69 29.97 8.11
O6 BMA O . 14.70 30.95 9.13
C1 MAN O . 12.62 26.11 10.74
C2 MAN O . 12.71 24.58 10.68
C3 MAN O . 11.54 23.97 11.45
C4 MAN O . 11.52 24.51 12.88
C5 MAN O . 11.50 26.03 12.85
C6 MAN O . 11.63 26.62 14.24
O2 MAN O . 13.94 24.21 11.25
O3 MAN O . 11.69 22.57 11.42
O4 MAN O . 10.36 23.98 13.50
O5 MAN O . 12.58 26.53 12.08
O6 MAN O . 12.86 26.23 14.79
C1 MAN O . 15.35 32.25 9.18
C2 MAN O . 16.50 32.22 8.17
C3 MAN O . 17.59 31.27 8.63
C4 MAN O . 18.07 31.64 10.03
C5 MAN O . 16.86 31.67 10.97
C6 MAN O . 17.26 32.19 12.34
O2 MAN O . 16.98 33.55 8.07
O3 MAN O . 18.64 31.33 7.68
O4 MAN O . 19.01 30.67 10.42
O5 MAN O . 15.84 32.52 10.47
O6 MAN O . 16.14 32.20 13.18
C1 NAG P . -21.51 21.41 4.74
C2 NAG P . -22.36 21.20 3.49
C3 NAG P . -22.03 22.27 2.45
C4 NAG P . -22.18 23.67 3.05
C5 NAG P . -21.42 23.75 4.37
C6 NAG P . -21.66 25.05 5.12
C7 NAG P . -23.09 18.88 3.09
C8 NAG P . -22.71 17.57 2.43
N2 NAG P . -22.20 19.88 2.95
O3 NAG P . -22.87 22.06 1.35
O4 NAG P . -21.62 24.61 2.15
O5 NAG P . -21.79 22.70 5.23
O6 NAG P . -23.04 25.19 5.38
O7 NAG P . -24.15 19.00 3.68
C1 NAG P . -22.47 24.92 1.03
C2 NAG P . -22.51 26.44 0.85
C3 NAG P . -23.28 26.82 -0.42
C4 NAG P . -22.71 26.07 -1.61
C5 NAG P . -22.74 24.56 -1.31
C6 NAG P . -22.19 23.72 -2.43
C7 NAG P . -22.55 28.17 2.61
C8 NAG P . -23.34 28.69 3.78
N2 NAG P . -23.09 27.10 1.99
O3 NAG P . -23.21 28.21 -0.59
O4 NAG P . -23.51 26.40 -2.73
O5 NAG P . -21.98 24.31 -0.14
O6 NAG P . -20.88 24.11 -2.73
O7 NAG P . -21.50 28.69 2.27
C1 NAG Q . 7.02 36.00 20.98
C2 NAG Q . 8.38 36.69 21.09
C3 NAG Q . 9.36 35.79 21.82
C4 NAG Q . 8.79 35.31 23.15
C5 NAG Q . 7.37 34.75 22.94
C6 NAG Q . 6.67 34.35 24.22
C7 NAG Q . 8.62 38.22 19.17
C8 NAG Q . 9.23 38.37 17.80
N2 NAG Q . 8.86 37.05 19.79
O3 NAG Q . 10.55 36.50 22.00
O4 NAG Q . 9.67 34.31 23.64
O5 NAG Q . 6.56 35.71 22.28
O6 NAG Q . 7.28 33.19 24.73
O7 NAG Q . 7.95 39.12 19.68
C1 NAG Q . 10.33 34.74 24.84
C2 NAG Q . 11.07 33.54 25.44
C3 NAG Q . 11.82 33.96 26.69
C4 NAG Q . 12.73 35.14 26.38
C5 NAG Q . 11.91 36.26 25.74
C6 NAG Q . 12.73 37.47 25.35
C7 NAG Q . 10.09 31.30 25.08
C8 NAG Q . 9.05 30.34 25.59
N2 NAG Q . 10.15 32.47 25.74
O3 NAG Q . 12.54 32.85 27.17
O4 NAG Q . 13.32 35.56 27.59
O5 NAG Q . 11.27 35.77 24.59
O6 NAG Q . 13.80 37.08 24.53
O7 NAG Q . 10.83 31.01 24.15
C1 NAG R . -17.28 2.93 36.40
C2 NAG R . -16.61 3.98 37.27
C3 NAG R . -17.42 4.14 38.57
C4 NAG R . -18.88 4.45 38.26
C5 NAG R . -19.44 3.50 37.19
C6 NAG R . -20.79 3.92 36.67
C7 NAG R . -14.18 4.28 37.09
C8 NAG R . -12.85 3.73 37.54
N2 NAG R . -15.25 3.63 37.58
O3 NAG R . -16.83 5.14 39.34
O4 NAG R . -19.59 4.29 39.47
O5 NAG R . -18.56 3.41 36.08
O6 NAG R . -20.70 5.18 36.06
O7 NAG R . -14.24 5.24 36.33
C1 NAG R . -20.09 5.53 40.01
C2 NAG R . -21.30 5.19 40.88
C3 NAG R . -21.84 6.44 41.58
C4 NAG R . -20.73 7.15 42.32
C5 NAG R . -19.56 7.41 41.35
C6 NAG R . -18.38 8.10 42.00
C7 NAG R . -22.68 3.28 40.14
C8 NAG R . -23.78 2.87 39.19
N2 NAG R . -22.33 4.58 40.07
O3 NAG R . -22.88 6.05 42.42
O4 NAG R . -21.25 8.36 42.80
O5 NAG R . -19.12 6.18 40.80
O6 NAG R . -17.89 7.31 43.06
O7 NAG R . -22.17 2.48 40.90
C1 BMA R . -21.30 8.38 44.25
C2 BMA R . -21.63 9.83 44.63
C3 BMA R . -21.80 9.98 46.14
C4 BMA R . -22.55 8.82 46.86
C5 BMA R . -22.83 7.55 46.04
C6 BMA R . -24.31 7.20 45.97
O2 BMA R . -22.78 10.21 43.92
O3 BMA R . -22.39 11.24 46.35
O4 BMA R . -21.73 8.50 47.97
O5 BMA R . -22.28 7.47 44.73
O6 BMA R . -24.40 5.94 45.32
C1 MAN R . -21.40 12.30 46.22
C2 MAN R . -21.38 13.10 47.52
C3 MAN R . -22.64 13.94 47.68
C4 MAN R . -22.86 14.79 46.44
C5 MAN R . -22.89 13.90 45.20
C6 MAN R . -22.98 14.70 43.93
O2 MAN R . -20.23 13.91 47.48
O3 MAN R . -22.49 14.72 48.84
O4 MAN R . -24.09 15.48 46.62
O5 MAN R . -21.70 13.14 45.13
O6 MAN R . -24.14 15.51 43.96
C1 NAG S . 51.67 -16.86 0.39
C2 NAG S . 51.28 -17.89 -0.68
C3 NAG S . 52.22 -19.09 -0.63
C4 NAG S . 53.68 -18.64 -0.71
C5 NAG S . 53.93 -17.59 0.36
C6 NAG S . 55.34 -17.01 0.34
C7 NAG S . 48.99 -18.31 -1.48
C8 NAG S . 47.63 -18.81 -1.07
N2 NAG S . 49.92 -18.32 -0.51
O3 NAG S . 51.85 -19.94 -1.68
O4 NAG S . 54.51 -19.77 -0.47
O5 NAG S . 53.03 -16.51 0.20
O6 NAG S . 55.59 -16.42 -0.91
O7 NAG S . 49.20 -17.92 -2.62
C1 NAG S . 54.60 -20.64 -1.62
C2 NAG S . 56.09 -20.94 -1.89
C3 NAG S . 56.22 -21.94 -3.03
C4 NAG S . 55.37 -23.17 -2.75
C5 NAG S . 53.94 -22.75 -2.47
C6 NAG S . 53.01 -23.91 -2.15
C7 NAG S . 57.84 -19.25 -1.45
C8 NAG S . 58.45 -17.97 -1.95
N2 NAG S . 56.81 -19.73 -2.17
O3 NAG S . 57.58 -22.26 -3.17
O4 NAG S . 55.46 -24.00 -3.89
O5 NAG S . 53.92 -21.85 -1.38
O6 NAG S . 52.99 -24.81 -3.22
O7 NAG S . 58.26 -19.80 -0.44
C1 NAG T . 25.88 -21.40 26.34
C2 NAG T . 25.93 -21.77 24.85
C3 NAG T . 25.84 -23.29 24.68
C4 NAG T . 26.95 -23.95 25.50
C5 NAG T . 26.81 -23.49 26.95
C6 NAG T . 27.84 -24.08 27.88
C7 NAG T . 23.56 -21.11 24.41
C8 NAG T . 22.70 -20.34 23.44
N2 NAG T . 24.88 -21.11 24.10
O3 NAG T . 25.95 -23.58 23.31
O4 NAG T . 26.80 -25.34 25.38
O5 NAG T . 26.91 -22.08 27.01
O6 NAG T . 27.71 -23.52 29.16
O7 NAG T . 23.09 -21.67 25.38
C1 NAG T . 27.58 -25.91 24.30
C2 NAG T . 28.15 -27.25 24.79
C3 NAG T . 28.98 -27.88 23.67
C4 NAG T . 28.13 -27.99 22.40
C5 NAG T . 27.54 -26.63 22.06
C6 NAG T . 26.64 -26.66 20.84
C7 NAG T . 29.98 -26.26 26.15
C8 NAG T . 30.62 -26.31 27.51
N2 NAG T . 28.94 -27.10 25.99
O3 NAG T . 29.44 -29.13 24.11
O4 NAG T . 28.99 -28.47 21.39
O5 NAG T . 26.80 -26.14 23.15
O6 NAG T . 27.36 -27.13 19.73
O7 NAG T . 30.38 -25.50 25.27
C1 NAG U . -9.62 -8.23 42.98
C2 NAG U . -9.98 -9.42 43.86
C3 NAG U . -11.17 -10.16 43.25
C4 NAG U . -12.33 -9.21 43.03
C5 NAG U . -11.87 -7.96 42.28
C6 NAG U . -12.92 -6.89 42.16
C7 NAG U . -8.25 -11.02 43.09
C8 NAG U . -7.10 -11.88 43.56
N2 NAG U . -8.86 -10.31 44.06
O3 NAG U . -11.51 -11.22 44.11
O4 NAG U . -13.29 -9.90 42.24
O5 NAG U . -10.74 -7.39 42.93
O6 NAG U . -12.67 -6.09 41.02
O7 NAG U . -8.58 -10.99 41.92
C1 NAG U . -14.55 -10.14 42.92
C2 NAG U . -15.67 -10.08 41.87
C3 NAG U . -17.01 -10.44 42.51
C4 NAG U . -16.90 -11.78 43.23
C5 NAG U . -15.75 -11.70 44.24
C6 NAG U . -15.54 -12.98 45.03
C7 NAG U . -15.80 -8.54 39.95
C8 NAG U . -15.88 -7.08 39.56
N2 NAG U . -15.74 -8.77 41.27
O3 NAG U . -17.98 -10.47 41.49
O4 NAG U . -18.13 -12.01 43.87
O5 NAG U . -14.55 -11.39 43.55
O6 NAG U . -15.29 -14.04 44.14
O7 NAG U . -15.81 -9.42 39.11
C1 NAG V . 19.35 -19.70 42.69
C2 NAG V . 18.40 -20.90 42.65
C3 NAG V . 18.17 -21.38 44.07
C4 NAG V . 19.48 -21.65 44.78
C5 NAG V . 20.44 -20.47 44.60
C6 NAG V . 21.84 -20.74 45.15
C7 NAG V . 16.57 -21.31 41.06
C8 NAG V . 15.25 -20.78 40.56
N2 NAG V . 17.15 -20.57 42.02
O3 NAG V . 17.36 -22.53 43.99
O4 NAG V . 19.17 -21.84 46.14
O5 NAG V . 20.57 -20.12 43.24
O6 NAG V . 22.66 -19.65 44.83
O7 NAG V . 17.06 -22.33 40.59
C1 NAG V . 18.97 -23.24 46.47
C2 NAG V . 18.92 -23.35 47.99
C3 NAG V . 18.67 -24.80 48.40
C4 NAG V . 17.42 -25.31 47.72
C5 NAG V . 17.53 -25.10 46.21
C6 NAG V . 16.30 -25.55 45.45
C7 NAG V . 20.21 -21.69 49.29
C8 NAG V . 21.59 -21.35 49.80
N2 NAG V . 20.12 -22.83 48.58
O3 NAG V . 18.59 -24.85 49.80
O4 NAG V . 17.29 -26.67 48.05
O5 NAG V . 17.75 -23.73 45.93
O6 NAG V . 16.46 -25.31 44.08
O7 NAG V . 19.26 -20.96 49.51
C1 NAG W . 21.78 -22.70 36.67
C2 NAG W . 22.29 -23.36 37.96
C3 NAG W . 23.37 -24.38 37.60
C4 NAG W . 22.84 -25.37 36.59
C5 NAG W . 22.24 -24.61 35.39
C6 NAG W . 21.64 -25.51 34.34
C7 NAG W . 22.44 -22.28 40.16
C8 NAG W . 23.12 -21.18 40.94
N2 NAG W . 22.81 -22.37 38.88
O3 NAG W . 23.78 -25.01 38.79
O4 NAG W . 23.93 -26.17 36.20
O5 NAG W . 21.26 -23.70 35.83
O6 NAG W . 20.68 -26.36 34.93
O7 NAG W . 21.63 -23.02 40.70
C1 NAG W . 23.82 -27.52 36.71
C2 NAG W . 24.91 -28.36 36.03
C3 NAG W . 24.87 -29.79 36.57
C4 NAG W . 24.92 -29.82 38.09
C5 NAG W . 23.84 -28.89 38.65
C6 NAG W . 23.86 -28.78 40.15
C7 NAG W . 23.68 -28.74 33.93
C8 NAG W . 23.79 -28.63 32.43
N2 NAG W . 24.77 -28.35 34.61
O3 NAG W . 25.95 -30.49 35.99
O4 NAG W . 24.72 -31.17 38.44
O5 NAG W . 23.99 -27.58 38.11
O6 NAG W . 22.92 -27.81 40.58
O7 NAG W . 22.67 -29.17 34.45
C1 BMA W . 25.79 -31.76 39.25
C2 BMA W . 27.00 -32.07 38.35
C3 BMA W . 28.12 -32.71 39.20
C4 BMA W . 28.15 -32.35 40.71
C5 BMA W . 27.17 -31.30 41.21
C6 BMA W . 27.84 -30.06 41.80
O2 BMA W . 27.47 -30.92 37.70
O3 BMA W . 29.33 -32.39 38.55
O4 BMA W . 27.91 -33.59 41.37
O5 BMA W . 26.18 -30.87 40.28
O6 BMA W . 26.84 -29.31 42.44
C1 NAG X . 19.63 -17.89 25.61
C2 NAG X . 18.24 -17.30 25.85
C3 NAG X . 17.39 -18.26 26.68
C4 NAG X . 17.35 -19.61 26.00
C5 NAG X . 18.79 -20.10 25.83
C6 NAG X . 18.89 -21.46 25.16
C7 NAG X . 18.12 -14.84 25.88
C8 NAG X . 18.28 -13.61 26.75
N2 NAG X . 18.33 -16.02 26.50
O3 NAG X . 16.11 -17.69 26.82
O4 NAG X . 16.59 -20.50 26.80
O5 NAG X . 19.51 -19.17 25.06
O6 NAG X . 18.14 -22.41 25.88
O7 NAG X . 17.82 -14.74 24.70
C1 NAG X . 15.36 -20.83 26.13
C2 NAG X . 14.69 -22.02 26.82
C3 NAG X . 13.43 -22.38 26.06
C4 NAG X . 12.51 -21.17 25.94
C5 NAG X . 13.28 -19.95 25.42
C6 NAG X . 12.47 -18.68 25.44
C7 NAG X . 15.71 -23.97 27.93
C8 NAG X . 16.68 -25.11 27.74
N2 NAG X . 15.57 -23.16 26.86
O3 NAG X . 12.80 -23.43 26.74
O4 NAG X . 11.49 -21.52 25.03
O5 NAG X . 14.45 -19.75 26.18
O6 NAG X . 11.28 -18.85 24.71
O7 NAG X . 15.11 -23.81 28.99
C1 BMA X . 10.21 -21.80 25.65
C2 BMA X . 9.16 -21.39 24.62
C3 BMA X . 7.77 -21.76 25.17
C4 BMA X . 7.64 -23.24 25.59
C5 BMA X . 8.91 -23.85 26.22
C6 BMA X . 9.15 -25.32 25.83
O2 BMA X . 9.48 -22.00 23.41
O3 BMA X . 6.81 -21.25 24.26
O4 BMA X . 6.60 -23.24 26.54
O5 BMA X . 10.13 -23.15 26.02
O6 BMA X . 10.12 -25.80 26.75
C1 MAN X . 6.55 -22.02 23.07
C2 MAN X . 6.36 -21.03 21.92
C3 MAN X . 5.13 -20.17 22.20
C4 MAN X . 3.91 -21.06 22.43
C5 MAN X . 4.22 -22.09 23.53
C6 MAN X . 3.10 -23.10 23.67
O2 MAN X . 6.21 -21.78 20.74
O3 MAN X . 4.94 -19.31 21.10
O4 MAN X . 2.85 -20.21 22.81
O5 MAN X . 5.40 -22.81 23.21
O6 MAN X . 2.98 -23.82 22.47
C1 MAN X . 9.67 -26.99 27.45
C2 MAN X . 10.43 -27.09 28.78
C3 MAN X . 11.91 -27.35 28.53
C4 MAN X . 12.09 -28.56 27.64
C5 MAN X . 11.28 -28.38 26.36
C6 MAN X . 11.33 -29.60 25.47
O2 MAN X . 9.84 -28.13 29.51
O3 MAN X . 12.51 -27.54 29.80
O4 MAN X . 13.47 -28.68 27.38
O5 MAN X . 9.92 -28.14 26.68
O6 MAN X . 10.56 -29.36 24.32
C1 NAG Y . 3.00 10.86 31.43
C2 NAG Y . 4.16 11.80 31.09
C3 NAG Y . 5.41 11.28 31.80
C4 NAG Y . 5.18 11.19 33.30
C5 NAG Y . 3.90 10.38 33.57
C6 NAG Y . 3.48 10.40 35.03
C7 NAG Y . 4.38 13.07 28.99
C8 NAG Y . 4.63 12.94 27.51
N2 NAG Y . 4.39 11.90 29.68
O3 NAG Y . 6.47 12.15 31.50
O4 NAG Y . 6.29 10.56 33.87
O5 NAG Y . 2.82 10.90 32.83
O6 NAG Y . 3.20 11.71 35.43
O7 NAG Y . 4.18 14.15 29.52
C1 NAG Y . 7.05 11.47 34.69
C2 NAG Y . 8.00 10.65 35.58
C3 NAG Y . 8.81 11.61 36.45
C4 NAG Y . 9.54 12.61 35.57
C5 NAG Y . 8.53 13.31 34.65
C6 NAG Y . 9.19 14.28 33.69
C7 NAG Y . 7.41 8.38 36.34
C8 NAG Y . 6.53 7.61 37.29
N2 NAG Y . 7.27 9.72 36.39
O3 NAG Y . 9.70 10.84 37.23
O4 NAG Y . 10.18 13.53 36.43
O5 NAG Y . 7.83 12.34 33.90
O6 NAG Y . 10.20 13.63 32.95
O7 NAG Y . 8.18 7.81 35.58
C1 NAG Z . 0.24 -23.46 37.70
C2 NAG Z . 0.27 -24.97 37.97
C3 NAG Z . -0.58 -25.70 36.92
C4 NAG Z . -1.97 -25.07 36.81
C5 NAG Z . -1.86 -23.54 36.68
C6 NAG Z . -3.19 -22.84 36.66
C7 NAG Z . 2.40 -25.61 39.03
C8 NAG Z . 3.79 -26.12 38.76
N2 NAG Z . 1.63 -25.44 37.94
O3 NAG Z . -0.63 -27.05 37.29
O4 NAG Z . -2.60 -25.60 35.66
O5 NAG Z . -1.10 -23.03 37.75
O6 NAG Z . -3.70 -22.79 35.34
O7 NAG Z . 2.02 -25.38 40.17
C1 NAG Z . -3.17 -26.91 35.88
C2 NAG Z . -4.49 -26.97 35.11
C3 NAG Z . -5.09 -28.38 35.19
C4 NAG Z . -4.07 -29.41 34.75
C5 NAG Z . -2.81 -29.23 35.60
C6 NAG Z . -1.70 -30.23 35.28
C7 NAG Z . -5.84 -24.91 34.96
C8 NAG Z . -6.82 -24.04 35.72
N2 NAG Z . -5.43 -26.00 35.63
O3 NAG Z . -6.24 -28.40 34.36
O4 NAG Z . -4.65 -30.68 34.93
O5 NAG Z . -2.31 -27.92 35.43
O6 NAG Z . -1.33 -30.09 33.94
O7 NAG Z . -5.47 -24.61 33.84
C1 NAG AA . 4.48 -39.93 -34.25
C2 NAG AA . 5.26 -39.23 -35.36
C3 NAG AA . 4.79 -39.70 -36.74
C4 NAG AA . 4.83 -41.23 -36.82
C5 NAG AA . 4.12 -41.82 -35.61
C6 NAG AA . 4.16 -43.34 -35.55
C7 NAG AA . 6.08 -36.96 -34.82
C8 NAG AA . 5.70 -35.51 -34.77
N2 NAG AA . 5.11 -37.80 -35.24
O3 NAG AA . 5.65 -39.09 -37.66
O4 NAG AA . 4.16 -41.71 -37.98
O5 NAG AA . 4.68 -41.33 -34.41
O6 NAG AA . 5.50 -43.77 -35.42
O7 NAG AA . 7.20 -37.35 -34.51
C1 NAG AA . 4.60 -41.27 -39.28
C2 NAG AA . 5.96 -41.86 -39.68
C3 NAG AA . 6.27 -41.62 -41.16
C4 NAG AA . 5.10 -42.04 -42.04
C5 NAG AA . 3.84 -41.32 -41.55
C6 NAG AA . 2.61 -41.64 -42.37
C7 NAG AA . 8.01 -42.02 -38.31
C8 NAG AA . 9.05 -41.20 -37.57
N2 NAG AA . 7.05 -41.30 -38.91
O3 NAG AA . 7.44 -42.33 -41.47
O4 NAG AA . 5.43 -41.67 -43.37
O5 NAG AA . 3.62 -41.70 -40.21
O6 NAG AA . 2.80 -41.24 -43.70
O7 NAG AA . 8.07 -43.24 -38.34
C1 NAG BA . -24.51 -22.05 -20.74
C2 NAG BA . -23.56 -20.91 -21.13
C3 NAG BA . -24.02 -20.29 -22.45
C4 NAG BA . -24.16 -21.36 -23.54
C5 NAG BA . -25.02 -22.53 -23.01
C6 NAG BA . -25.09 -23.69 -23.97
C7 NAG BA . -24.57 -19.21 -19.64
C8 NAG BA . -24.24 -18.18 -18.58
N2 NAG BA . -23.50 -19.89 -20.12
O3 NAG BA . -23.07 -19.32 -22.81
O4 NAG BA . -24.77 -20.72 -24.63
O5 NAG BA . -24.49 -23.00 -21.79
O6 NAG BA . -25.84 -24.73 -23.40
O7 NAG BA . -25.71 -19.39 -20.01
C1 NAG BA . -24.08 -21.00 -25.85
C2 NAG BA . -24.83 -20.26 -26.99
C3 NAG BA . -24.11 -20.49 -28.31
C4 NAG BA . -22.65 -20.11 -28.20
C5 NAG BA . -22.02 -20.85 -27.02
C6 NAG BA . -20.57 -20.53 -26.79
C7 NAG BA . -26.63 -21.94 -27.26
C8 NAG BA . -28.13 -22.10 -27.31
N2 NAG BA . -26.21 -20.67 -27.07
O3 NAG BA . -24.78 -19.74 -29.30
O4 NAG BA . -22.02 -20.46 -29.41
O5 NAG BA . -22.74 -20.55 -25.84
O6 NAG BA . -19.82 -20.89 -27.94
O7 NAG BA . -25.89 -22.89 -27.40
C1 NAG CA . -40.48 0.37 11.51
C2 NAG CA . -41.92 0.64 11.04
C3 NAG CA . -42.04 2.09 10.59
C4 NAG CA . -41.55 3.04 11.67
C5 NAG CA . -40.16 2.60 12.14
C6 NAG CA . -39.62 3.44 13.27
C7 NAG CA . -41.67 -0.55 8.89
C8 NAG CA . -42.34 -1.57 7.99
N2 NAG CA . -42.34 -0.28 10.02
O3 NAG CA . -43.38 2.32 10.26
O4 NAG CA . -41.51 4.33 11.11
O5 NAG CA . -40.19 1.25 12.56
O6 NAG CA . -39.38 4.76 12.82
O7 NAG CA . -40.61 -0.04 8.58
C1 NAG CA . -42.54 5.20 11.65
C2 NAG CA . -42.13 6.66 11.40
C3 NAG CA . -43.18 7.59 11.99
C4 NAG CA . -44.54 7.26 11.38
C5 NAG CA . -44.83 5.76 11.58
C6 NAG CA . -46.15 5.33 10.94
C7 NAG CA . -39.86 7.65 11.31
C8 NAG CA . -38.59 7.84 12.08
N2 NAG CA . -40.83 6.95 11.95
O3 NAG CA . -42.79 8.91 11.74
O4 NAG CA . -45.50 8.07 12.02
O5 NAG CA . -43.79 4.98 11.05
O6 NAG CA . -46.13 5.68 9.58
O7 NAG CA . -40.01 8.09 10.19
C1 NAG DA . -39.87 -20.50 -11.85
C2 NAG DA . -40.18 -19.54 -13.02
C3 NAG DA . -41.47 -18.79 -12.71
C4 NAG DA . -42.59 -19.78 -12.43
C5 NAG DA . -42.15 -20.82 -11.39
C6 NAG DA . -43.18 -21.91 -11.19
C7 NAG DA . -38.51 -17.84 -12.37
C8 NAG DA . -37.38 -17.00 -12.91
N2 NAG DA . -39.08 -18.65 -13.27
O3 NAG DA . -41.74 -17.96 -13.80
O4 NAG DA . -43.69 -19.04 -11.94
O5 NAG DA . -40.92 -21.43 -11.76
O6 NAG DA . -42.72 -22.83 -10.22
O7 NAG DA . -38.85 -17.76 -11.20
C1 NAG DA . -44.63 -18.70 -12.98
C2 NAG DA . -45.94 -18.32 -12.28
C3 NAG DA . -46.98 -17.88 -13.29
C4 NAG DA . -46.41 -16.78 -14.18
C5 NAG DA . -45.10 -17.27 -14.80
C6 NAG DA . -44.43 -16.25 -15.70
C7 NAG DA . -46.74 -20.63 -11.92
C8 NAG DA . -47.23 -21.59 -10.87
N2 NAG DA . -46.42 -19.41 -11.46
O3 NAG DA . -48.13 -17.46 -12.60
O4 NAG DA . -47.37 -16.47 -15.16
O5 NAG DA . -44.19 -17.62 -13.77
O6 NAG DA . -43.22 -16.76 -16.20
O7 NAG DA . -46.64 -20.97 -13.09
C1 NAG EA . -35.00 -19.66 -16.96
C2 NAG EA . -36.13 -20.63 -17.31
C3 NAG EA . -36.23 -20.83 -18.82
C4 NAG EA . -36.28 -19.49 -19.55
C5 NAG EA . -35.14 -18.60 -19.07
C6 NAG EA . -35.15 -17.21 -19.68
C7 NAG EA . -36.44 -22.23 -15.46
C8 NAG EA . -36.09 -23.61 -14.96
N2 NAG EA . -35.93 -21.89 -16.65
O3 NAG EA . -37.35 -21.61 -19.07
O4 NAG EA . -36.16 -19.80 -20.93
O5 NAG EA . -35.21 -18.46 -17.67
O6 NAG EA . -36.36 -16.56 -19.36
O7 NAG EA . -37.16 -21.49 -14.80
C1 NAG EA . -37.25 -19.26 -21.71
C2 NAG EA . -36.86 -19.39 -23.19
C3 NAG EA . -38.01 -18.93 -24.10
C4 NAG EA . -39.31 -19.64 -23.73
C5 NAG EA . -39.56 -19.46 -22.22
C6 NAG EA . -40.80 -20.18 -21.75
C7 NAG EA . -35.51 -17.33 -23.38
C8 NAG EA . -34.15 -16.81 -23.75
N2 NAG EA . -35.65 -18.66 -23.48
O3 NAG EA . -37.63 -19.18 -25.42
O4 NAG EA . -40.30 -19.03 -24.54
O5 NAG EA . -38.46 -19.95 -21.49
O6 NAG EA . -40.90 -20.09 -20.35
O7 NAG EA . -36.40 -16.57 -23.03
C1 BMA EA . -41.04 -19.94 -25.38
C2 BMA EA . -40.19 -20.33 -26.60
C3 BMA EA . -40.99 -21.28 -27.52
C4 BMA EA . -42.09 -22.14 -26.84
C5 BMA EA . -42.19 -22.10 -25.31
C6 BMA EA . -41.92 -23.45 -24.65
O2 BMA EA . -38.98 -20.93 -26.21
O3 BMA EA . -40.03 -22.07 -28.19
O4 BMA EA . -43.30 -21.69 -27.43
O5 BMA EA . -41.41 -21.11 -24.68
O6 BMA EA . -42.29 -23.32 -23.29
C1 NAG FA . -22.93 -17.03 -14.81
C2 NAG FA . -23.17 -16.18 -13.55
C3 NAG FA . -24.33 -15.21 -13.78
C4 NAG FA . -24.14 -14.40 -15.05
C5 NAG FA . -23.87 -15.37 -16.21
C6 NAG FA . -23.61 -14.69 -17.54
C7 NAG FA . -22.85 -16.97 -11.23
C8 NAG FA . -23.35 -17.96 -10.21
N2 NAG FA . -23.47 -17.03 -12.42
O3 NAG FA . -24.38 -14.37 -12.65
O4 NAG FA . -25.34 -13.69 -15.24
O5 NAG FA . -22.74 -16.17 -15.90
O6 NAG FA . -24.82 -14.21 -18.07
O7 NAG FA . -21.95 -16.19 -10.97
C1 NAG FA . -25.13 -12.32 -15.66
C2 NAG FA . -26.53 -11.69 -15.65
C3 NAG FA . -26.49 -10.17 -15.82
C4 NAG FA . -25.47 -9.57 -14.86
C5 NAG FA . -24.13 -10.25 -15.16
C6 NAG FA . -22.95 -9.63 -14.45
C7 NAG FA . -28.19 -13.31 -16.49
C8 NAG FA . -28.91 -13.78 -17.72
N2 NAG FA . -27.33 -12.29 -16.67
O3 NAG FA . -27.78 -9.67 -15.60
O4 NAG FA . -25.42 -8.17 -15.09
O5 NAG FA . -24.27 -11.61 -14.80
O6 NAG FA . -23.26 -9.44 -13.09
O7 NAG FA . -28.37 -13.84 -15.41
C1 BMA FA . -26.12 -7.40 -14.08
C2 BMA FA . -25.09 -6.48 -13.46
C3 BMA FA . -25.79 -5.55 -12.43
C4 BMA FA . -27.09 -4.88 -12.93
C5 BMA FA . -27.85 -5.60 -14.06
C6 BMA FA . -28.38 -4.68 -15.16
O2 BMA FA . -24.41 -5.80 -14.48
O3 BMA FA . -24.82 -4.70 -11.85
O4 BMA FA . -27.93 -4.83 -11.79
O5 BMA FA . -27.17 -6.68 -14.70
O6 BMA FA . -29.19 -5.52 -15.98
C1 MAN FA . -24.38 -3.57 -12.65
C2 MAN FA . -22.85 -3.52 -12.57
C3 MAN FA . -22.44 -3.22 -11.13
C4 MAN FA . -23.12 -1.95 -10.64
C5 MAN FA . -24.63 -2.05 -10.84
C6 MAN FA . -25.33 -0.75 -10.51
O2 MAN FA . -22.43 -2.51 -13.46
O3 MAN FA . -21.03 -3.11 -11.11
O4 MAN FA . -22.76 -1.79 -9.28
O5 MAN FA . -24.94 -2.38 -12.18
O6 MAN FA . -24.94 0.22 -11.44
C1 MAN FA . -29.34 -4.93 -17.30
C2 MAN FA . -30.29 -5.84 -18.10
C3 MAN FA . -29.62 -7.18 -18.39
C4 MAN FA . -28.26 -6.98 -19.04
C5 MAN FA . -27.42 -6.05 -18.15
C6 MAN FA . -26.08 -5.72 -18.78
O2 MAN FA . -30.61 -5.15 -19.28
O3 MAN FA . -30.49 -7.91 -19.23
O4 MAN FA . -27.67 -8.25 -19.17
O5 MAN FA . -28.10 -4.82 -17.95
O6 MAN FA . -25.35 -4.92 -17.88
C1 NAG GA . -20.55 -15.02 19.02
C2 NAG GA . -19.68 -16.28 19.12
C3 NAG GA . -20.43 -17.47 18.51
C4 NAG GA . -21.78 -17.63 19.18
C5 NAG GA . -22.54 -16.30 19.10
C6 NAG GA . -23.88 -16.30 19.81
C7 NAG GA . -17.23 -16.01 19.11
C8 NAG GA . -16.02 -15.83 18.21
N2 NAG GA . -18.40 -16.10 18.47
O3 NAG GA . -19.63 -18.60 18.66
O4 NAG GA . -22.46 -18.67 18.52
O5 NAG GA . -21.77 -15.27 19.66
O6 NAG GA . -23.68 -16.60 21.17
O7 NAG GA . -17.11 -16.06 20.32
C1 NAG GA . -23.16 -19.51 19.46
C2 NAG GA . -24.36 -20.16 18.76
C3 NAG GA . -25.13 -21.01 19.76
C4 NAG GA . -24.20 -22.03 20.39
C5 NAG GA . -22.97 -21.32 20.97
C6 NAG GA . -21.95 -22.28 21.54
C7 NAG GA . -25.42 -19.06 16.82
C8 NAG GA . -26.36 -17.96 16.41
N2 NAG GA . -25.22 -19.18 18.14
O3 NAG GA . -26.21 -21.61 19.10
O4 NAG GA . -24.94 -22.70 21.40
O5 NAG GA . -22.35 -20.53 19.98
O6 NAG GA . -21.55 -23.20 20.55
O7 NAG GA . -24.87 -19.78 15.98
C1 NAG HA . -39.26 -0.23 -7.82
C2 NAG HA . -40.04 0.05 -9.10
C3 NAG HA . -39.48 1.28 -9.79
C4 NAG HA . -39.42 2.47 -8.82
C5 NAG HA . -38.74 2.05 -7.51
C6 NAG HA . -38.75 3.13 -6.45
C7 NAG HA . -40.98 -2.02 -10.05
C8 NAG HA . -40.72 -3.15 -11.02
N2 NAG HA . -40.00 -1.10 -9.96
O3 NAG HA . -40.29 1.57 -10.90
O4 NAG HA . -38.68 3.48 -9.46
O5 NAG HA . -39.37 0.90 -6.98
O6 NAG HA . -37.94 4.20 -6.86
O7 NAG HA . -42.02 -1.97 -9.40
C1 NAG HA . -39.55 4.54 -9.93
C2 NAG HA . -38.67 5.69 -10.43
C3 NAG HA . -39.54 6.82 -10.95
C4 NAG HA . -40.49 6.29 -12.02
C5 NAG HA . -41.27 5.10 -11.46
C6 NAG HA . -42.21 4.46 -12.47
C7 NAG HA . -36.45 6.05 -9.40
C8 NAG HA . -35.76 6.62 -8.18
N2 NAG HA . -37.79 6.16 -9.38
O3 NAG HA . -38.70 7.84 -11.44
O4 NAG HA . -41.34 7.34 -12.39
O5 NAG HA . -40.37 4.11 -10.99
O6 NAG HA . -41.48 4.08 -13.61
O7 NAG HA . -35.83 5.52 -10.30
C1 NAG IA . -30.97 5.31 22.35
C2 NAG IA . -31.24 3.99 23.05
C3 NAG IA . -32.47 4.09 23.96
C4 NAG IA . -32.44 5.33 24.83
C5 NAG IA . -32.11 6.56 23.97
C6 NAG IA . -32.01 7.86 24.75
C7 NAG IA . -30.57 1.98 21.77
C8 NAG IA . -31.04 1.00 20.72
N2 NAG IA . -31.46 2.94 22.08
O3 NAG IA . -32.51 2.92 24.74
O4 NAG IA . -33.71 5.44 25.40
O5 NAG IA . -30.89 6.34 23.31
O6 NAG IA . -30.95 7.78 25.67
O7 NAG IA . -29.46 1.90 22.27
C1 NAG IA . -33.64 5.80 26.80
C2 NAG IA . -34.95 6.49 27.19
C3 NAG IA . -34.91 6.86 28.67
C4 NAG IA . -34.55 5.65 29.53
C5 NAG IA . -33.30 4.97 28.98
C6 NAG IA . -32.93 3.70 29.70
C7 NAG IA . -35.77 7.66 25.18
C8 NAG IA . -35.86 9.00 24.50
N2 NAG IA . -35.15 7.66 26.37
O3 NAG IA . -36.17 7.38 28.99
O4 NAG IA . -34.31 6.15 30.83
O5 NAG IA . -33.47 4.66 27.61
O6 NAG IA . -33.98 2.76 29.57
O7 NAG IA . -36.23 6.66 24.66
C1 BMA IA . -35.20 5.60 31.83
C2 BMA IA . -34.95 6.44 33.07
C3 BMA IA . -36.00 6.18 34.18
C4 BMA IA . -37.37 5.59 33.77
C5 BMA IA . -37.61 5.30 32.29
C6 BMA IA . -38.91 5.89 31.77
O2 BMA IA . -34.92 7.77 32.68
O3 BMA IA . -36.12 7.41 34.85
O4 BMA IA . -37.46 4.38 34.51
O5 BMA IA . -36.55 5.68 31.41
O6 BMA IA . -39.23 5.15 30.59
C1 MAN IA . -40.65 4.87 30.47
C2 MAN IA . -40.83 3.36 30.25
C3 MAN IA . -40.17 2.94 28.94
C4 MAN IA . -40.71 3.78 27.79
C5 MAN IA . -40.59 5.27 28.12
C6 MAN IA . -41.31 6.12 27.10
O2 MAN IA . -42.21 3.11 30.24
O3 MAN IA . -40.43 1.58 28.75
O4 MAN IA . -39.95 3.45 26.65
O5 MAN IA . -41.19 5.55 29.37
O6 MAN IA . -41.11 7.48 27.41
C1 MAN IA . -41.78 8.29 26.40
C2 MAN IA . -40.74 8.60 25.30
C3 MAN IA . -39.78 9.71 25.71
C4 MAN IA . -40.52 10.90 26.29
C5 MAN IA . -41.34 10.39 27.48
C6 MAN IA . -42.07 11.50 28.18
O2 MAN IA . -41.45 8.92 24.14
O3 MAN IA . -39.04 10.07 24.56
O4 MAN IA . -39.56 11.87 26.69
O5 MAN IA . -42.30 9.47 26.99
O6 MAN IA . -41.15 12.48 28.58
C1 MAN IA . -40.80 8.35 22.97
C2 MAN IA . -40.96 9.33 21.80
C3 MAN IA . -42.40 9.35 21.29
C4 MAN IA . -42.84 7.94 20.96
C5 MAN IA . -42.69 7.08 22.23
C6 MAN IA . -43.08 5.64 21.98
O2 MAN IA . -40.06 8.92 20.81
O3 MAN IA . -42.43 10.19 20.15
O4 MAN IA . -44.18 8.00 20.52
O5 MAN IA . -41.34 7.10 22.66
O6 MAN IA . -44.42 5.61 21.54
C1 NAG JA . 3.08 29.24 -32.00
C2 NAG JA . 2.38 30.52 -31.50
C3 NAG JA . 1.37 30.95 -32.55
C4 NAG JA . 2.01 31.10 -33.93
C5 NAG JA . 2.75 29.81 -34.29
C6 NAG JA . 3.55 29.89 -35.57
C7 NAG JA . 1.80 31.17 -29.21
C8 NAG JA . 1.02 30.77 -27.98
N2 NAG JA . 1.73 30.33 -30.24
O3 NAG JA . 0.79 32.15 -32.12
O4 NAG JA . 0.99 31.37 -34.86
O5 NAG JA . 3.67 29.52 -33.26
O6 NAG JA . 2.70 30.03 -36.67
O7 NAG JA . 2.45 32.22 -29.23
C1 NAG KA . 21.03 26.84 -28.18
C2 NAG KA . 21.99 27.77 -28.93
C3 NAG KA . 23.29 27.93 -28.15
C4 NAG KA . 23.00 28.33 -26.71
C5 NAG KA . 22.03 27.31 -26.10
C6 NAG KA . 21.66 27.61 -24.66
C7 NAG KA . 21.60 27.64 -31.36
C8 NAG KA . 22.03 26.93 -32.62
N2 NAG KA . 22.24 27.24 -30.25
O3 NAG KA . 24.06 28.91 -28.81
O4 NAG KA . 24.23 28.33 -26.02
O5 NAG KA . 20.84 27.31 -26.87
O6 NAG KA . 21.10 28.89 -24.56
O7 NAG KA . 20.73 28.50 -31.36
C1 NAG LA . -7.97 50.77 -9.80
C2 NAG LA . -9.40 51.32 -9.75
C3 NAG LA . -9.39 52.82 -9.47
C4 NAG LA . -8.54 53.14 -8.25
C5 NAG LA . -7.14 52.53 -8.43
C6 NAG LA . -6.21 52.74 -7.26
C7 NAG LA . -11.41 50.78 -11.09
C8 NAG LA . -11.93 50.59 -12.49
N2 NAG LA . -10.10 51.08 -10.99
O3 NAG LA . -10.71 53.24 -9.29
O4 NAG LA . -8.46 54.55 -8.13
O5 NAG LA . -7.30 51.14 -8.62
O6 NAG LA . -5.92 54.11 -7.13
O7 NAG LA . -12.14 50.66 -10.12
C1 NAG MA . 2.57 52.94 -14.71
C2 NAG MA . 1.32 53.63 -14.16
C3 NAG MA . 0.87 54.75 -15.08
C4 NAG MA . 2.03 55.68 -15.39
C5 NAG MA . 3.20 54.86 -15.94
C6 NAG MA . 4.42 55.69 -16.28
C7 NAG MA . -0.44 52.50 -12.84
C8 NAG MA . -1.53 51.46 -12.91
N2 NAG MA . 0.25 52.68 -13.99
O3 NAG MA . -0.19 55.42 -14.45
O4 NAG MA . 1.57 56.62 -16.34
O5 NAG MA . 3.57 53.91 -14.96
O6 NAG MA . 4.12 56.57 -17.32
O7 NAG MA . -0.24 53.13 -11.82
C1 NAG NA . -14.85 41.93 26.64
C2 NAG NA . -15.96 41.23 27.43
C3 NAG NA . -16.27 42.00 28.71
C4 NAG NA . -14.99 42.26 29.49
C5 NAG NA . -14.01 42.99 28.57
C6 NAG NA . -12.69 43.35 29.23
C7 NAG NA . -17.60 39.89 26.17
C8 NAG NA . -18.85 39.97 25.33
N2 NAG NA . -17.12 41.07 26.61
O3 NAG NA . -17.20 41.25 29.46
O4 NAG NA . -15.34 43.05 30.61
O5 NAG NA . -13.73 42.16 27.45
O6 NAG NA . -11.98 42.18 29.56
O7 NAG NA . -17.07 38.82 26.41
C1 NAG OA . -10.34 42.57 -2.16
C2 NAG OA . -11.59 41.81 -1.70
C3 NAG OA . -12.81 42.44 -2.36
C4 NAG OA . -12.87 43.93 -2.02
C5 NAG OA . -11.53 44.59 -2.40
C6 NAG OA . -11.46 46.05 -2.02
C7 NAG OA . -11.29 39.90 -3.25
C8 NAG OA . -11.22 38.40 -3.32
N2 NAG OA . -11.48 40.41 -2.02
O3 NAG OA . -13.95 41.76 -1.88
O4 NAG OA . -13.93 44.48 -2.76
O5 NAG OA . -10.47 43.92 -1.75
O6 NAG OA . -12.48 46.77 -2.70
O7 NAG OA . -11.16 40.59 -4.25
C1 NAG PA . 43.91 -2.22 17.35
C2 NAG PA . 44.24 -0.81 17.85
C3 NAG PA . 45.33 -0.17 17.01
C4 NAG PA . 46.55 -1.08 16.94
C5 NAG PA . 46.10 -2.43 16.37
C6 NAG PA . 47.21 -3.45 16.27
C7 NAG PA . 42.95 1.17 18.57
C8 NAG PA . 41.67 1.94 18.39
N2 NAG PA . 43.08 0.06 17.83
O3 NAG PA . 45.66 1.07 17.58
O4 NAG PA . 47.50 -0.46 16.11
O5 NAG PA . 45.10 -2.96 17.21
O6 NAG PA . 48.24 -2.97 15.44
O7 NAG PA . 43.81 1.56 19.35
C1 NAG QA . 43.08 -17.90 10.11
C2 NAG QA . 43.97 -19.09 9.76
C3 NAG QA . 43.17 -20.38 9.72
C4 NAG QA . 42.36 -20.56 11.01
C5 NAG QA . 41.52 -19.30 11.26
C6 NAG QA . 40.72 -19.35 12.53
C7 NAG QA . 45.95 -18.88 8.29
C8 NAG QA . 46.38 -18.66 6.86
N2 NAG QA . 44.62 -18.89 8.49
O3 NAG QA . 44.06 -21.45 9.53
O4 NAG QA . 41.54 -21.69 10.83
O5 NAG QA . 42.39 -18.18 11.31
O6 NAG QA . 41.58 -19.57 13.62
O7 NAG QA . 46.77 -19.03 9.18
C1 NAG RA . 28.86 -4.27 48.45
C2 NAG RA . 27.72 -4.91 49.22
C3 NAG RA . 27.53 -4.18 50.55
C4 NAG RA . 28.85 -4.15 51.30
C5 NAG RA . 29.97 -3.61 50.42
C6 NAG RA . 31.33 -3.63 51.07
C7 NAG RA . 26.03 -5.99 47.77
C8 NAG RA . 24.76 -5.76 47.01
N2 NAG RA . 26.51 -4.91 48.44
O3 NAG RA . 26.52 -4.84 51.26
O4 NAG RA . 28.66 -3.35 52.45
O5 NAG RA . 30.04 -4.35 49.21
O6 NAG RA . 31.32 -2.83 52.23
O7 NAG RA . 26.58 -7.07 47.77
C1 NAG SA . 36.54 -12.15 44.47
C2 NAG SA . 35.82 -11.04 45.21
C3 NAG SA . 36.85 -10.27 46.04
C4 NAG SA . 37.57 -11.23 46.98
C5 NAG SA . 38.13 -12.43 46.19
C6 NAG SA . 38.74 -13.49 47.07
C7 NAG SA . 33.79 -10.26 44.05
C8 NAG SA . 33.26 -9.27 43.04
N2 NAG SA . 35.12 -10.19 44.29
O3 NAG SA . 36.18 -9.25 46.74
O4 NAG SA . 38.60 -10.50 47.62
O5 NAG SA . 37.10 -13.02 45.42
O6 NAG SA . 39.83 -12.95 47.79
O7 NAG SA . 33.06 -11.06 44.59
C1 NAG TA . -5.12 -11.36 52.88
C2 NAG TA . -5.58 -10.99 54.30
C3 NAG TA . -5.63 -12.24 55.16
C4 NAG TA . -6.45 -13.33 54.49
C5 NAG TA . -5.92 -13.58 53.07
C6 NAG TA . -6.69 -14.60 52.28
C7 NAG TA . -5.02 -8.75 55.19
C8 NAG TA . -3.90 -7.95 55.82
N2 NAG TA . -4.69 -10.02 54.89
O3 NAG TA . -6.15 -11.89 56.41
O4 NAG TA . -6.34 -14.49 55.28
O5 NAG TA . -5.97 -12.35 52.36
O6 NAG TA . -8.03 -14.20 52.14
O7 NAG TA . -6.12 -8.26 54.99
C1 NAG UA . 19.27 -2.33 43.83
C2 NAG UA . 18.29 -1.17 44.02
C3 NAG UA . 18.87 -0.23 45.07
C4 NAG UA . 19.10 -0.98 46.37
C5 NAG UA . 19.95 -2.23 46.12
C6 NAG UA . 20.06 -3.12 47.33
C7 NAG UA . 18.86 -0.05 41.87
C8 NAG UA . 18.24 0.71 40.73
N2 NAG UA . 17.98 -0.44 42.81
O3 NAG UA . 17.98 0.84 45.23
O4 NAG UA . 19.75 -0.09 47.25
O5 NAG UA . 19.40 -2.99 45.06
O6 NAG UA . 20.64 -2.43 48.40
O7 NAG UA . 20.06 -0.27 41.92
C1 NAG VA . -8.31 -42.26 -14.22
C2 NAG VA . -9.06 -43.43 -13.54
C3 NAG VA . -8.39 -44.75 -13.87
C4 NAG VA . -8.24 -44.91 -15.38
C5 NAG VA . -7.49 -43.70 -15.93
C6 NAG VA . -7.31 -43.75 -17.43
C7 NAG VA . -10.25 -42.98 -11.43
C8 NAG VA . -10.06 -42.82 -9.94
N2 NAG VA . -9.12 -43.22 -12.12
O3 NAG VA . -9.16 -45.77 -13.29
O4 NAG VA . -7.55 -46.11 -15.61
O5 NAG VA . -8.20 -42.51 -15.60
O6 NAG VA . -6.57 -44.89 -17.78
O7 NAG VA . -11.35 -42.89 -11.94
C1 NAG WA . -5.99 -35.23 -29.32
C2 NAG WA . -5.85 -35.97 -30.65
C3 NAG WA . -6.21 -35.05 -31.81
C4 NAG WA . -7.58 -34.44 -31.58
C5 NAG WA . -7.62 -33.76 -30.20
C6 NAG WA . -8.96 -33.15 -29.86
C7 NAG WA . -4.17 -37.79 -30.70
C8 NAG WA . -2.70 -38.07 -30.89
N2 NAG WA . -4.51 -36.48 -30.79
O3 NAG WA . -6.15 -35.79 -32.99
O4 NAG WA . -7.80 -33.50 -32.61
O5 NAG WA . -7.30 -34.74 -29.22
O6 NAG WA . -9.96 -34.13 -29.89
O7 NAG WA . -4.98 -38.68 -30.48
C1 NAG XA . -38.11 -36.77 -0.53
C2 NAG XA . -39.21 -35.72 -0.30
C3 NAG XA . -40.39 -36.36 0.44
C4 NAG XA . -40.86 -37.59 -0.32
C5 NAG XA . -39.68 -38.54 -0.53
C6 NAG XA . -40.05 -39.78 -1.31
C7 NAG XA . -38.80 -33.31 0.04
C8 NAG XA . -38.21 -32.30 1.01
N2 NAG XA . -38.72 -34.60 0.46
O3 NAG XA . -41.39 -35.39 0.56
O4 NAG XA . -41.89 -38.18 0.44
O5 NAG XA . -38.65 -37.87 -1.22
O6 NAG XA . -41.05 -40.50 -0.63
O7 NAG XA . -39.31 -32.97 -1.01
C1 NAG YA . -36.13 -39.62 -13.35
C2 NAG YA . -37.10 -40.13 -12.28
C3 NAG YA . -37.16 -41.66 -12.36
C4 NAG YA . -37.50 -42.11 -13.77
C5 NAG YA . -36.54 -41.45 -14.78
C6 NAG YA . -36.86 -41.76 -16.23
C7 NAG YA . -37.56 -39.59 -9.93
C8 NAG YA . -36.94 -39.14 -8.62
N2 NAG YA . -36.71 -39.72 -10.96
O3 NAG YA . -38.11 -42.10 -11.43
O4 NAG YA . -37.37 -43.52 -13.80
O5 NAG YA . -36.60 -40.05 -14.61
O6 NAG YA . -36.62 -43.13 -16.49
O7 NAG YA . -38.76 -39.79 -10.02
C1 NAG ZA . -48.07 -2.85 12.69
C2 NAG ZA . -47.81 -1.84 13.80
C3 NAG ZA . -49.09 -1.09 14.14
C4 NAG ZA . -49.69 -0.50 12.88
C5 NAG ZA . -49.88 -1.60 11.83
C6 NAG ZA . -50.45 -1.12 10.52
C7 NAG ZA . -45.95 -2.55 15.27
C8 NAG ZA . -45.61 -3.30 16.53
N2 NAG ZA . -47.26 -2.51 14.96
O3 NAG ZA . -48.79 -0.12 15.10
O4 NAG ZA . -50.91 0.09 13.23
O5 NAG ZA . -48.63 -2.21 11.57
O6 NAG ZA . -49.53 -0.26 9.90
O7 NAG ZA . -45.07 -2.02 14.58
C1 NAG AB . -34.78 -27.42 3.51
C2 NAG AB . -34.91 -26.62 4.81
C3 NAG AB . -35.38 -27.56 5.90
C4 NAG AB . -36.72 -28.19 5.50
C5 NAG AB . -36.62 -28.82 4.10
C6 NAG AB . -37.95 -29.26 3.56
C7 NAG AB . -32.43 -26.28 4.94
C8 NAG AB . -31.41 -25.33 5.51
N2 NAG AB . -33.70 -25.93 5.21
O3 NAG AB . -35.47 -26.85 7.10
O4 NAG AB . -37.03 -29.15 6.48
O5 NAG AB . -36.07 -27.89 3.19
O6 NAG AB . -38.54 -30.21 4.42
O7 NAG AB . -32.09 -27.27 4.30
#